data_4AJV
# 
_entry.id   4AJV 
# 
_audit_conform.dict_name       mmcif_pdbx.dic 
_audit_conform.dict_version    5.398 
_audit_conform.dict_location   http://mmcif.pdb.org/dictionaries/ascii/mmcif_pdbx.dic 
# 
loop_
_database_2.database_id 
_database_2.database_code 
_database_2.pdbx_database_accession 
_database_2.pdbx_DOI 
PDB   4AJV         pdb_00004ajv 10.2210/pdb4ajv/pdb 
PDBE  EBI-51376    ?            ?                   
WWPDB D_1290051376 ?            ?                   
# 
loop_
_pdbx_audit_revision_history.ordinal 
_pdbx_audit_revision_history.data_content_type 
_pdbx_audit_revision_history.major_revision 
_pdbx_audit_revision_history.minor_revision 
_pdbx_audit_revision_history.revision_date 
1 'Structure model' 1 0 2013-02-27 
2 'Structure model' 1 1 2013-07-17 
3 'Structure model' 1 2 2023-12-20 
4 'Structure model' 1 3 2024-11-13 
# 
_pdbx_audit_revision_details.ordinal             1 
_pdbx_audit_revision_details.revision_ordinal    1 
_pdbx_audit_revision_details.data_content_type   'Structure model' 
_pdbx_audit_revision_details.provider            repository 
_pdbx_audit_revision_details.type                'Initial release' 
_pdbx_audit_revision_details.description         ? 
_pdbx_audit_revision_details.details             ? 
# 
loop_
_pdbx_audit_revision_group.ordinal 
_pdbx_audit_revision_group.revision_ordinal 
_pdbx_audit_revision_group.data_content_type 
_pdbx_audit_revision_group.group 
1 2 'Structure model' 'Database references'    
2 3 'Structure model' 'Data collection'        
3 3 'Structure model' 'Database references'    
4 3 'Structure model' Other                    
5 3 'Structure model' 'Refinement description' 
6 4 'Structure model' 'Structure summary'      
# 
loop_
_pdbx_audit_revision_category.ordinal 
_pdbx_audit_revision_category.revision_ordinal 
_pdbx_audit_revision_category.data_content_type 
_pdbx_audit_revision_category.category 
1 3 'Structure model' chem_comp_atom                
2 3 'Structure model' chem_comp_bond                
3 3 'Structure model' database_2                    
4 3 'Structure model' pdbx_database_status          
5 3 'Structure model' pdbx_initial_refinement_model 
6 4 'Structure model' pdbx_entry_details            
7 4 'Structure model' pdbx_modification_feature     
# 
loop_
_pdbx_audit_revision_item.ordinal 
_pdbx_audit_revision_item.revision_ordinal 
_pdbx_audit_revision_item.data_content_type 
_pdbx_audit_revision_item.item 
1 3 'Structure model' '_database_2.pdbx_DOI'                 
2 3 'Structure model' '_database_2.pdbx_database_accession'  
3 3 'Structure model' '_pdbx_database_status.status_code_sf' 
# 
_pdbx_database_status.status_code                     REL 
_pdbx_database_status.entry_id                        4AJV 
_pdbx_database_status.deposit_site                    PDBE 
_pdbx_database_status.process_site                    PDBE 
_pdbx_database_status.SG_entry                        . 
_pdbx_database_status.recvd_initial_deposition_date   2012-02-20 
_pdbx_database_status.pdb_format_compatible           Y 
_pdbx_database_status.status_code_sf                  REL 
_pdbx_database_status.status_code_mr                  ? 
_pdbx_database_status.status_code_cs                  ? 
_pdbx_database_status.methods_development_category    ? 
_pdbx_database_status.status_code_nmr_data            ? 
# 
loop_
_audit_author.name 
_audit_author.pdbx_ordinal 
'Diestel, U.'    1 
'Resch, M.'      2 
'Meinhardt, K.'  3 
'Weiler, S.'     4 
'Hellmann, T.V.' 5 
'Nickel, J.'     6 
'Eichler, J.'    7 
'Muller, Y.A.'   8 
# 
_citation.id                        primary 
_citation.title                     
'Identification of a Novel Tgf-Beta-Binding Site in the Zona Pellucida C-Terminal (Zp-C) Domain of Tgf-Beta-Receptor-3 (Tgfr-3).' 
_citation.journal_abbrev            'Plos One' 
_citation.journal_volume            8 
_citation.page_first                67214 
_citation.page_last                 ? 
_citation.year                      2013 
_citation.journal_id_ASTM           ? 
_citation.country                   US 
_citation.journal_id_ISSN           1932-6203 
_citation.journal_id_CSD            ? 
_citation.book_publisher            ? 
_citation.pdbx_database_id_PubMed   23826237 
_citation.pdbx_database_id_DOI      10.1371/JOURNAL.PONE.0067214 
# 
loop_
_citation_author.citation_id 
_citation_author.name 
_citation_author.ordinal 
_citation_author.identifier_ORCID 
primary 'Diestel, U.'    1 ? 
primary 'Resch, M.'      2 ? 
primary 'Meinhardt, K.'  3 ? 
primary 'Weiler, S.'     4 ? 
primary 'Hellmann, T.V.' 5 ? 
primary 'Mueller, T.D.'  6 ? 
primary 'Nickel, J.'     7 ? 
primary 'Eichler, J.'    8 ? 
primary 'Muller, Y.A.'   9 ? 
# 
loop_
_entity.id 
_entity.type 
_entity.src_method 
_entity.pdbx_description 
_entity.formula_weight 
_entity.pdbx_number_of_molecules 
_entity.pdbx_ec 
_entity.pdbx_mutation 
_entity.pdbx_fragment 
_entity.details 
1 polymer man 'TRANSFORMING GROWTH FACTOR BETA RECEPTOR TYPE 3' 19016.840 1 ? ? 'ZP-C DOMAIN, RESIDUES 591-757' ? 
2 water   nat water                                             18.015    9 ? ? ?                               ? 
# 
_entity_name_com.entity_id   1 
_entity_name_com.name        
'TGF-BETA RECEPTOR TYPE 3, TGFR-3, BETAGLYCAN, TRANSFORMING GROWTH FACTOR BETA RECEPTOR III, TGF-BETA RECEPTOR TYPE III' 
# 
_entity_poly.entity_id                      1 
_entity_poly.type                           'polypeptide(L)' 
_entity_poly.nstd_linkage                   no 
_entity_poly.nstd_monomer                   no 
_entity_poly.pdbx_seq_one_letter_code       
;TFNMELYNTDLFLVPSPGVFSVAENEHVYVEVSVTKADQDLGFAIQTCFISPYSNPDRMSDYTIIENICPKDDSVKFYSS
KRVHFPIPHAEVDKKRFSFVFKSVFNTSLLFLHCELTLCSRNKGSQKLPKCVTPDDACTSLDATMIWTMMQNKKTFTKPL
AVVLQVD
;
_entity_poly.pdbx_seq_one_letter_code_can   
;TFNMELYNTDLFLVPSPGVFSVAENEHVYVEVSVTKADQDLGFAIQTCFISPYSNPDRMSDYTIIENICPKDDSVKFYSS
KRVHFPIPHAEVDKKRFSFVFKSVFNTSLLFLHCELTLCSRNKGSQKLPKCVTPDDACTSLDATMIWTMMQNKKTFTKPL
AVVLQVD
;
_entity_poly.pdbx_strand_id                 A 
_entity_poly.pdbx_target_identifier         ? 
# 
_pdbx_entity_nonpoly.entity_id   2 
_pdbx_entity_nonpoly.name        water 
_pdbx_entity_nonpoly.comp_id     HOH 
# 
loop_
_entity_poly_seq.entity_id 
_entity_poly_seq.num 
_entity_poly_seq.mon_id 
_entity_poly_seq.hetero 
1 1   THR n 
1 2   PHE n 
1 3   ASN n 
1 4   MET n 
1 5   GLU n 
1 6   LEU n 
1 7   TYR n 
1 8   ASN n 
1 9   THR n 
1 10  ASP n 
1 11  LEU n 
1 12  PHE n 
1 13  LEU n 
1 14  VAL n 
1 15  PRO n 
1 16  SER n 
1 17  PRO n 
1 18  GLY n 
1 19  VAL n 
1 20  PHE n 
1 21  SER n 
1 22  VAL n 
1 23  ALA n 
1 24  GLU n 
1 25  ASN n 
1 26  GLU n 
1 27  HIS n 
1 28  VAL n 
1 29  TYR n 
1 30  VAL n 
1 31  GLU n 
1 32  VAL n 
1 33  SER n 
1 34  VAL n 
1 35  THR n 
1 36  LYS n 
1 37  ALA n 
1 38  ASP n 
1 39  GLN n 
1 40  ASP n 
1 41  LEU n 
1 42  GLY n 
1 43  PHE n 
1 44  ALA n 
1 45  ILE n 
1 46  GLN n 
1 47  THR n 
1 48  CYS n 
1 49  PHE n 
1 50  ILE n 
1 51  SER n 
1 52  PRO n 
1 53  TYR n 
1 54  SER n 
1 55  ASN n 
1 56  PRO n 
1 57  ASP n 
1 58  ARG n 
1 59  MET n 
1 60  SER n 
1 61  ASP n 
1 62  TYR n 
1 63  THR n 
1 64  ILE n 
1 65  ILE n 
1 66  GLU n 
1 67  ASN n 
1 68  ILE n 
1 69  CYS n 
1 70  PRO n 
1 71  LYS n 
1 72  ASP n 
1 73  ASP n 
1 74  SER n 
1 75  VAL n 
1 76  LYS n 
1 77  PHE n 
1 78  TYR n 
1 79  SER n 
1 80  SER n 
1 81  LYS n 
1 82  ARG n 
1 83  VAL n 
1 84  HIS n 
1 85  PHE n 
1 86  PRO n 
1 87  ILE n 
1 88  PRO n 
1 89  HIS n 
1 90  ALA n 
1 91  GLU n 
1 92  VAL n 
1 93  ASP n 
1 94  LYS n 
1 95  LYS n 
1 96  ARG n 
1 97  PHE n 
1 98  SER n 
1 99  PHE n 
1 100 VAL n 
1 101 PHE n 
1 102 LYS n 
1 103 SER n 
1 104 VAL n 
1 105 PHE n 
1 106 ASN n 
1 107 THR n 
1 108 SER n 
1 109 LEU n 
1 110 LEU n 
1 111 PHE n 
1 112 LEU n 
1 113 HIS n 
1 114 CYS n 
1 115 GLU n 
1 116 LEU n 
1 117 THR n 
1 118 LEU n 
1 119 CYS n 
1 120 SER n 
1 121 ARG n 
1 122 ASN n 
1 123 LYS n 
1 124 GLY n 
1 125 SER n 
1 126 GLN n 
1 127 LYS n 
1 128 LEU n 
1 129 PRO n 
1 130 LYS n 
1 131 CYS n 
1 132 VAL n 
1 133 THR n 
1 134 PRO n 
1 135 ASP n 
1 136 ASP n 
1 137 ALA n 
1 138 CYS n 
1 139 THR n 
1 140 SER n 
1 141 LEU n 
1 142 ASP n 
1 143 ALA n 
1 144 THR n 
1 145 MET n 
1 146 ILE n 
1 147 TRP n 
1 148 THR n 
1 149 MET n 
1 150 MET n 
1 151 GLN n 
1 152 ASN n 
1 153 LYS n 
1 154 LYS n 
1 155 THR n 
1 156 PHE n 
1 157 THR n 
1 158 LYS n 
1 159 PRO n 
1 160 LEU n 
1 161 ALA n 
1 162 VAL n 
1 163 VAL n 
1 164 LEU n 
1 165 GLN n 
1 166 VAL n 
1 167 ASP n 
# 
_entity_src_gen.entity_id                          1 
_entity_src_gen.pdbx_src_id                        1 
_entity_src_gen.pdbx_alt_source_flag               sample 
_entity_src_gen.pdbx_seq_type                      ? 
_entity_src_gen.pdbx_beg_seq_num                   ? 
_entity_src_gen.pdbx_end_seq_num                   ? 
_entity_src_gen.gene_src_common_name               'HOUSE MOUSE' 
_entity_src_gen.gene_src_genus                     ? 
_entity_src_gen.pdbx_gene_src_gene                 ? 
_entity_src_gen.gene_src_species                   ? 
_entity_src_gen.gene_src_strain                    ? 
_entity_src_gen.gene_src_tissue                    ? 
_entity_src_gen.gene_src_tissue_fraction           ? 
_entity_src_gen.gene_src_details                   ? 
_entity_src_gen.pdbx_gene_src_fragment             ? 
_entity_src_gen.pdbx_gene_src_scientific_name      'MUS MUSCULUS' 
_entity_src_gen.pdbx_gene_src_ncbi_taxonomy_id     10090 
_entity_src_gen.pdbx_gene_src_variant              ? 
_entity_src_gen.pdbx_gene_src_cell_line            ? 
_entity_src_gen.pdbx_gene_src_atcc                 ? 
_entity_src_gen.pdbx_gene_src_organ                ? 
_entity_src_gen.pdbx_gene_src_organelle            ? 
_entity_src_gen.pdbx_gene_src_cell                 ? 
_entity_src_gen.pdbx_gene_src_cellular_location    ? 
_entity_src_gen.host_org_common_name               HUMAN 
_entity_src_gen.pdbx_host_org_scientific_name      'HOMO SAPIENS' 
_entity_src_gen.pdbx_host_org_ncbi_taxonomy_id     9606 
_entity_src_gen.host_org_genus                     ? 
_entity_src_gen.pdbx_host_org_gene                 ? 
_entity_src_gen.pdbx_host_org_organ                ? 
_entity_src_gen.host_org_species                   ? 
_entity_src_gen.pdbx_host_org_tissue               ? 
_entity_src_gen.pdbx_host_org_tissue_fraction      ? 
_entity_src_gen.pdbx_host_org_strain               ? 
_entity_src_gen.pdbx_host_org_variant              ? 
_entity_src_gen.pdbx_host_org_cell_line            'HEK 293 EBNA' 
_entity_src_gen.pdbx_host_org_atcc                 ? 
_entity_src_gen.pdbx_host_org_culture_collection   ? 
_entity_src_gen.pdbx_host_org_cell                 ? 
_entity_src_gen.pdbx_host_org_organelle            ? 
_entity_src_gen.pdbx_host_org_cellular_location    ? 
_entity_src_gen.pdbx_host_org_vector_type          ? 
_entity_src_gen.pdbx_host_org_vector               'PCEP4-PU BM40' 
_entity_src_gen.host_org_details                   ? 
_entity_src_gen.expression_system_id               ? 
_entity_src_gen.plasmid_name                       ? 
_entity_src_gen.plasmid_details                    ? 
_entity_src_gen.pdbx_description                   ? 
# 
loop_
_chem_comp.id 
_chem_comp.type 
_chem_comp.mon_nstd_flag 
_chem_comp.name 
_chem_comp.pdbx_synonyms 
_chem_comp.formula 
_chem_comp.formula_weight 
ALA 'L-peptide linking' y ALANINE         ? 'C3 H7 N O2'     89.093  
ARG 'L-peptide linking' y ARGININE        ? 'C6 H15 N4 O2 1' 175.209 
ASN 'L-peptide linking' y ASPARAGINE      ? 'C4 H8 N2 O3'    132.118 
ASP 'L-peptide linking' y 'ASPARTIC ACID' ? 'C4 H7 N O4'     133.103 
CYS 'L-peptide linking' y CYSTEINE        ? 'C3 H7 N O2 S'   121.158 
GLN 'L-peptide linking' y GLUTAMINE       ? 'C5 H10 N2 O3'   146.144 
GLU 'L-peptide linking' y 'GLUTAMIC ACID' ? 'C5 H9 N O4'     147.129 
GLY 'peptide linking'   y GLYCINE         ? 'C2 H5 N O2'     75.067  
HIS 'L-peptide linking' y HISTIDINE       ? 'C6 H10 N3 O2 1' 156.162 
HOH non-polymer         . WATER           ? 'H2 O'           18.015  
ILE 'L-peptide linking' y ISOLEUCINE      ? 'C6 H13 N O2'    131.173 
LEU 'L-peptide linking' y LEUCINE         ? 'C6 H13 N O2'    131.173 
LYS 'L-peptide linking' y LYSINE          ? 'C6 H15 N2 O2 1' 147.195 
MET 'L-peptide linking' y METHIONINE      ? 'C5 H11 N O2 S'  149.211 
PHE 'L-peptide linking' y PHENYLALANINE   ? 'C9 H11 N O2'    165.189 
PRO 'L-peptide linking' y PROLINE         ? 'C5 H9 N O2'     115.130 
SER 'L-peptide linking' y SERINE          ? 'C3 H7 N O3'     105.093 
THR 'L-peptide linking' y THREONINE       ? 'C4 H9 N O3'     119.119 
TRP 'L-peptide linking' y TRYPTOPHAN      ? 'C11 H12 N2 O2'  204.225 
TYR 'L-peptide linking' y TYROSINE        ? 'C9 H11 N O3'    181.189 
VAL 'L-peptide linking' y VALINE          ? 'C5 H11 N O2'    117.146 
# 
loop_
_pdbx_poly_seq_scheme.asym_id 
_pdbx_poly_seq_scheme.entity_id 
_pdbx_poly_seq_scheme.seq_id 
_pdbx_poly_seq_scheme.mon_id 
_pdbx_poly_seq_scheme.ndb_seq_num 
_pdbx_poly_seq_scheme.pdb_seq_num 
_pdbx_poly_seq_scheme.auth_seq_num 
_pdbx_poly_seq_scheme.pdb_mon_id 
_pdbx_poly_seq_scheme.auth_mon_id 
_pdbx_poly_seq_scheme.pdb_strand_id 
_pdbx_poly_seq_scheme.pdb_ins_code 
_pdbx_poly_seq_scheme.hetero 
A 1 1   THR 1   591 591 THR THR A . n 
A 1 2   PHE 2   592 592 PHE PHE A . n 
A 1 3   ASN 3   593 593 ASN ASN A . n 
A 1 4   MET 4   594 594 MET MET A . n 
A 1 5   GLU 5   595 595 GLU GLU A . n 
A 1 6   LEU 6   596 596 LEU LEU A . n 
A 1 7   TYR 7   597 597 TYR TYR A . n 
A 1 8   ASN 8   598 598 ASN ASN A . n 
A 1 9   THR 9   599 599 THR THR A . n 
A 1 10  ASP 10  600 600 ASP ASP A . n 
A 1 11  LEU 11  601 601 LEU LEU A . n 
A 1 12  PHE 12  602 602 PHE PHE A . n 
A 1 13  LEU 13  603 603 LEU LEU A . n 
A 1 14  VAL 14  604 604 VAL VAL A . n 
A 1 15  PRO 15  605 605 PRO PRO A . n 
A 1 16  SER 16  606 606 SER SER A . n 
A 1 17  PRO 17  607 607 PRO PRO A . n 
A 1 18  GLY 18  608 608 GLY GLY A . n 
A 1 19  VAL 19  609 609 VAL VAL A . n 
A 1 20  PHE 20  610 610 PHE PHE A . n 
A 1 21  SER 21  611 611 SER SER A . n 
A 1 22  VAL 22  612 612 VAL VAL A . n 
A 1 23  ALA 23  613 613 ALA ALA A . n 
A 1 24  GLU 24  614 614 GLU GLU A . n 
A 1 25  ASN 25  615 615 ASN ASN A . n 
A 1 26  GLU 26  616 616 GLU GLU A . n 
A 1 27  HIS 27  617 617 HIS HIS A . n 
A 1 28  VAL 28  618 618 VAL VAL A . n 
A 1 29  TYR 29  619 619 TYR TYR A . n 
A 1 30  VAL 30  620 620 VAL VAL A . n 
A 1 31  GLU 31  621 621 GLU GLU A . n 
A 1 32  VAL 32  622 622 VAL VAL A . n 
A 1 33  SER 33  623 623 SER SER A . n 
A 1 34  VAL 34  624 624 VAL VAL A . n 
A 1 35  THR 35  625 625 THR THR A . n 
A 1 36  LYS 36  626 626 LYS LYS A . n 
A 1 37  ALA 37  627 627 ALA ALA A . n 
A 1 38  ASP 38  628 628 ASP ASP A . n 
A 1 39  GLN 39  629 629 GLN GLN A . n 
A 1 40  ASP 40  630 630 ASP ASP A . n 
A 1 41  LEU 41  631 631 LEU LEU A . n 
A 1 42  GLY 42  632 632 GLY GLY A . n 
A 1 43  PHE 43  633 633 PHE PHE A . n 
A 1 44  ALA 44  634 634 ALA ALA A . n 
A 1 45  ILE 45  635 635 ILE ILE A . n 
A 1 46  GLN 46  636 636 GLN GLN A . n 
A 1 47  THR 47  637 637 THR THR A . n 
A 1 48  CYS 48  638 638 CYS CYS A . n 
A 1 49  PHE 49  639 639 PHE PHE A . n 
A 1 50  ILE 50  640 640 ILE ILE A . n 
A 1 51  SER 51  641 641 SER SER A . n 
A 1 52  PRO 52  642 642 PRO PRO A . n 
A 1 53  TYR 53  643 643 TYR TYR A . n 
A 1 54  SER 54  644 644 SER SER A . n 
A 1 55  ASN 55  645 645 ASN ASN A . n 
A 1 56  PRO 56  646 646 PRO PRO A . n 
A 1 57  ASP 57  647 647 ASP ASP A . n 
A 1 58  ARG 58  648 648 ARG ARG A . n 
A 1 59  MET 59  649 649 MET MET A . n 
A 1 60  SER 60  650 650 SER SER A . n 
A 1 61  ASP 61  651 651 ASP ASP A . n 
A 1 62  TYR 62  652 652 TYR TYR A . n 
A 1 63  THR 63  653 653 THR THR A . n 
A 1 64  ILE 64  654 654 ILE ILE A . n 
A 1 65  ILE 65  655 655 ILE ILE A . n 
A 1 66  GLU 66  656 656 GLU GLU A . n 
A 1 67  ASN 67  657 657 ASN ASN A . n 
A 1 68  ILE 68  658 658 ILE ILE A . n 
A 1 69  CYS 69  659 659 CYS CYS A . n 
A 1 70  PRO 70  660 660 PRO PRO A . n 
A 1 71  LYS 71  661 661 LYS LYS A . n 
A 1 72  ASP 72  662 662 ASP ASP A . n 
A 1 73  ASP 73  663 663 ASP ASP A . n 
A 1 74  SER 74  664 664 SER SER A . n 
A 1 75  VAL 75  665 665 VAL VAL A . n 
A 1 76  LYS 76  666 666 LYS LYS A . n 
A 1 77  PHE 77  667 667 PHE PHE A . n 
A 1 78  TYR 78  668 668 TYR TYR A . n 
A 1 79  SER 79  669 669 SER SER A . n 
A 1 80  SER 80  670 670 SER SER A . n 
A 1 81  LYS 81  671 671 LYS LYS A . n 
A 1 82  ARG 82  672 672 ARG ARG A . n 
A 1 83  VAL 83  673 673 VAL VAL A . n 
A 1 84  HIS 84  674 674 HIS HIS A . n 
A 1 85  PHE 85  675 675 PHE PHE A . n 
A 1 86  PRO 86  676 676 PRO PRO A . n 
A 1 87  ILE 87  677 677 ILE ILE A . n 
A 1 88  PRO 88  678 678 PRO PRO A . n 
A 1 89  HIS 89  679 679 HIS HIS A . n 
A 1 90  ALA 90  680 680 ALA ALA A . n 
A 1 91  GLU 91  681 681 GLU GLU A . n 
A 1 92  VAL 92  682 682 VAL VAL A . n 
A 1 93  ASP 93  683 683 ASP ASP A . n 
A 1 94  LYS 94  684 684 LYS LYS A . n 
A 1 95  LYS 95  685 685 LYS LYS A . n 
A 1 96  ARG 96  686 686 ARG ARG A . n 
A 1 97  PHE 97  687 687 PHE PHE A . n 
A 1 98  SER 98  688 688 SER SER A . n 
A 1 99  PHE 99  689 689 PHE PHE A . n 
A 1 100 VAL 100 690 690 VAL VAL A . n 
A 1 101 PHE 101 691 691 PHE PHE A . n 
A 1 102 LYS 102 692 692 LYS LYS A . n 
A 1 103 SER 103 693 693 SER SER A . n 
A 1 104 VAL 104 694 694 VAL VAL A . n 
A 1 105 PHE 105 695 695 PHE PHE A . n 
A 1 106 ASN 106 696 696 ASN ASN A . n 
A 1 107 THR 107 697 697 THR THR A . n 
A 1 108 SER 108 698 698 SER SER A . n 
A 1 109 LEU 109 699 699 LEU LEU A . n 
A 1 110 LEU 110 700 700 LEU LEU A . n 
A 1 111 PHE 111 701 701 PHE PHE A . n 
A 1 112 LEU 112 702 702 LEU LEU A . n 
A 1 113 HIS 113 703 703 HIS HIS A . n 
A 1 114 CYS 114 704 704 CYS CYS A . n 
A 1 115 GLU 115 705 705 GLU GLU A . n 
A 1 116 LEU 116 706 706 LEU LEU A . n 
A 1 117 THR 117 707 707 THR THR A . n 
A 1 118 LEU 118 708 708 LEU LEU A . n 
A 1 119 CYS 119 709 709 CYS CYS A . n 
A 1 120 SER 120 710 710 SER SER A . n 
A 1 121 ARG 121 711 711 ARG ARG A . n 
A 1 122 ASN 122 712 712 ASN ASN A . n 
A 1 123 LYS 123 713 713 LYS LYS A . n 
A 1 124 GLY 124 714 714 GLY GLY A . n 
A 1 125 SER 125 715 715 SER SER A . n 
A 1 126 GLN 126 716 716 GLN GLN A . n 
A 1 127 LYS 127 717 717 LYS LYS A . n 
A 1 128 LEU 128 718 718 LEU LEU A . n 
A 1 129 PRO 129 719 719 PRO PRO A . n 
A 1 130 LYS 130 720 720 LYS LYS A . n 
A 1 131 CYS 131 721 721 CYS CYS A . n 
A 1 132 VAL 132 722 722 VAL VAL A . n 
A 1 133 THR 133 723 723 THR THR A . n 
A 1 134 PRO 134 724 724 PRO PRO A . n 
A 1 135 ASP 135 725 725 ASP ASP A . n 
A 1 136 ASP 136 726 726 ASP ASP A . n 
A 1 137 ALA 137 727 727 ALA ALA A . n 
A 1 138 CYS 138 728 728 CYS CYS A . n 
A 1 139 THR 139 729 729 THR THR A . n 
A 1 140 SER 140 730 ?   ?   ?   A . n 
A 1 141 LEU 141 731 ?   ?   ?   A . n 
A 1 142 ASP 142 732 ?   ?   ?   A . n 
A 1 143 ALA 143 733 ?   ?   ?   A . n 
A 1 144 THR 144 734 ?   ?   ?   A . n 
A 1 145 MET 145 735 ?   ?   ?   A . n 
A 1 146 ILE 146 736 ?   ?   ?   A . n 
A 1 147 TRP 147 737 ?   ?   ?   A . n 
A 1 148 THR 148 738 ?   ?   ?   A . n 
A 1 149 MET 149 739 ?   ?   ?   A . n 
A 1 150 MET 150 740 ?   ?   ?   A . n 
A 1 151 GLN 151 741 ?   ?   ?   A . n 
A 1 152 ASN 152 742 ?   ?   ?   A . n 
A 1 153 LYS 153 743 ?   ?   ?   A . n 
A 1 154 LYS 154 744 ?   ?   ?   A . n 
A 1 155 THR 155 745 745 THR THR A . n 
A 1 156 PHE 156 746 746 PHE PHE A . n 
A 1 157 THR 157 747 747 THR THR A . n 
A 1 158 LYS 158 748 748 LYS LYS A . n 
A 1 159 PRO 159 749 749 PRO PRO A . n 
A 1 160 LEU 160 750 750 LEU LEU A . n 
A 1 161 ALA 161 751 751 ALA ALA A . n 
A 1 162 VAL 162 752 752 VAL VAL A . n 
A 1 163 VAL 163 753 753 VAL VAL A . n 
A 1 164 LEU 164 754 754 LEU LEU A . n 
A 1 165 GLN 165 755 755 GLN GLN A . n 
A 1 166 VAL 166 756 756 VAL VAL A . n 
A 1 167 ASP 167 757 757 ASP ASP A . n 
# 
loop_
_pdbx_nonpoly_scheme.asym_id 
_pdbx_nonpoly_scheme.entity_id 
_pdbx_nonpoly_scheme.mon_id 
_pdbx_nonpoly_scheme.ndb_seq_num 
_pdbx_nonpoly_scheme.pdb_seq_num 
_pdbx_nonpoly_scheme.auth_seq_num 
_pdbx_nonpoly_scheme.pdb_mon_id 
_pdbx_nonpoly_scheme.auth_mon_id 
_pdbx_nonpoly_scheme.pdb_strand_id 
_pdbx_nonpoly_scheme.pdb_ins_code 
B 2 HOH 1 2001 2001 HOH HOH A . 
B 2 HOH 2 2002 2002 HOH HOH A . 
B 2 HOH 3 2003 2003 HOH HOH A . 
B 2 HOH 4 2004 2004 HOH HOH A . 
B 2 HOH 5 2005 2005 HOH HOH A . 
B 2 HOH 6 2006 2006 HOH HOH A . 
B 2 HOH 7 2007 2007 HOH HOH A . 
B 2 HOH 8 2008 2008 HOH HOH A . 
B 2 HOH 9 2009 2009 HOH HOH A . 
# 
loop_
_pdbx_unobs_or_zero_occ_atoms.id 
_pdbx_unobs_or_zero_occ_atoms.PDB_model_num 
_pdbx_unobs_or_zero_occ_atoms.polymer_flag 
_pdbx_unobs_or_zero_occ_atoms.occupancy_flag 
_pdbx_unobs_or_zero_occ_atoms.auth_asym_id 
_pdbx_unobs_or_zero_occ_atoms.auth_comp_id 
_pdbx_unobs_or_zero_occ_atoms.auth_seq_id 
_pdbx_unobs_or_zero_occ_atoms.PDB_ins_code 
_pdbx_unobs_or_zero_occ_atoms.auth_atom_id 
_pdbx_unobs_or_zero_occ_atoms.label_alt_id 
_pdbx_unobs_or_zero_occ_atoms.label_asym_id 
_pdbx_unobs_or_zero_occ_atoms.label_comp_id 
_pdbx_unobs_or_zero_occ_atoms.label_seq_id 
_pdbx_unobs_or_zero_occ_atoms.label_atom_id 
1 1 Y 1 A THR 745 ? OG1 ? A THR 155 OG1 
2 1 Y 1 A THR 745 ? CG2 ? A THR 155 CG2 
# 
loop_
_software.name 
_software.classification 
_software.version 
_software.citation_id 
_software.pdbx_ordinal 
PHENIX refinement       '(PHENIX.REFINE)' ? 1 
XDS    'data reduction' .                 ? 2 
XSCALE 'data scaling'   .                 ? 3 
PHASER phasing          .                 ? 4 
# 
_cell.entry_id           4AJV 
_cell.length_a           49.660 
_cell.length_b           56.820 
_cell.length_c           60.240 
_cell.angle_alpha        90.00 
_cell.angle_beta         90.00 
_cell.angle_gamma        90.00 
_cell.Z_PDB              4 
_cell.pdbx_unique_axis   ? 
# 
_symmetry.entry_id                         4AJV 
_symmetry.space_group_name_H-M             'P 21 21 21' 
_symmetry.pdbx_full_space_group_name_H-M   ? 
_symmetry.cell_setting                     ? 
_symmetry.Int_Tables_number                19 
# 
_exptl.entry_id          4AJV 
_exptl.method            'X-RAY DIFFRACTION' 
_exptl.crystals_number   1 
# 
_exptl_crystal.id                    1 
_exptl_crystal.density_meas          ? 
_exptl_crystal.density_Matthews      2.24 
_exptl_crystal.density_percent_sol   45.05 
_exptl_crystal.description           NONE 
# 
_exptl_crystal_grow.crystal_id      1 
_exptl_crystal_grow.method          ? 
_exptl_crystal_grow.temp            ? 
_exptl_crystal_grow.temp_details    ? 
_exptl_crystal_grow.pH              6.5 
_exptl_crystal_grow.pdbx_pH_range   ? 
_exptl_crystal_grow.pdbx_details    '0.1 M HEPES PH 6 TO 7, 0.2 M AMMONIUM ACETATE, 20 TO 30 % PEG 3350' 
# 
_diffrn.id                     1 
_diffrn.ambient_temp           100 
_diffrn.ambient_temp_details   ? 
_diffrn.crystal_id             1 
# 
_diffrn_detector.diffrn_id              1 
_diffrn_detector.detector               CCD 
_diffrn_detector.type                   'MARMOSAIC 225 mm CCD' 
_diffrn_detector.pdbx_collection_date   ? 
_diffrn_detector.details                ? 
# 
_diffrn_radiation.diffrn_id                        1 
_diffrn_radiation.wavelength_id                    1 
_diffrn_radiation.pdbx_monochromatic_or_laue_m_l   M 
_diffrn_radiation.monochromator                    ? 
_diffrn_radiation.pdbx_diffrn_protocol             'SINGLE WAVELENGTH' 
_diffrn_radiation.pdbx_scattering_type             x-ray 
# 
_diffrn_radiation_wavelength.id           1 
_diffrn_radiation_wavelength.wavelength   0.91841 
_diffrn_radiation_wavelength.wt           1.0 
# 
_diffrn_source.diffrn_id                   1 
_diffrn_source.source                      SYNCHROTRON 
_diffrn_source.type                        'BESSY BEAMLINE 14.1' 
_diffrn_source.pdbx_synchrotron_site       BESSY 
_diffrn_source.pdbx_synchrotron_beamline   14.1 
_diffrn_source.pdbx_wavelength             0.91841 
_diffrn_source.pdbx_wavelength_list        ? 
# 
_reflns.pdbx_diffrn_id               1 
_reflns.pdbx_ordinal                 1 
_reflns.entry_id                     4AJV 
_reflns.observed_criterion_sigma_I   2.0 
_reflns.observed_criterion_sigma_F   ? 
_reflns.d_resolution_low             38.32 
_reflns.d_resolution_high            2.70 
_reflns.number_obs                   4960 
_reflns.number_all                   ? 
_reflns.percent_possible_obs         99.3 
_reflns.pdbx_Rmerge_I_obs            0.10 
_reflns.pdbx_Rsym_value              ? 
_reflns.pdbx_netI_over_sigmaI        11.20 
_reflns.B_iso_Wilson_estimate        52.1 
_reflns.pdbx_redundancy              3.5 
# 
_reflns_shell.pdbx_diffrn_id         1 
_reflns_shell.pdbx_ordinal           1 
_reflns_shell.d_res_high             2.70 
_reflns_shell.d_res_low              2.77 
_reflns_shell.percent_possible_all   100.0 
_reflns_shell.Rmerge_I_obs           0.64 
_reflns_shell.pdbx_Rsym_value        ? 
_reflns_shell.meanI_over_sigI_obs    2.30 
_reflns_shell.pdbx_redundancy        3.6 
# 
_refine.pdbx_refine_id                           'X-RAY DIFFRACTION' 
_refine.entry_id                                 4AJV 
_refine.pdbx_diffrn_id                           1 
_refine.pdbx_TLS_residual_ADP_flag               ? 
_refine.ls_number_reflns_obs                     4959 
_refine.ls_number_reflns_all                     ? 
_refine.pdbx_ls_sigma_I                          ? 
_refine.pdbx_ls_sigma_F                          1.99 
_refine.pdbx_data_cutoff_high_absF               ? 
_refine.pdbx_data_cutoff_low_absF                ? 
_refine.pdbx_data_cutoff_high_rms_absF           ? 
_refine.ls_d_res_low                             38.318 
_refine.ls_d_res_high                            2.700 
_refine.ls_percent_reflns_obs                    99.28 
_refine.ls_R_factor_obs                          0.2242 
_refine.ls_R_factor_all                          ? 
_refine.ls_R_factor_R_work                       0.2200 
_refine.ls_R_factor_R_free                       0.2958 
_refine.ls_R_factor_R_free_error                 ? 
_refine.ls_R_factor_R_free_error_details         ? 
_refine.ls_percent_reflns_R_free                 5.5 
_refine.ls_number_reflns_R_free                  271 
_refine.ls_number_parameters                     ? 
_refine.ls_number_restraints                     ? 
_refine.occupancy_min                            ? 
_refine.occupancy_max                            ? 
_refine.correlation_coeff_Fo_to_Fc               ? 
_refine.correlation_coeff_Fo_to_Fc_free          ? 
_refine.B_iso_mean                               50.0 
_refine.aniso_B[1][1]                            -10.6555 
_refine.aniso_B[2][2]                            21.8371 
_refine.aniso_B[3][3]                            -11.1816 
_refine.aniso_B[1][2]                            0.0000 
_refine.aniso_B[1][3]                            0.0000 
_refine.aniso_B[2][3]                            0.0000 
_refine.solvent_model_details                    'FLAT BULK SOLVENT MODEL' 
_refine.solvent_model_param_ksol                 0.363 
_refine.solvent_model_param_bsol                 67.046 
_refine.pdbx_solvent_vdw_probe_radii             1.30 
_refine.pdbx_solvent_ion_probe_radii             ? 
_refine.pdbx_solvent_shrinkage_radii             1.11 
_refine.pdbx_ls_cross_valid_method               ? 
_refine.details                                  'RESIDUES 730-744 COULD NOT BE MODELED' 
_refine.pdbx_starting_model                      'PDB ENTRY 3QW9' 
_refine.pdbx_method_to_determine_struct          'MOLECULAR REPLACEMENT' 
_refine.pdbx_isotropic_thermal_model             ? 
_refine.pdbx_stereochemistry_target_values       ML 
_refine.pdbx_stereochem_target_val_spec_case     ? 
_refine.pdbx_R_Free_selection_details            ? 
_refine.pdbx_overall_ESU_R                       ? 
_refine.pdbx_overall_ESU_R_Free                  ? 
_refine.overall_SU_ML                            0.43 
_refine.pdbx_overall_phase_error                 30.60 
_refine.overall_SU_B                             ? 
_refine.overall_SU_R_Cruickshank_DPI             ? 
_refine.pdbx_overall_SU_R_free_Cruickshank_DPI   ? 
_refine.pdbx_overall_SU_R_Blow_DPI               ? 
_refine.pdbx_overall_SU_R_free_Blow_DPI          ? 
# 
_refine_hist.pdbx_refine_id                   'X-RAY DIFFRACTION' 
_refine_hist.cycle_id                         LAST 
_refine_hist.pdbx_number_atoms_protein        1208 
_refine_hist.pdbx_number_atoms_nucleic_acid   0 
_refine_hist.pdbx_number_atoms_ligand         0 
_refine_hist.number_atoms_solvent             9 
_refine_hist.number_atoms_total               1217 
_refine_hist.d_res_high                       2.700 
_refine_hist.d_res_low                        38.318 
# 
loop_
_refine_ls_restr.type 
_refine_ls_restr.dev_ideal 
_refine_ls_restr.dev_ideal_target 
_refine_ls_restr.weight 
_refine_ls_restr.number 
_refine_ls_restr.pdbx_refine_id 
_refine_ls_restr.pdbx_restraint_function 
f_bond_d           0.017  ? ? 1241 'X-RAY DIFFRACTION' ? 
f_angle_d          1.753  ? ? 1681 'X-RAY DIFFRACTION' ? 
f_dihedral_angle_d 17.933 ? ? 450  'X-RAY DIFFRACTION' ? 
f_chiral_restr     0.090  ? ? 193  'X-RAY DIFFRACTION' ? 
f_plane_restr      0.009  ? ? 215  'X-RAY DIFFRACTION' ? 
# 
loop_
_refine_ls_shell.pdbx_refine_id 
_refine_ls_shell.pdbx_total_number_of_bins_used 
_refine_ls_shell.d_res_high 
_refine_ls_shell.d_res_low 
_refine_ls_shell.number_reflns_R_work 
_refine_ls_shell.R_factor_R_work 
_refine_ls_shell.percent_reflns_obs 
_refine_ls_shell.R_factor_R_free 
_refine_ls_shell.R_factor_R_free_error 
_refine_ls_shell.percent_reflns_R_free 
_refine_ls_shell.number_reflns_R_free 
_refine_ls_shell.number_reflns_all 
_refine_ls_shell.R_factor_all 
'X-RAY DIFFRACTION' . 2.7002 3.4017  2288 0.2461 100.00 0.3686 . . 142 . . 
'X-RAY DIFFRACTION' . 3.4017 38.3221 2400 0.2094 99.00  0.2649 . . 129 . . 
# 
_struct.entry_id                  4AJV 
_struct.title                     'Structure of mouse ZP-C domain of TGF-Beta-Receptor-3' 
_struct.pdbx_model_details        ? 
_struct.pdbx_CASP_flag            ? 
_struct.pdbx_model_type_details   ? 
# 
_struct_keywords.entry_id        4AJV 
_struct_keywords.pdbx_keywords   'SIGNALING PROTEIN' 
_struct_keywords.text            'SIGNALING PROTEIN' 
# 
loop_
_struct_asym.id 
_struct_asym.pdbx_blank_PDB_chainid_flag 
_struct_asym.pdbx_modified 
_struct_asym.entity_id 
_struct_asym.details 
A N N 1 ? 
B N N 2 ? 
# 
_struct_ref.id                         1 
_struct_ref.db_name                    UNP 
_struct_ref.db_code                    TGBR3_MOUSE 
_struct_ref.entity_id                  1 
_struct_ref.pdbx_seq_one_letter_code   ? 
_struct_ref.pdbx_align_begin           ? 
_struct_ref.pdbx_db_accession          O88393 
_struct_ref.pdbx_db_isoform            ? 
# 
_struct_ref_seq.align_id                      1 
_struct_ref_seq.ref_id                        1 
_struct_ref_seq.pdbx_PDB_id_code              4AJV 
_struct_ref_seq.pdbx_strand_id                A 
_struct_ref_seq.seq_align_beg                 1 
_struct_ref_seq.pdbx_seq_align_beg_ins_code   ? 
_struct_ref_seq.seq_align_end                 167 
_struct_ref_seq.pdbx_seq_align_end_ins_code   ? 
_struct_ref_seq.pdbx_db_accession             O88393 
_struct_ref_seq.db_align_beg                  591 
_struct_ref_seq.pdbx_db_align_beg_ins_code    ? 
_struct_ref_seq.db_align_end                  757 
_struct_ref_seq.pdbx_db_align_end_ins_code    ? 
_struct_ref_seq.pdbx_auth_seq_align_beg       591 
_struct_ref_seq.pdbx_auth_seq_align_end       757 
# 
_pdbx_struct_assembly.id                   1 
_pdbx_struct_assembly.details              author_and_software_defined_assembly 
_pdbx_struct_assembly.method_details       PISA 
_pdbx_struct_assembly.oligomeric_details   monomeric 
_pdbx_struct_assembly.oligomeric_count     1 
# 
_pdbx_struct_assembly_gen.assembly_id       1 
_pdbx_struct_assembly_gen.oper_expression   1 
_pdbx_struct_assembly_gen.asym_id_list      A,B 
# 
_pdbx_struct_oper_list.id                   1 
_pdbx_struct_oper_list.type                 'identity operation' 
_pdbx_struct_oper_list.name                 1_555 
_pdbx_struct_oper_list.symmetry_operation   x,y,z 
_pdbx_struct_oper_list.matrix[1][1]         1.0000000000 
_pdbx_struct_oper_list.matrix[1][2]         0.0000000000 
_pdbx_struct_oper_list.matrix[1][3]         0.0000000000 
_pdbx_struct_oper_list.vector[1]            0.0000000000 
_pdbx_struct_oper_list.matrix[2][1]         0.0000000000 
_pdbx_struct_oper_list.matrix[2][2]         1.0000000000 
_pdbx_struct_oper_list.matrix[2][3]         0.0000000000 
_pdbx_struct_oper_list.vector[2]            0.0000000000 
_pdbx_struct_oper_list.matrix[3][1]         0.0000000000 
_pdbx_struct_oper_list.matrix[3][2]         0.0000000000 
_pdbx_struct_oper_list.matrix[3][3]         1.0000000000 
_pdbx_struct_oper_list.vector[3]            0.0000000000 
# 
_struct_biol.id   1 
# 
loop_
_struct_conn.id 
_struct_conn.conn_type_id 
_struct_conn.pdbx_leaving_atom_flag 
_struct_conn.pdbx_PDB_id 
_struct_conn.ptnr1_label_asym_id 
_struct_conn.ptnr1_label_comp_id 
_struct_conn.ptnr1_label_seq_id 
_struct_conn.ptnr1_label_atom_id 
_struct_conn.pdbx_ptnr1_label_alt_id 
_struct_conn.pdbx_ptnr1_PDB_ins_code 
_struct_conn.pdbx_ptnr1_standard_comp_id 
_struct_conn.ptnr1_symmetry 
_struct_conn.ptnr2_label_asym_id 
_struct_conn.ptnr2_label_comp_id 
_struct_conn.ptnr2_label_seq_id 
_struct_conn.ptnr2_label_atom_id 
_struct_conn.pdbx_ptnr2_label_alt_id 
_struct_conn.pdbx_ptnr2_PDB_ins_code 
_struct_conn.ptnr1_auth_asym_id 
_struct_conn.ptnr1_auth_comp_id 
_struct_conn.ptnr1_auth_seq_id 
_struct_conn.ptnr2_auth_asym_id 
_struct_conn.ptnr2_auth_comp_id 
_struct_conn.ptnr2_auth_seq_id 
_struct_conn.ptnr2_symmetry 
_struct_conn.pdbx_ptnr3_label_atom_id 
_struct_conn.pdbx_ptnr3_label_seq_id 
_struct_conn.pdbx_ptnr3_label_comp_id 
_struct_conn.pdbx_ptnr3_label_asym_id 
_struct_conn.pdbx_ptnr3_label_alt_id 
_struct_conn.pdbx_ptnr3_PDB_ins_code 
_struct_conn.details 
_struct_conn.pdbx_dist_value 
_struct_conn.pdbx_value_order 
_struct_conn.pdbx_role 
disulf1 disulf ? ? A CYS 48  SG ? ? ? 1_555 A CYS 114 SG ? ? A CYS 638 A CYS 704 1_555 ? ? ? ? ? ? ? 2.028 ? ? 
disulf2 disulf ? ? A CYS 69  SG ? ? ? 1_555 A CYS 138 SG ? ? A CYS 659 A CYS 728 1_555 ? ? ? ? ? ? ? 2.020 ? ? 
disulf3 disulf ? ? A CYS 119 SG ? ? ? 1_555 A CYS 131 SG ? ? A CYS 709 A CYS 721 1_555 ? ? ? ? ? ? ? 2.023 ? ? 
# 
_struct_conn_type.id          disulf 
_struct_conn_type.criteria    ? 
_struct_conn_type.reference   ? 
# 
loop_
_pdbx_modification_feature.ordinal 
_pdbx_modification_feature.label_comp_id 
_pdbx_modification_feature.label_asym_id 
_pdbx_modification_feature.label_seq_id 
_pdbx_modification_feature.label_alt_id 
_pdbx_modification_feature.modified_residue_label_comp_id 
_pdbx_modification_feature.modified_residue_label_asym_id 
_pdbx_modification_feature.modified_residue_label_seq_id 
_pdbx_modification_feature.modified_residue_label_alt_id 
_pdbx_modification_feature.auth_comp_id 
_pdbx_modification_feature.auth_asym_id 
_pdbx_modification_feature.auth_seq_id 
_pdbx_modification_feature.PDB_ins_code 
_pdbx_modification_feature.symmetry 
_pdbx_modification_feature.modified_residue_auth_comp_id 
_pdbx_modification_feature.modified_residue_auth_asym_id 
_pdbx_modification_feature.modified_residue_auth_seq_id 
_pdbx_modification_feature.modified_residue_PDB_ins_code 
_pdbx_modification_feature.modified_residue_symmetry 
_pdbx_modification_feature.comp_id_linking_atom 
_pdbx_modification_feature.modified_residue_id_linking_atom 
_pdbx_modification_feature.modified_residue_id 
_pdbx_modification_feature.ref_pcm_id 
_pdbx_modification_feature.ref_comp_id 
_pdbx_modification_feature.type 
_pdbx_modification_feature.category 
1 CYS A 48  ? CYS A 114 ? CYS A 638 ? 1_555 CYS A 704 ? 1_555 SG SG . . . None 'Disulfide bridge' 
2 CYS A 69  ? CYS A 138 ? CYS A 659 ? 1_555 CYS A 728 ? 1_555 SG SG . . . None 'Disulfide bridge' 
3 CYS A 119 ? CYS A 131 ? CYS A 709 ? 1_555 CYS A 721 ? 1_555 SG SG . . . None 'Disulfide bridge' 
# 
loop_
_struct_sheet.id 
_struct_sheet.type 
_struct_sheet.number_strands 
_struct_sheet.details 
AA ? 4 ? 
AB ? 6 ? 
# 
loop_
_struct_sheet_order.sheet_id 
_struct_sheet_order.range_id_1 
_struct_sheet_order.range_id_2 
_struct_sheet_order.offset 
_struct_sheet_order.sense 
AA 1 2 ? anti-parallel 
AA 2 3 ? anti-parallel 
AA 3 4 ? anti-parallel 
AB 1 2 ? parallel      
AB 2 3 ? anti-parallel 
AB 3 4 ? anti-parallel 
AB 4 5 ? anti-parallel 
AB 5 6 ? anti-parallel 
# 
loop_
_struct_sheet_range.sheet_id 
_struct_sheet_range.id 
_struct_sheet_range.beg_label_comp_id 
_struct_sheet_range.beg_label_asym_id 
_struct_sheet_range.beg_label_seq_id 
_struct_sheet_range.pdbx_beg_PDB_ins_code 
_struct_sheet_range.end_label_comp_id 
_struct_sheet_range.end_label_asym_id 
_struct_sheet_range.end_label_seq_id 
_struct_sheet_range.pdbx_end_PDB_ins_code 
_struct_sheet_range.beg_auth_comp_id 
_struct_sheet_range.beg_auth_asym_id 
_struct_sheet_range.beg_auth_seq_id 
_struct_sheet_range.end_auth_comp_id 
_struct_sheet_range.end_auth_asym_id 
_struct_sheet_range.end_auth_seq_id 
AA 1 PHE A 2   ? TYR A 7   ? PHE A 592 TYR A 597 
AA 2 HIS A 27  ? LYS A 36  ? HIS A 617 LYS A 626 
AA 3 ALA A 90  ? VAL A 100 ? ALA A 680 VAL A 690 
AA 4 LYS A 76  ? PHE A 85  ? LYS A 666 PHE A 675 
AB 1 PHE A 20  ? VAL A 22  ? PHE A 610 VAL A 612 
AB 2 THR A 157 ? VAL A 166 ? THR A 747 VAL A 756 
AB 3 LEU A 109 ? SER A 120 ? LEU A 699 SER A 710 
AB 4 LEU A 41  ? SER A 51  ? LEU A 631 SER A 641 
AB 5 THR A 63  ? GLU A 66  ? THR A 653 GLU A 656 
AB 6 CYS A 69  ? PRO A 70  ? CYS A 659 PRO A 660 
# 
loop_
_pdbx_struct_sheet_hbond.sheet_id 
_pdbx_struct_sheet_hbond.range_id_1 
_pdbx_struct_sheet_hbond.range_id_2 
_pdbx_struct_sheet_hbond.range_1_label_atom_id 
_pdbx_struct_sheet_hbond.range_1_label_comp_id 
_pdbx_struct_sheet_hbond.range_1_label_asym_id 
_pdbx_struct_sheet_hbond.range_1_label_seq_id 
_pdbx_struct_sheet_hbond.range_1_PDB_ins_code 
_pdbx_struct_sheet_hbond.range_1_auth_atom_id 
_pdbx_struct_sheet_hbond.range_1_auth_comp_id 
_pdbx_struct_sheet_hbond.range_1_auth_asym_id 
_pdbx_struct_sheet_hbond.range_1_auth_seq_id 
_pdbx_struct_sheet_hbond.range_2_label_atom_id 
_pdbx_struct_sheet_hbond.range_2_label_comp_id 
_pdbx_struct_sheet_hbond.range_2_label_asym_id 
_pdbx_struct_sheet_hbond.range_2_label_seq_id 
_pdbx_struct_sheet_hbond.range_2_PDB_ins_code 
_pdbx_struct_sheet_hbond.range_2_auth_atom_id 
_pdbx_struct_sheet_hbond.range_2_auth_comp_id 
_pdbx_struct_sheet_hbond.range_2_auth_asym_id 
_pdbx_struct_sheet_hbond.range_2_auth_seq_id 
AA 1 2 N TYR A 7   ? N TYR A 597 O TYR A 29  ? O TYR A 619 
AA 2 3 N LYS A 36  ? N LYS A 626 O GLU A 91  ? O GLU A 681 
AA 3 4 N SER A 98  ? N SER A 688 O LYS A 76  ? O LYS A 666 
AB 1 2 N PHE A 20  ? N PHE A 610 O VAL A 163 ? O VAL A 753 
AB 2 3 N LEU A 164 ? N LEU A 754 O LEU A 110 ? O LEU A 700 
AB 3 4 N CYS A 119 ? N CYS A 709 O GLY A 42  ? O GLY A 632 
AB 4 5 O CYS A 48  ? O CYS A 638 N ILE A 64  ? N ILE A 654 
AB 5 6 N GLU A 66  ? N GLU A 656 O CYS A 69  ? O CYS A 659 
# 
_pdbx_entry_details.entry_id                   4AJV 
_pdbx_entry_details.compound_details           ? 
_pdbx_entry_details.source_details             ? 
_pdbx_entry_details.nonpolymer_details         ? 
_pdbx_entry_details.sequence_details           ? 
_pdbx_entry_details.has_ligand_of_interest     ? 
_pdbx_entry_details.has_protein_modification   Y 
# 
loop_
_pdbx_validate_close_contact.id 
_pdbx_validate_close_contact.PDB_model_num 
_pdbx_validate_close_contact.auth_atom_id_1 
_pdbx_validate_close_contact.auth_asym_id_1 
_pdbx_validate_close_contact.auth_comp_id_1 
_pdbx_validate_close_contact.auth_seq_id_1 
_pdbx_validate_close_contact.PDB_ins_code_1 
_pdbx_validate_close_contact.label_alt_id_1 
_pdbx_validate_close_contact.auth_atom_id_2 
_pdbx_validate_close_contact.auth_asym_id_2 
_pdbx_validate_close_contact.auth_comp_id_2 
_pdbx_validate_close_contact.auth_seq_id_2 
_pdbx_validate_close_contact.PDB_ins_code_2 
_pdbx_validate_close_contact.label_alt_id_2 
_pdbx_validate_close_contact.dist 
1 1 OG1 A THR 697 ? ? O   A HOH 2008 ? ? 1.99 
2 1 OD2 A ASP 683 ? ? NH2 A ARG 711  ? ? 2.07 
3 1 O   A SER 664 ? ? O   A HOH 2005 ? ? 2.11 
# 
_pdbx_validate_rmsd_angle.id                         1 
_pdbx_validate_rmsd_angle.PDB_model_num              1 
_pdbx_validate_rmsd_angle.auth_atom_id_1             NE 
_pdbx_validate_rmsd_angle.auth_asym_id_1             A 
_pdbx_validate_rmsd_angle.auth_comp_id_1             ARG 
_pdbx_validate_rmsd_angle.auth_seq_id_1              648 
_pdbx_validate_rmsd_angle.PDB_ins_code_1             ? 
_pdbx_validate_rmsd_angle.label_alt_id_1             ? 
_pdbx_validate_rmsd_angle.auth_atom_id_2             CZ 
_pdbx_validate_rmsd_angle.auth_asym_id_2             A 
_pdbx_validate_rmsd_angle.auth_comp_id_2             ARG 
_pdbx_validate_rmsd_angle.auth_seq_id_2              648 
_pdbx_validate_rmsd_angle.PDB_ins_code_2             ? 
_pdbx_validate_rmsd_angle.label_alt_id_2             ? 
_pdbx_validate_rmsd_angle.auth_atom_id_3             NH1 
_pdbx_validate_rmsd_angle.auth_asym_id_3             A 
_pdbx_validate_rmsd_angle.auth_comp_id_3             ARG 
_pdbx_validate_rmsd_angle.auth_seq_id_3              648 
_pdbx_validate_rmsd_angle.PDB_ins_code_3             ? 
_pdbx_validate_rmsd_angle.label_alt_id_3             ? 
_pdbx_validate_rmsd_angle.angle_value                125.30 
_pdbx_validate_rmsd_angle.angle_target_value         120.30 
_pdbx_validate_rmsd_angle.angle_deviation            5.00 
_pdbx_validate_rmsd_angle.angle_standard_deviation   0.50 
_pdbx_validate_rmsd_angle.linker_flag                N 
# 
loop_
_pdbx_validate_torsion.id 
_pdbx_validate_torsion.PDB_model_num 
_pdbx_validate_torsion.auth_comp_id 
_pdbx_validate_torsion.auth_asym_id 
_pdbx_validate_torsion.auth_seq_id 
_pdbx_validate_torsion.PDB_ins_code 
_pdbx_validate_torsion.label_alt_id 
_pdbx_validate_torsion.phi 
_pdbx_validate_torsion.psi 
1 1 ASP A 600 ? ? -82.50 30.62   
2 1 PHE A 602 ? ? 38.64  50.19   
3 1 VAL A 609 ? ? -5.08  110.36  
4 1 ASN A 615 ? ? 80.05  -2.39   
5 1 MET A 649 ? ? -61.73 -165.46 
6 1 ILE A 658 ? ? 66.91  -1.14   
7 1 PHE A 746 ? ? -93.56 39.58   
# 
loop_
_pdbx_unobs_or_zero_occ_residues.id 
_pdbx_unobs_or_zero_occ_residues.PDB_model_num 
_pdbx_unobs_or_zero_occ_residues.polymer_flag 
_pdbx_unobs_or_zero_occ_residues.occupancy_flag 
_pdbx_unobs_or_zero_occ_residues.auth_asym_id 
_pdbx_unobs_or_zero_occ_residues.auth_comp_id 
_pdbx_unobs_or_zero_occ_residues.auth_seq_id 
_pdbx_unobs_or_zero_occ_residues.PDB_ins_code 
_pdbx_unobs_or_zero_occ_residues.label_asym_id 
_pdbx_unobs_or_zero_occ_residues.label_comp_id 
_pdbx_unobs_or_zero_occ_residues.label_seq_id 
1  1 Y 1 A SER 730 ? A SER 140 
2  1 Y 1 A LEU 731 ? A LEU 141 
3  1 Y 1 A ASP 732 ? A ASP 142 
4  1 Y 1 A ALA 733 ? A ALA 143 
5  1 Y 1 A THR 734 ? A THR 144 
6  1 Y 1 A MET 735 ? A MET 145 
7  1 Y 1 A ILE 736 ? A ILE 146 
8  1 Y 1 A TRP 737 ? A TRP 147 
9  1 Y 1 A THR 738 ? A THR 148 
10 1 Y 1 A MET 739 ? A MET 149 
11 1 Y 1 A MET 740 ? A MET 150 
12 1 Y 1 A GLN 741 ? A GLN 151 
13 1 Y 1 A ASN 742 ? A ASN 152 
14 1 Y 1 A LYS 743 ? A LYS 153 
15 1 Y 1 A LYS 744 ? A LYS 154 
# 
loop_
_chem_comp_atom.comp_id 
_chem_comp_atom.atom_id 
_chem_comp_atom.type_symbol 
_chem_comp_atom.pdbx_aromatic_flag 
_chem_comp_atom.pdbx_stereo_config 
_chem_comp_atom.pdbx_ordinal 
ALA N    N N N 1   
ALA CA   C N S 2   
ALA C    C N N 3   
ALA O    O N N 4   
ALA CB   C N N 5   
ALA OXT  O N N 6   
ALA H    H N N 7   
ALA H2   H N N 8   
ALA HA   H N N 9   
ALA HB1  H N N 10  
ALA HB2  H N N 11  
ALA HB3  H N N 12  
ALA HXT  H N N 13  
ARG N    N N N 14  
ARG CA   C N S 15  
ARG C    C N N 16  
ARG O    O N N 17  
ARG CB   C N N 18  
ARG CG   C N N 19  
ARG CD   C N N 20  
ARG NE   N N N 21  
ARG CZ   C N N 22  
ARG NH1  N N N 23  
ARG NH2  N N N 24  
ARG OXT  O N N 25  
ARG H    H N N 26  
ARG H2   H N N 27  
ARG HA   H N N 28  
ARG HB2  H N N 29  
ARG HB3  H N N 30  
ARG HG2  H N N 31  
ARG HG3  H N N 32  
ARG HD2  H N N 33  
ARG HD3  H N N 34  
ARG HE   H N N 35  
ARG HH11 H N N 36  
ARG HH12 H N N 37  
ARG HH21 H N N 38  
ARG HH22 H N N 39  
ARG HXT  H N N 40  
ASN N    N N N 41  
ASN CA   C N S 42  
ASN C    C N N 43  
ASN O    O N N 44  
ASN CB   C N N 45  
ASN CG   C N N 46  
ASN OD1  O N N 47  
ASN ND2  N N N 48  
ASN OXT  O N N 49  
ASN H    H N N 50  
ASN H2   H N N 51  
ASN HA   H N N 52  
ASN HB2  H N N 53  
ASN HB3  H N N 54  
ASN HD21 H N N 55  
ASN HD22 H N N 56  
ASN HXT  H N N 57  
ASP N    N N N 58  
ASP CA   C N S 59  
ASP C    C N N 60  
ASP O    O N N 61  
ASP CB   C N N 62  
ASP CG   C N N 63  
ASP OD1  O N N 64  
ASP OD2  O N N 65  
ASP OXT  O N N 66  
ASP H    H N N 67  
ASP H2   H N N 68  
ASP HA   H N N 69  
ASP HB2  H N N 70  
ASP HB3  H N N 71  
ASP HD2  H N N 72  
ASP HXT  H N N 73  
CYS N    N N N 74  
CYS CA   C N R 75  
CYS C    C N N 76  
CYS O    O N N 77  
CYS CB   C N N 78  
CYS SG   S N N 79  
CYS OXT  O N N 80  
CYS H    H N N 81  
CYS H2   H N N 82  
CYS HA   H N N 83  
CYS HB2  H N N 84  
CYS HB3  H N N 85  
CYS HG   H N N 86  
CYS HXT  H N N 87  
GLN N    N N N 88  
GLN CA   C N S 89  
GLN C    C N N 90  
GLN O    O N N 91  
GLN CB   C N N 92  
GLN CG   C N N 93  
GLN CD   C N N 94  
GLN OE1  O N N 95  
GLN NE2  N N N 96  
GLN OXT  O N N 97  
GLN H    H N N 98  
GLN H2   H N N 99  
GLN HA   H N N 100 
GLN HB2  H N N 101 
GLN HB3  H N N 102 
GLN HG2  H N N 103 
GLN HG3  H N N 104 
GLN HE21 H N N 105 
GLN HE22 H N N 106 
GLN HXT  H N N 107 
GLU N    N N N 108 
GLU CA   C N S 109 
GLU C    C N N 110 
GLU O    O N N 111 
GLU CB   C N N 112 
GLU CG   C N N 113 
GLU CD   C N N 114 
GLU OE1  O N N 115 
GLU OE2  O N N 116 
GLU OXT  O N N 117 
GLU H    H N N 118 
GLU H2   H N N 119 
GLU HA   H N N 120 
GLU HB2  H N N 121 
GLU HB3  H N N 122 
GLU HG2  H N N 123 
GLU HG3  H N N 124 
GLU HE2  H N N 125 
GLU HXT  H N N 126 
GLY N    N N N 127 
GLY CA   C N N 128 
GLY C    C N N 129 
GLY O    O N N 130 
GLY OXT  O N N 131 
GLY H    H N N 132 
GLY H2   H N N 133 
GLY HA2  H N N 134 
GLY HA3  H N N 135 
GLY HXT  H N N 136 
HIS N    N N N 137 
HIS CA   C N S 138 
HIS C    C N N 139 
HIS O    O N N 140 
HIS CB   C N N 141 
HIS CG   C Y N 142 
HIS ND1  N Y N 143 
HIS CD2  C Y N 144 
HIS CE1  C Y N 145 
HIS NE2  N Y N 146 
HIS OXT  O N N 147 
HIS H    H N N 148 
HIS H2   H N N 149 
HIS HA   H N N 150 
HIS HB2  H N N 151 
HIS HB3  H N N 152 
HIS HD1  H N N 153 
HIS HD2  H N N 154 
HIS HE1  H N N 155 
HIS HE2  H N N 156 
HIS HXT  H N N 157 
HOH O    O N N 158 
HOH H1   H N N 159 
HOH H2   H N N 160 
ILE N    N N N 161 
ILE CA   C N S 162 
ILE C    C N N 163 
ILE O    O N N 164 
ILE CB   C N S 165 
ILE CG1  C N N 166 
ILE CG2  C N N 167 
ILE CD1  C N N 168 
ILE OXT  O N N 169 
ILE H    H N N 170 
ILE H2   H N N 171 
ILE HA   H N N 172 
ILE HB   H N N 173 
ILE HG12 H N N 174 
ILE HG13 H N N 175 
ILE HG21 H N N 176 
ILE HG22 H N N 177 
ILE HG23 H N N 178 
ILE HD11 H N N 179 
ILE HD12 H N N 180 
ILE HD13 H N N 181 
ILE HXT  H N N 182 
LEU N    N N N 183 
LEU CA   C N S 184 
LEU C    C N N 185 
LEU O    O N N 186 
LEU CB   C N N 187 
LEU CG   C N N 188 
LEU CD1  C N N 189 
LEU CD2  C N N 190 
LEU OXT  O N N 191 
LEU H    H N N 192 
LEU H2   H N N 193 
LEU HA   H N N 194 
LEU HB2  H N N 195 
LEU HB3  H N N 196 
LEU HG   H N N 197 
LEU HD11 H N N 198 
LEU HD12 H N N 199 
LEU HD13 H N N 200 
LEU HD21 H N N 201 
LEU HD22 H N N 202 
LEU HD23 H N N 203 
LEU HXT  H N N 204 
LYS N    N N N 205 
LYS CA   C N S 206 
LYS C    C N N 207 
LYS O    O N N 208 
LYS CB   C N N 209 
LYS CG   C N N 210 
LYS CD   C N N 211 
LYS CE   C N N 212 
LYS NZ   N N N 213 
LYS OXT  O N N 214 
LYS H    H N N 215 
LYS H2   H N N 216 
LYS HA   H N N 217 
LYS HB2  H N N 218 
LYS HB3  H N N 219 
LYS HG2  H N N 220 
LYS HG3  H N N 221 
LYS HD2  H N N 222 
LYS HD3  H N N 223 
LYS HE2  H N N 224 
LYS HE3  H N N 225 
LYS HZ1  H N N 226 
LYS HZ2  H N N 227 
LYS HZ3  H N N 228 
LYS HXT  H N N 229 
MET N    N N N 230 
MET CA   C N S 231 
MET C    C N N 232 
MET O    O N N 233 
MET CB   C N N 234 
MET CG   C N N 235 
MET SD   S N N 236 
MET CE   C N N 237 
MET OXT  O N N 238 
MET H    H N N 239 
MET H2   H N N 240 
MET HA   H N N 241 
MET HB2  H N N 242 
MET HB3  H N N 243 
MET HG2  H N N 244 
MET HG3  H N N 245 
MET HE1  H N N 246 
MET HE2  H N N 247 
MET HE3  H N N 248 
MET HXT  H N N 249 
PHE N    N N N 250 
PHE CA   C N S 251 
PHE C    C N N 252 
PHE O    O N N 253 
PHE CB   C N N 254 
PHE CG   C Y N 255 
PHE CD1  C Y N 256 
PHE CD2  C Y N 257 
PHE CE1  C Y N 258 
PHE CE2  C Y N 259 
PHE CZ   C Y N 260 
PHE OXT  O N N 261 
PHE H    H N N 262 
PHE H2   H N N 263 
PHE HA   H N N 264 
PHE HB2  H N N 265 
PHE HB3  H N N 266 
PHE HD1  H N N 267 
PHE HD2  H N N 268 
PHE HE1  H N N 269 
PHE HE2  H N N 270 
PHE HZ   H N N 271 
PHE HXT  H N N 272 
PRO N    N N N 273 
PRO CA   C N S 274 
PRO C    C N N 275 
PRO O    O N N 276 
PRO CB   C N N 277 
PRO CG   C N N 278 
PRO CD   C N N 279 
PRO OXT  O N N 280 
PRO H    H N N 281 
PRO HA   H N N 282 
PRO HB2  H N N 283 
PRO HB3  H N N 284 
PRO HG2  H N N 285 
PRO HG3  H N N 286 
PRO HD2  H N N 287 
PRO HD3  H N N 288 
PRO HXT  H N N 289 
SER N    N N N 290 
SER CA   C N S 291 
SER C    C N N 292 
SER O    O N N 293 
SER CB   C N N 294 
SER OG   O N N 295 
SER OXT  O N N 296 
SER H    H N N 297 
SER H2   H N N 298 
SER HA   H N N 299 
SER HB2  H N N 300 
SER HB3  H N N 301 
SER HG   H N N 302 
SER HXT  H N N 303 
THR N    N N N 304 
THR CA   C N S 305 
THR C    C N N 306 
THR O    O N N 307 
THR CB   C N R 308 
THR OG1  O N N 309 
THR CG2  C N N 310 
THR OXT  O N N 311 
THR H    H N N 312 
THR H2   H N N 313 
THR HA   H N N 314 
THR HB   H N N 315 
THR HG1  H N N 316 
THR HG21 H N N 317 
THR HG22 H N N 318 
THR HG23 H N N 319 
THR HXT  H N N 320 
TRP N    N N N 321 
TRP CA   C N S 322 
TRP C    C N N 323 
TRP O    O N N 324 
TRP CB   C N N 325 
TRP CG   C Y N 326 
TRP CD1  C Y N 327 
TRP CD2  C Y N 328 
TRP NE1  N Y N 329 
TRP CE2  C Y N 330 
TRP CE3  C Y N 331 
TRP CZ2  C Y N 332 
TRP CZ3  C Y N 333 
TRP CH2  C Y N 334 
TRP OXT  O N N 335 
TRP H    H N N 336 
TRP H2   H N N 337 
TRP HA   H N N 338 
TRP HB2  H N N 339 
TRP HB3  H N N 340 
TRP HD1  H N N 341 
TRP HE1  H N N 342 
TRP HE3  H N N 343 
TRP HZ2  H N N 344 
TRP HZ3  H N N 345 
TRP HH2  H N N 346 
TRP HXT  H N N 347 
TYR N    N N N 348 
TYR CA   C N S 349 
TYR C    C N N 350 
TYR O    O N N 351 
TYR CB   C N N 352 
TYR CG   C Y N 353 
TYR CD1  C Y N 354 
TYR CD2  C Y N 355 
TYR CE1  C Y N 356 
TYR CE2  C Y N 357 
TYR CZ   C Y N 358 
TYR OH   O N N 359 
TYR OXT  O N N 360 
TYR H    H N N 361 
TYR H2   H N N 362 
TYR HA   H N N 363 
TYR HB2  H N N 364 
TYR HB3  H N N 365 
TYR HD1  H N N 366 
TYR HD2  H N N 367 
TYR HE1  H N N 368 
TYR HE2  H N N 369 
TYR HH   H N N 370 
TYR HXT  H N N 371 
VAL N    N N N 372 
VAL CA   C N S 373 
VAL C    C N N 374 
VAL O    O N N 375 
VAL CB   C N N 376 
VAL CG1  C N N 377 
VAL CG2  C N N 378 
VAL OXT  O N N 379 
VAL H    H N N 380 
VAL H2   H N N 381 
VAL HA   H N N 382 
VAL HB   H N N 383 
VAL HG11 H N N 384 
VAL HG12 H N N 385 
VAL HG13 H N N 386 
VAL HG21 H N N 387 
VAL HG22 H N N 388 
VAL HG23 H N N 389 
VAL HXT  H N N 390 
# 
loop_
_chem_comp_bond.comp_id 
_chem_comp_bond.atom_id_1 
_chem_comp_bond.atom_id_2 
_chem_comp_bond.value_order 
_chem_comp_bond.pdbx_aromatic_flag 
_chem_comp_bond.pdbx_stereo_config 
_chem_comp_bond.pdbx_ordinal 
ALA N   CA   sing N N 1   
ALA N   H    sing N N 2   
ALA N   H2   sing N N 3   
ALA CA  C    sing N N 4   
ALA CA  CB   sing N N 5   
ALA CA  HA   sing N N 6   
ALA C   O    doub N N 7   
ALA C   OXT  sing N N 8   
ALA CB  HB1  sing N N 9   
ALA CB  HB2  sing N N 10  
ALA CB  HB3  sing N N 11  
ALA OXT HXT  sing N N 12  
ARG N   CA   sing N N 13  
ARG N   H    sing N N 14  
ARG N   H2   sing N N 15  
ARG CA  C    sing N N 16  
ARG CA  CB   sing N N 17  
ARG CA  HA   sing N N 18  
ARG C   O    doub N N 19  
ARG C   OXT  sing N N 20  
ARG CB  CG   sing N N 21  
ARG CB  HB2  sing N N 22  
ARG CB  HB3  sing N N 23  
ARG CG  CD   sing N N 24  
ARG CG  HG2  sing N N 25  
ARG CG  HG3  sing N N 26  
ARG CD  NE   sing N N 27  
ARG CD  HD2  sing N N 28  
ARG CD  HD3  sing N N 29  
ARG NE  CZ   sing N N 30  
ARG NE  HE   sing N N 31  
ARG CZ  NH1  sing N N 32  
ARG CZ  NH2  doub N N 33  
ARG NH1 HH11 sing N N 34  
ARG NH1 HH12 sing N N 35  
ARG NH2 HH21 sing N N 36  
ARG NH2 HH22 sing N N 37  
ARG OXT HXT  sing N N 38  
ASN N   CA   sing N N 39  
ASN N   H    sing N N 40  
ASN N   H2   sing N N 41  
ASN CA  C    sing N N 42  
ASN CA  CB   sing N N 43  
ASN CA  HA   sing N N 44  
ASN C   O    doub N N 45  
ASN C   OXT  sing N N 46  
ASN CB  CG   sing N N 47  
ASN CB  HB2  sing N N 48  
ASN CB  HB3  sing N N 49  
ASN CG  OD1  doub N N 50  
ASN CG  ND2  sing N N 51  
ASN ND2 HD21 sing N N 52  
ASN ND2 HD22 sing N N 53  
ASN OXT HXT  sing N N 54  
ASP N   CA   sing N N 55  
ASP N   H    sing N N 56  
ASP N   H2   sing N N 57  
ASP CA  C    sing N N 58  
ASP CA  CB   sing N N 59  
ASP CA  HA   sing N N 60  
ASP C   O    doub N N 61  
ASP C   OXT  sing N N 62  
ASP CB  CG   sing N N 63  
ASP CB  HB2  sing N N 64  
ASP CB  HB3  sing N N 65  
ASP CG  OD1  doub N N 66  
ASP CG  OD2  sing N N 67  
ASP OD2 HD2  sing N N 68  
ASP OXT HXT  sing N N 69  
CYS N   CA   sing N N 70  
CYS N   H    sing N N 71  
CYS N   H2   sing N N 72  
CYS CA  C    sing N N 73  
CYS CA  CB   sing N N 74  
CYS CA  HA   sing N N 75  
CYS C   O    doub N N 76  
CYS C   OXT  sing N N 77  
CYS CB  SG   sing N N 78  
CYS CB  HB2  sing N N 79  
CYS CB  HB3  sing N N 80  
CYS SG  HG   sing N N 81  
CYS OXT HXT  sing N N 82  
GLN N   CA   sing N N 83  
GLN N   H    sing N N 84  
GLN N   H2   sing N N 85  
GLN CA  C    sing N N 86  
GLN CA  CB   sing N N 87  
GLN CA  HA   sing N N 88  
GLN C   O    doub N N 89  
GLN C   OXT  sing N N 90  
GLN CB  CG   sing N N 91  
GLN CB  HB2  sing N N 92  
GLN CB  HB3  sing N N 93  
GLN CG  CD   sing N N 94  
GLN CG  HG2  sing N N 95  
GLN CG  HG3  sing N N 96  
GLN CD  OE1  doub N N 97  
GLN CD  NE2  sing N N 98  
GLN NE2 HE21 sing N N 99  
GLN NE2 HE22 sing N N 100 
GLN OXT HXT  sing N N 101 
GLU N   CA   sing N N 102 
GLU N   H    sing N N 103 
GLU N   H2   sing N N 104 
GLU CA  C    sing N N 105 
GLU CA  CB   sing N N 106 
GLU CA  HA   sing N N 107 
GLU C   O    doub N N 108 
GLU C   OXT  sing N N 109 
GLU CB  CG   sing N N 110 
GLU CB  HB2  sing N N 111 
GLU CB  HB3  sing N N 112 
GLU CG  CD   sing N N 113 
GLU CG  HG2  sing N N 114 
GLU CG  HG3  sing N N 115 
GLU CD  OE1  doub N N 116 
GLU CD  OE2  sing N N 117 
GLU OE2 HE2  sing N N 118 
GLU OXT HXT  sing N N 119 
GLY N   CA   sing N N 120 
GLY N   H    sing N N 121 
GLY N   H2   sing N N 122 
GLY CA  C    sing N N 123 
GLY CA  HA2  sing N N 124 
GLY CA  HA3  sing N N 125 
GLY C   O    doub N N 126 
GLY C   OXT  sing N N 127 
GLY OXT HXT  sing N N 128 
HIS N   CA   sing N N 129 
HIS N   H    sing N N 130 
HIS N   H2   sing N N 131 
HIS CA  C    sing N N 132 
HIS CA  CB   sing N N 133 
HIS CA  HA   sing N N 134 
HIS C   O    doub N N 135 
HIS C   OXT  sing N N 136 
HIS CB  CG   sing N N 137 
HIS CB  HB2  sing N N 138 
HIS CB  HB3  sing N N 139 
HIS CG  ND1  sing Y N 140 
HIS CG  CD2  doub Y N 141 
HIS ND1 CE1  doub Y N 142 
HIS ND1 HD1  sing N N 143 
HIS CD2 NE2  sing Y N 144 
HIS CD2 HD2  sing N N 145 
HIS CE1 NE2  sing Y N 146 
HIS CE1 HE1  sing N N 147 
HIS NE2 HE2  sing N N 148 
HIS OXT HXT  sing N N 149 
HOH O   H1   sing N N 150 
HOH O   H2   sing N N 151 
ILE N   CA   sing N N 152 
ILE N   H    sing N N 153 
ILE N   H2   sing N N 154 
ILE CA  C    sing N N 155 
ILE CA  CB   sing N N 156 
ILE CA  HA   sing N N 157 
ILE C   O    doub N N 158 
ILE C   OXT  sing N N 159 
ILE CB  CG1  sing N N 160 
ILE CB  CG2  sing N N 161 
ILE CB  HB   sing N N 162 
ILE CG1 CD1  sing N N 163 
ILE CG1 HG12 sing N N 164 
ILE CG1 HG13 sing N N 165 
ILE CG2 HG21 sing N N 166 
ILE CG2 HG22 sing N N 167 
ILE CG2 HG23 sing N N 168 
ILE CD1 HD11 sing N N 169 
ILE CD1 HD12 sing N N 170 
ILE CD1 HD13 sing N N 171 
ILE OXT HXT  sing N N 172 
LEU N   CA   sing N N 173 
LEU N   H    sing N N 174 
LEU N   H2   sing N N 175 
LEU CA  C    sing N N 176 
LEU CA  CB   sing N N 177 
LEU CA  HA   sing N N 178 
LEU C   O    doub N N 179 
LEU C   OXT  sing N N 180 
LEU CB  CG   sing N N 181 
LEU CB  HB2  sing N N 182 
LEU CB  HB3  sing N N 183 
LEU CG  CD1  sing N N 184 
LEU CG  CD2  sing N N 185 
LEU CG  HG   sing N N 186 
LEU CD1 HD11 sing N N 187 
LEU CD1 HD12 sing N N 188 
LEU CD1 HD13 sing N N 189 
LEU CD2 HD21 sing N N 190 
LEU CD2 HD22 sing N N 191 
LEU CD2 HD23 sing N N 192 
LEU OXT HXT  sing N N 193 
LYS N   CA   sing N N 194 
LYS N   H    sing N N 195 
LYS N   H2   sing N N 196 
LYS CA  C    sing N N 197 
LYS CA  CB   sing N N 198 
LYS CA  HA   sing N N 199 
LYS C   O    doub N N 200 
LYS C   OXT  sing N N 201 
LYS CB  CG   sing N N 202 
LYS CB  HB2  sing N N 203 
LYS CB  HB3  sing N N 204 
LYS CG  CD   sing N N 205 
LYS CG  HG2  sing N N 206 
LYS CG  HG3  sing N N 207 
LYS CD  CE   sing N N 208 
LYS CD  HD2  sing N N 209 
LYS CD  HD3  sing N N 210 
LYS CE  NZ   sing N N 211 
LYS CE  HE2  sing N N 212 
LYS CE  HE3  sing N N 213 
LYS NZ  HZ1  sing N N 214 
LYS NZ  HZ2  sing N N 215 
LYS NZ  HZ3  sing N N 216 
LYS OXT HXT  sing N N 217 
MET N   CA   sing N N 218 
MET N   H    sing N N 219 
MET N   H2   sing N N 220 
MET CA  C    sing N N 221 
MET CA  CB   sing N N 222 
MET CA  HA   sing N N 223 
MET C   O    doub N N 224 
MET C   OXT  sing N N 225 
MET CB  CG   sing N N 226 
MET CB  HB2  sing N N 227 
MET CB  HB3  sing N N 228 
MET CG  SD   sing N N 229 
MET CG  HG2  sing N N 230 
MET CG  HG3  sing N N 231 
MET SD  CE   sing N N 232 
MET CE  HE1  sing N N 233 
MET CE  HE2  sing N N 234 
MET CE  HE3  sing N N 235 
MET OXT HXT  sing N N 236 
PHE N   CA   sing N N 237 
PHE N   H    sing N N 238 
PHE N   H2   sing N N 239 
PHE CA  C    sing N N 240 
PHE CA  CB   sing N N 241 
PHE CA  HA   sing N N 242 
PHE C   O    doub N N 243 
PHE C   OXT  sing N N 244 
PHE CB  CG   sing N N 245 
PHE CB  HB2  sing N N 246 
PHE CB  HB3  sing N N 247 
PHE CG  CD1  doub Y N 248 
PHE CG  CD2  sing Y N 249 
PHE CD1 CE1  sing Y N 250 
PHE CD1 HD1  sing N N 251 
PHE CD2 CE2  doub Y N 252 
PHE CD2 HD2  sing N N 253 
PHE CE1 CZ   doub Y N 254 
PHE CE1 HE1  sing N N 255 
PHE CE2 CZ   sing Y N 256 
PHE CE2 HE2  sing N N 257 
PHE CZ  HZ   sing N N 258 
PHE OXT HXT  sing N N 259 
PRO N   CA   sing N N 260 
PRO N   CD   sing N N 261 
PRO N   H    sing N N 262 
PRO CA  C    sing N N 263 
PRO CA  CB   sing N N 264 
PRO CA  HA   sing N N 265 
PRO C   O    doub N N 266 
PRO C   OXT  sing N N 267 
PRO CB  CG   sing N N 268 
PRO CB  HB2  sing N N 269 
PRO CB  HB3  sing N N 270 
PRO CG  CD   sing N N 271 
PRO CG  HG2  sing N N 272 
PRO CG  HG3  sing N N 273 
PRO CD  HD2  sing N N 274 
PRO CD  HD3  sing N N 275 
PRO OXT HXT  sing N N 276 
SER N   CA   sing N N 277 
SER N   H    sing N N 278 
SER N   H2   sing N N 279 
SER CA  C    sing N N 280 
SER CA  CB   sing N N 281 
SER CA  HA   sing N N 282 
SER C   O    doub N N 283 
SER C   OXT  sing N N 284 
SER CB  OG   sing N N 285 
SER CB  HB2  sing N N 286 
SER CB  HB3  sing N N 287 
SER OG  HG   sing N N 288 
SER OXT HXT  sing N N 289 
THR N   CA   sing N N 290 
THR N   H    sing N N 291 
THR N   H2   sing N N 292 
THR CA  C    sing N N 293 
THR CA  CB   sing N N 294 
THR CA  HA   sing N N 295 
THR C   O    doub N N 296 
THR C   OXT  sing N N 297 
THR CB  OG1  sing N N 298 
THR CB  CG2  sing N N 299 
THR CB  HB   sing N N 300 
THR OG1 HG1  sing N N 301 
THR CG2 HG21 sing N N 302 
THR CG2 HG22 sing N N 303 
THR CG2 HG23 sing N N 304 
THR OXT HXT  sing N N 305 
TRP N   CA   sing N N 306 
TRP N   H    sing N N 307 
TRP N   H2   sing N N 308 
TRP CA  C    sing N N 309 
TRP CA  CB   sing N N 310 
TRP CA  HA   sing N N 311 
TRP C   O    doub N N 312 
TRP C   OXT  sing N N 313 
TRP CB  CG   sing N N 314 
TRP CB  HB2  sing N N 315 
TRP CB  HB3  sing N N 316 
TRP CG  CD1  doub Y N 317 
TRP CG  CD2  sing Y N 318 
TRP CD1 NE1  sing Y N 319 
TRP CD1 HD1  sing N N 320 
TRP CD2 CE2  doub Y N 321 
TRP CD2 CE3  sing Y N 322 
TRP NE1 CE2  sing Y N 323 
TRP NE1 HE1  sing N N 324 
TRP CE2 CZ2  sing Y N 325 
TRP CE3 CZ3  doub Y N 326 
TRP CE3 HE3  sing N N 327 
TRP CZ2 CH2  doub Y N 328 
TRP CZ2 HZ2  sing N N 329 
TRP CZ3 CH2  sing Y N 330 
TRP CZ3 HZ3  sing N N 331 
TRP CH2 HH2  sing N N 332 
TRP OXT HXT  sing N N 333 
TYR N   CA   sing N N 334 
TYR N   H    sing N N 335 
TYR N   H2   sing N N 336 
TYR CA  C    sing N N 337 
TYR CA  CB   sing N N 338 
TYR CA  HA   sing N N 339 
TYR C   O    doub N N 340 
TYR C   OXT  sing N N 341 
TYR CB  CG   sing N N 342 
TYR CB  HB2  sing N N 343 
TYR CB  HB3  sing N N 344 
TYR CG  CD1  doub Y N 345 
TYR CG  CD2  sing Y N 346 
TYR CD1 CE1  sing Y N 347 
TYR CD1 HD1  sing N N 348 
TYR CD2 CE2  doub Y N 349 
TYR CD2 HD2  sing N N 350 
TYR CE1 CZ   doub Y N 351 
TYR CE1 HE1  sing N N 352 
TYR CE2 CZ   sing Y N 353 
TYR CE2 HE2  sing N N 354 
TYR CZ  OH   sing N N 355 
TYR OH  HH   sing N N 356 
TYR OXT HXT  sing N N 357 
VAL N   CA   sing N N 358 
VAL N   H    sing N N 359 
VAL N   H2   sing N N 360 
VAL CA  C    sing N N 361 
VAL CA  CB   sing N N 362 
VAL CA  HA   sing N N 363 
VAL C   O    doub N N 364 
VAL C   OXT  sing N N 365 
VAL CB  CG1  sing N N 366 
VAL CB  CG2  sing N N 367 
VAL CB  HB   sing N N 368 
VAL CG1 HG11 sing N N 369 
VAL CG1 HG12 sing N N 370 
VAL CG1 HG13 sing N N 371 
VAL CG2 HG21 sing N N 372 
VAL CG2 HG22 sing N N 373 
VAL CG2 HG23 sing N N 374 
VAL OXT HXT  sing N N 375 
# 
_pdbx_initial_refinement_model.id               1 
_pdbx_initial_refinement_model.entity_id_list   ? 
_pdbx_initial_refinement_model.type             'experimental model' 
_pdbx_initial_refinement_model.source_name      PDB 
_pdbx_initial_refinement_model.accession_code   3QW9 
_pdbx_initial_refinement_model.details          'PDB ENTRY 3QW9' 
# 
_atom_sites.entry_id                    4AJV 
_atom_sites.fract_transf_matrix[1][1]   0.01688989 
_atom_sites.fract_transf_matrix[1][2]   -0.00967464 
_atom_sites.fract_transf_matrix[1][3]   0.00516059 
_atom_sites.fract_transf_matrix[2][1]   0.00772025 
_atom_sites.fract_transf_matrix[2][2]   0.00558548 
_atom_sites.fract_transf_matrix[2][3]   -0.01479611 
_atom_sites.fract_transf_matrix[3][1]   0.00535498 
_atom_sites.fract_transf_matrix[3][2]   0.01357196 
_atom_sites.fract_transf_matrix[3][3]   0.00791746 
_atom_sites.fract_transf_vector[1]      -0.439692 
_atom_sites.fract_transf_vector[2]      -0.081415 
_atom_sites.fract_transf_vector[3]      0.023345 
# 
loop_
_atom_type.symbol 
C 
N 
O 
S 
# 
loop_
_atom_site.group_PDB 
_atom_site.id 
_atom_site.type_symbol 
_atom_site.label_atom_id 
_atom_site.label_alt_id 
_atom_site.label_comp_id 
_atom_site.label_asym_id 
_atom_site.label_entity_id 
_atom_site.label_seq_id 
_atom_site.pdbx_PDB_ins_code 
_atom_site.Cartn_x 
_atom_site.Cartn_y 
_atom_site.Cartn_z 
_atom_site.occupancy 
_atom_site.B_iso_or_equiv 
_atom_site.pdbx_formal_charge 
_atom_site.auth_seq_id 
_atom_site.auth_comp_id 
_atom_site.auth_asym_id 
_atom_site.auth_atom_id 
_atom_site.pdbx_PDB_model_num 
ATOM   1    N N   . THR A 1 1   ? -9.546  -10.363 3.046   1.00 36.40 ? 591  THR A N   1 
ATOM   2    C CA  . THR A 1 1   ? -10.093 -9.600  1.938   1.00 39.20 ? 591  THR A CA  1 
ATOM   3    C C   . THR A 1 1   ? -9.080  -8.521  1.505   1.00 40.93 ? 591  THR A C   1 
ATOM   4    O O   . THR A 1 1   ? -9.042  -8.120  0.347   1.00 40.54 ? 591  THR A O   1 
ATOM   5    C CB  . THR A 1 1   ? -11.472 -8.950  2.321   1.00 39.96 ? 591  THR A CB  1 
ATOM   6    O OG1 . THR A 1 1   ? -12.443 -9.952  2.665   1.00 35.09 ? 591  THR A OG1 1 
ATOM   7    C CG2 . THR A 1 1   ? -11.992 -8.091  1.204   1.00 35.35 ? 591  THR A CG2 1 
ATOM   8    N N   . PHE A 1 2   ? -8.268  -8.038  2.451   1.00 43.52 ? 592  PHE A N   1 
ATOM   9    C CA  . PHE A 1 2   ? -7.169  -7.115  2.109   1.00 42.39 ? 592  PHE A CA  1 
ATOM   10   C C   . PHE A 1 2   ? -5.829  -7.699  2.443   1.00 44.14 ? 592  PHE A C   1 
ATOM   11   O O   . PHE A 1 2   ? -5.643  -8.304  3.500   1.00 43.32 ? 592  PHE A O   1 
ATOM   12   C CB  . PHE A 1 2   ? -7.282  -5.783  2.843   1.00 40.09 ? 592  PHE A CB  1 
ATOM   13   C CG  . PHE A 1 2   ? -8.647  -5.268  2.889   1.00 40.57 ? 592  PHE A CG  1 
ATOM   14   C CD1 . PHE A 1 2   ? -9.518  -5.683  3.897   1.00 40.83 ? 592  PHE A CD1 1 
ATOM   15   C CD2 . PHE A 1 2   ? -9.093  -4.421  1.902   1.00 39.01 ? 592  PHE A CD2 1 
ATOM   16   C CE1 . PHE A 1 2   ? -10.774 -5.220  3.950   1.00 36.57 ? 592  PHE A CE1 1 
ATOM   17   C CE2 . PHE A 1 2   ? -10.360 -3.951  1.931   1.00 35.67 ? 592  PHE A CE2 1 
ATOM   18   C CZ  . PHE A 1 2   ? -11.216 -4.352  2.961   1.00 38.27 ? 592  PHE A CZ  1 
ATOM   19   N N   . ASN A 1 3   ? -4.892  -7.471  1.534   1.00 45.19 ? 593  ASN A N   1 
ATOM   20   C CA  . ASN A 1 3   ? -3.531  -7.930  1.708   1.00 43.33 ? 593  ASN A CA  1 
ATOM   21   C C   . ASN A 1 3   ? -2.530  -6.812  1.691   1.00 43.68 ? 593  ASN A C   1 
ATOM   22   O O   . ASN A 1 3   ? -2.795  -5.735  1.134   1.00 39.50 ? 593  ASN A O   1 
ATOM   23   C CB  . ASN A 1 3   ? -3.152  -8.881  0.590   1.00 41.74 ? 593  ASN A CB  1 
ATOM   24   C CG  . ASN A 1 3   ? -2.361  -10.056 1.092   1.00 52.79 ? 593  ASN A CG  1 
ATOM   25   O OD1 . ASN A 1 3   ? -2.497  -10.454 2.251   1.00 54.00 ? 593  ASN A OD1 1 
ATOM   26   N ND2 . ASN A 1 3   ? -1.528  -10.624 0.226   1.00 53.97 ? 593  ASN A ND2 1 
ATOM   27   N N   . MET A 1 4   ? -1.383  -7.093  2.317   1.00 42.48 ? 594  MET A N   1 
ATOM   28   C CA  . MET A 1 4   ? -0.168  -6.305  2.153   1.00 33.18 ? 594  MET A CA  1 
ATOM   29   C C   . MET A 1 4   ? 1.031   -7.235  2.139   1.00 41.76 ? 594  MET A C   1 
ATOM   30   O O   . MET A 1 4   ? 1.305   -7.921  3.127   1.00 38.82 ? 594  MET A O   1 
ATOM   31   C CB  . MET A 1 4   ? -0.016  -5.288  3.273   1.00 33.13 ? 594  MET A CB  1 
ATOM   32   C CG  . MET A 1 4   ? 0.918   -4.100  2.913   1.00 38.25 ? 594  MET A CG  1 
ATOM   33   S SD  . MET A 1 4   ? 0.830   -2.691  4.078   1.00 42.27 ? 594  MET A SD  1 
ATOM   34   C CE  . MET A 1 4   ? 2.058   -1.632  3.294   1.00 34.96 ? 594  MET A CE  1 
ATOM   35   N N   . GLU A 1 5   ? 1.735   -7.233  1.002   1.00 39.98 ? 595  GLU A N   1 
ATOM   36   C CA  . GLU A 1 5   ? 2.929   -8.030  0.771   1.00 30.57 ? 595  GLU A CA  1 
ATOM   37   C C   . GLU A 1 5   ? 4.166   -7.197  0.563   1.00 32.17 ? 595  GLU A C   1 
ATOM   38   O O   . GLU A 1 5   ? 4.132   -6.212  -0.139  1.00 33.96 ? 595  GLU A O   1 
ATOM   39   C CB  . GLU A 1 5   ? 2.768   -8.783  -0.536  1.00 36.69 ? 595  GLU A CB  1 
ATOM   40   C CG  . GLU A 1 5   ? 2.713   -10.289 -0.486  1.00 47.19 ? 595  GLU A CG  1 
ATOM   41   C CD  . GLU A 1 5   ? 1.629   -10.814 0.425   1.00 52.98 ? 595  GLU A CD  1 
ATOM   42   O OE1 . GLU A 1 5   ? 1.524   -10.328 1.577   1.00 52.91 ? 595  GLU A OE1 1 
ATOM   43   O OE2 . GLU A 1 5   ? 0.911   -11.734 -0.003  1.00 52.98 ? 595  GLU A OE2 1 
ATOM   44   N N   . LEU A 1 6   ? 5.286   -7.656  1.107   1.00 37.71 ? 596  LEU A N   1 
ATOM   45   C CA  . LEU A 1 6   ? 6.607   -7.123  0.753   1.00 36.42 ? 596  LEU A CA  1 
ATOM   46   C C   . LEU A 1 6   ? 7.444   -8.128  -0.057  1.00 35.34 ? 596  LEU A C   1 
ATOM   47   O O   . LEU A 1 6   ? 7.422   -9.310  0.182   1.00 35.67 ? 596  LEU A O   1 
ATOM   48   C CB  . LEU A 1 6   ? 7.374   -6.666  2.000   1.00 33.25 ? 596  LEU A CB  1 
ATOM   49   C CG  . LEU A 1 6   ? 6.652   -5.742  2.992   1.00 37.17 ? 596  LEU A CG  1 
ATOM   50   C CD1 . LEU A 1 6   ? 7.580   -5.425  4.148   1.00 32.28 ? 596  LEU A CD1 1 
ATOM   51   C CD2 . LEU A 1 6   ? 6.049   -4.442  2.362   1.00 31.55 ? 596  LEU A CD2 1 
ATOM   52   N N   . TYR A 1 7   ? 8.154   -7.631  -1.049  1.00 36.87 ? 597  TYR A N   1 
ATOM   53   C CA  . TYR A 1 7   ? 8.922   -8.471  -1.923  1.00 38.30 ? 597  TYR A CA  1 
ATOM   54   C C   . TYR A 1 7   ? 10.354  -7.950  -1.957  1.00 42.57 ? 597  TYR A C   1 
ATOM   55   O O   . TYR A 1 7   ? 10.617  -6.790  -1.603  1.00 40.75 ? 597  TYR A O   1 
ATOM   56   C CB  . TYR A 1 7   ? 8.324   -8.437  -3.325  1.00 34.61 ? 597  TYR A CB  1 
ATOM   57   C CG  . TYR A 1 7   ? 6.979   -9.087  -3.433  1.00 36.95 ? 597  TYR A CG  1 
ATOM   58   C CD1 . TYR A 1 7   ? 5.836   -8.389  -3.162  1.00 36.60 ? 597  TYR A CD1 1 
ATOM   59   C CD2 . TYR A 1 7   ? 6.855   -10.400 -3.815  1.00 38.77 ? 597  TYR A CD2 1 
ATOM   60   C CE1 . TYR A 1 7   ? 4.616   -8.966  -3.267  1.00 37.25 ? 597  TYR A CE1 1 
ATOM   61   C CE2 . TYR A 1 7   ? 5.639   -10.987 -3.926  1.00 38.58 ? 597  TYR A CE2 1 
ATOM   62   C CZ  . TYR A 1 7   ? 4.511   -10.269 -3.656  1.00 40.10 ? 597  TYR A CZ  1 
ATOM   63   O OH  . TYR A 1 7   ? 3.253   -10.846 -3.758  1.00 43.94 ? 597  TYR A OH  1 
ATOM   64   N N   . ASN A 1 8   ? 11.265  -8.793  -2.434  1.00 39.93 ? 598  ASN A N   1 
ATOM   65   C CA  . ASN A 1 8   ? 12.685  -8.495  -2.376  1.00 49.21 ? 598  ASN A CA  1 
ATOM   66   C C   . ASN A 1 8   ? 13.192  -7.892  -3.664  1.00 45.21 ? 598  ASN A C   1 
ATOM   67   O O   . ASN A 1 8   ? 14.325  -7.461  -3.717  1.00 44.10 ? 598  ASN A O   1 
ATOM   68   C CB  . ASN A 1 8   ? 13.430  -9.779  -2.037  1.00 53.45 ? 598  ASN A CB  1 
ATOM   69   C CG  . ASN A 1 8   ? 12.666  -10.621 -1.007  1.00 60.74 ? 598  ASN A CG  1 
ATOM   70   O OD1 . ASN A 1 8   ? 11.670  -11.301 -1.340  1.00 56.80 ? 598  ASN A OD1 1 
ATOM   71   N ND2 . ASN A 1 8   ? 13.094  -10.536 0.255   1.00 39.86 ? 598  ASN A ND2 1 
ATOM   72   N N   . THR A 1 9   ? 12.327  -7.856  -4.680  1.00 40.44 ? 599  THR A N   1 
ATOM   73   C CA  . THR A 1 9   ? 12.658  -7.418  -6.042  1.00 39.03 ? 599  THR A CA  1 
ATOM   74   C C   . THR A 1 9   ? 11.433  -6.750  -6.709  1.00 39.93 ? 599  THR A C   1 
ATOM   75   O O   . THR A 1 9   ? 10.297  -6.946  -6.262  1.00 41.00 ? 599  THR A O   1 
ATOM   76   C CB  . THR A 1 9   ? 13.096  -8.624  -6.916  1.00 41.26 ? 599  THR A CB  1 
ATOM   77   O OG1 . THR A 1 9   ? 11.991  -9.527  -7.088  1.00 44.91 ? 599  THR A OG1 1 
ATOM   78   C CG2 . THR A 1 9   ? 14.281  -9.414  -6.262  1.00 35.37 ? 599  THR A CG2 1 
ATOM   79   N N   . ASP A 1 10  ? 11.649  -5.961  -7.769  1.00 37.87 ? 600  ASP A N   1 
ATOM   80   C CA  . ASP A 1 10  ? 10.530  -5.312  -8.482  1.00 38.14 ? 600  ASP A CA  1 
ATOM   81   C C   . ASP A 1 10  ? 9.860   -6.249  -9.499  1.00 44.91 ? 600  ASP A C   1 
ATOM   82   O O   . ASP A 1 10  ? 9.324   -5.809  -10.529 1.00 45.87 ? 600  ASP A O   1 
ATOM   83   C CB  . ASP A 1 10  ? 10.920  -3.960  -9.137  1.00 40.56 ? 600  ASP A CB  1 
ATOM   84   C CG  . ASP A 1 10  ? 11.848  -4.104  -10.349 1.00 44.47 ? 600  ASP A CG  1 
ATOM   85   O OD1 . ASP A 1 10  ? 12.547  -5.143  -10.476 1.00 44.92 ? 600  ASP A OD1 1 
ATOM   86   O OD2 . ASP A 1 10  ? 11.901  -3.144  -11.157 1.00 43.73 ? 600  ASP A OD2 1 
ATOM   87   N N   . LEU A 1 11  ? 9.884   -7.542  -9.191  1.00 39.67 ? 601  LEU A N   1 
ATOM   88   C CA  . LEU A 1 11  ? 9.128   -8.507  -9.946  1.00 40.68 ? 601  LEU A CA  1 
ATOM   89   C C   . LEU A 1 11  ? 7.919   -9.009  -9.139  1.00 39.05 ? 601  LEU A C   1 
ATOM   90   O O   . LEU A 1 11  ? 7.036   -9.699  -9.677  1.00 39.49 ? 601  LEU A O   1 
ATOM   91   C CB  . LEU A 1 11  ? 10.032  -9.672  -10.353 1.00 42.18 ? 601  LEU A CB  1 
ATOM   92   C CG  . LEU A 1 11  ? 9.460   -10.454 -11.535 1.00 43.07 ? 601  LEU A CG  1 
ATOM   93   C CD1 . LEU A 1 11  ? 9.787   -9.735  -12.877 1.00 34.35 ? 601  LEU A CD1 1 
ATOM   94   C CD2 . LEU A 1 11  ? 9.930   -11.912 -11.524 1.00 39.96 ? 601  LEU A CD2 1 
ATOM   95   N N   . PHE A 1 12  ? 7.856   -8.632  -7.865  1.00 35.00 ? 602  PHE A N   1 
ATOM   96   C CA  . PHE A 1 12  ? 6.754   -9.075  -7.018  1.00 34.16 ? 602  PHE A CA  1 
ATOM   97   C C   . PHE A 1 12  ? 6.461   -10.504 -7.393  1.00 36.57 ? 602  PHE A C   1 
ATOM   98   O O   . PHE A 1 12  ? 5.335   -10.898 -7.664  1.00 38.66 ? 602  PHE A O   1 
ATOM   99   C CB  . PHE A 1 12  ? 5.524   -8.177  -7.185  1.00 37.93 ? 602  PHE A CB  1 
ATOM   100  C CG  . PHE A 1 12  ? 5.808   -6.728  -6.933  1.00 34.56 ? 602  PHE A CG  1 
ATOM   101  C CD1 . PHE A 1 12  ? 6.325   -5.938  -7.932  1.00 34.84 ? 602  PHE A CD1 1 
ATOM   102  C CD2 . PHE A 1 12  ? 5.613   -6.172  -5.677  1.00 32.43 ? 602  PHE A CD2 1 
ATOM   103  C CE1 . PHE A 1 12  ? 6.648   -4.602  -7.695  1.00 37.29 ? 602  PHE A CE1 1 
ATOM   104  C CE2 . PHE A 1 12  ? 5.923   -4.850  -5.449  1.00 35.05 ? 602  PHE A CE2 1 
ATOM   105  C CZ  . PHE A 1 12  ? 6.435   -4.054  -6.478  1.00 33.48 ? 602  PHE A CZ  1 
ATOM   106  N N   . LEU A 1 13  ? 7.526   -11.289 -7.418  1.00 38.81 ? 603  LEU A N   1 
ATOM   107  C CA  . LEU A 1 13  ? 7.425   -12.724 -7.597  1.00 33.80 ? 603  LEU A CA  1 
ATOM   108  C C   . LEU A 1 13  ? 7.286   -13.447 -6.273  1.00 32.58 ? 603  LEU A C   1 
ATOM   109  O O   . LEU A 1 13  ? 6.343   -14.202 -6.035  1.00 33.14 ? 603  LEU A O   1 
ATOM   110  C CB  . LEU A 1 13  ? 8.669   -13.192 -8.293  1.00 39.57 ? 603  LEU A CB  1 
ATOM   111  C CG  . LEU A 1 13  ? 8.622   -14.440 -9.200  1.00 40.09 ? 603  LEU A CG  1 
ATOM   112  C CD1 . LEU A 1 13  ? 9.717   -15.406 -8.779  1.00 40.30 ? 603  LEU A CD1 1 
ATOM   113  C CD2 . LEU A 1 13  ? 7.248   -15.091 -9.156  1.00 39.75 ? 603  LEU A CD2 1 
ATOM   114  N N   . VAL A 1 14  ? 8.228   -13.176 -5.389  1.00 37.88 ? 604  VAL A N   1 
ATOM   115  C CA  . VAL A 1 14  ? 8.385   -13.987 -4.198  1.00 42.13 ? 604  VAL A CA  1 
ATOM   116  C C   . VAL A 1 14  ? 8.365   -13.139 -2.922  1.00 43.58 ? 604  VAL A C   1 
ATOM   117  O O   . VAL A 1 14  ? 9.357   -12.474 -2.530  1.00 41.40 ? 604  VAL A O   1 
ATOM   118  C CB  . VAL A 1 14  ? 9.644   -14.879 -4.290  1.00 40.68 ? 604  VAL A CB  1 
ATOM   119  C CG1 . VAL A 1 14  ? 10.884  -14.032 -4.538  1.00 39.52 ? 604  VAL A CG1 1 
ATOM   120  C CG2 . VAL A 1 14  ? 9.745   -15.749 -3.050  1.00 35.19 ? 604  VAL A CG2 1 
ATOM   121  N N   . PRO A 1 15  ? 7.210   -13.159 -2.269  1.00 41.52 ? 605  PRO A N   1 
ATOM   122  C CA  . PRO A 1 15  ? 6.964   -12.417 -1.052  1.00 41.09 ? 605  PRO A CA  1 
ATOM   123  C C   . PRO A 1 15  ? 7.863   -12.905 0.057   1.00 44.04 ? 605  PRO A C   1 
ATOM   124  O O   . PRO A 1 15  ? 8.303   -14.047 0.039   1.00 48.39 ? 605  PRO A O   1 
ATOM   125  C CB  . PRO A 1 15  ? 5.499   -12.735 -0.753  1.00 43.22 ? 605  PRO A CB  1 
ATOM   126  C CG  . PRO A 1 15  ? 5.298   -14.044 -1.299  1.00 44.83 ? 605  PRO A CG  1 
ATOM   127  C CD  . PRO A 1 15  ? 6.102   -14.068 -2.566  1.00 41.66 ? 605  PRO A CD  1 
ATOM   128  N N   . SER A 1 16  ? 8.149   -12.027 1.008   1.00 46.12 ? 606  SER A N   1 
ATOM   129  C CA  . SER A 1 16  ? 8.953   -12.404 2.137   1.00 49.81 ? 606  SER A CA  1 
ATOM   130  C C   . SER A 1 16  ? 8.166   -13.295 3.067   1.00 49.34 ? 606  SER A C   1 
ATOM   131  O O   . SER A 1 16  ? 6.985   -13.081 3.311   1.00 47.04 ? 606  SER A O   1 
ATOM   132  C CB  . SER A 1 16  ? 9.453   -11.180 2.886   1.00 42.38 ? 606  SER A CB  1 
ATOM   133  O OG  . SER A 1 16  ? 10.542  -10.663 2.174   1.00 46.13 ? 606  SER A OG  1 
ATOM   134  N N   . PRO A 1 17  ? 8.848   -14.299 3.601   1.00 51.31 ? 607  PRO A N   1 
ATOM   135  C CA  . PRO A 1 17  ? 8.336   -15.256 4.591   1.00 53.78 ? 607  PRO A CA  1 
ATOM   136  C C   . PRO A 1 17  ? 8.339   -14.649 5.993   1.00 55.66 ? 607  PRO A C   1 
ATOM   137  O O   . PRO A 1 17  ? 9.282   -14.886 6.765   1.00 56.50 ? 607  PRO A O   1 
ATOM   138  C CB  . PRO A 1 17  ? 9.364   -16.389 4.515   1.00 51.61 ? 607  PRO A CB  1 
ATOM   139  C CG  . PRO A 1 17  ? 10.663  -15.668 4.128   1.00 50.26 ? 607  PRO A CG  1 
ATOM   140  C CD  . PRO A 1 17  ? 10.275  -14.518 3.267   1.00 47.80 ? 607  PRO A CD  1 
ATOM   141  N N   . GLY A 1 18  ? 7.312   -13.869 6.316   1.00 54.45 ? 608  GLY A N   1 
ATOM   142  C CA  . GLY A 1 18  ? 7.321   -13.086 7.550   1.00 50.14 ? 608  GLY A CA  1 
ATOM   143  C C   . GLY A 1 18  ? 8.334   -11.954 7.566   1.00 50.76 ? 608  GLY A C   1 
ATOM   144  O O   . GLY A 1 18  ? 9.117   -11.817 6.621   1.00 51.77 ? 608  GLY A O   1 
ATOM   145  N N   . VAL A 1 19  ? 8.309   -11.172 8.657   1.00 46.81 ? 609  VAL A N   1 
ATOM   146  C CA  . VAL A 1 19  ? 9.182   -10.014 8.923   1.00 35.04 ? 609  VAL A CA  1 
ATOM   147  C C   . VAL A 1 19  ? 10.300  -9.713  7.935   1.00 32.62 ? 609  VAL A C   1 
ATOM   148  O O   . VAL A 1 19  ? 11.282  -10.419 7.860   1.00 35.78 ? 609  VAL A O   1 
ATOM   149  C CB  . VAL A 1 19  ? 9.842   -10.140 10.277  1.00 31.89 ? 609  VAL A CB  1 
ATOM   150  C CG1 . VAL A 1 19  ? 8.829   -9.991  11.362  1.00 33.53 ? 609  VAL A CG1 1 
ATOM   151  C CG2 . VAL A 1 19  ? 10.491  -11.478 10.386  1.00 45.49 ? 609  VAL A CG2 1 
ATOM   152  N N   . PHE A 1 20  ? 10.140  -8.619  7.212   1.00 33.99 ? 610  PHE A N   1 
ATOM   153  C CA  . PHE A 1 20  ? 11.071  -8.203  6.177   1.00 34.44 ? 610  PHE A CA  1 
ATOM   154  C C   . PHE A 1 20  ? 12.237  -7.437  6.807   1.00 38.56 ? 610  PHE A C   1 
ATOM   155  O O   . PHE A 1 20  ? 12.062  -6.510  7.641   1.00 40.89 ? 610  PHE A O   1 
ATOM   156  C CB  . PHE A 1 20  ? 10.305  -7.335  5.158   1.00 36.84 ? 610  PHE A CB  1 
ATOM   157  C CG  . PHE A 1 20  ? 11.122  -6.865  3.988   1.00 36.61 ? 610  PHE A CG  1 
ATOM   158  C CD1 . PHE A 1 20  ? 11.379  -7.706  2.915   1.00 39.26 ? 610  PHE A CD1 1 
ATOM   159  C CD2 . PHE A 1 20  ? 11.606  -5.561  3.937   1.00 34.83 ? 610  PHE A CD2 1 
ATOM   160  C CE1 . PHE A 1 20  ? 12.145  -7.260  1.815   1.00 44.27 ? 610  PHE A CE1 1 
ATOM   161  C CE2 . PHE A 1 20  ? 12.362  -5.118  2.861   1.00 35.90 ? 610  PHE A CE2 1 
ATOM   162  C CZ  . PHE A 1 20  ? 12.635  -5.966  1.797   1.00 41.03 ? 610  PHE A CZ  1 
ATOM   163  N N   . SER A 1 21  ? 13.423  -7.862  6.397   1.00 34.34 ? 611  SER A N   1 
ATOM   164  C CA  . SER A 1 21  ? 14.680  -7.297  6.834   1.00 39.31 ? 611  SER A CA  1 
ATOM   165  C C   . SER A 1 21  ? 15.078  -6.196  5.880   1.00 38.60 ? 611  SER A C   1 
ATOM   166  O O   . SER A 1 21  ? 14.977  -6.343  4.666   1.00 39.67 ? 611  SER A O   1 
ATOM   167  C CB  . SER A 1 21  ? 15.788  -8.373  6.863   1.00 47.98 ? 611  SER A CB  1 
ATOM   168  O OG  . SER A 1 21  ? 15.936  -8.968  8.152   1.00 52.71 ? 611  SER A OG  1 
ATOM   169  N N   . VAL A 1 22  ? 15.566  -5.097  6.436   1.00 36.64 ? 612  VAL A N   1 
ATOM   170  C CA  . VAL A 1 22  ? 15.806  -3.907  5.641   1.00 39.28 ? 612  VAL A CA  1 
ATOM   171  C C   . VAL A 1 22  ? 16.921  -3.043  6.221   1.00 38.42 ? 612  VAL A C   1 
ATOM   172  O O   . VAL A 1 22  ? 17.022  -2.822  7.417   1.00 33.53 ? 612  VAL A O   1 
ATOM   173  C CB  . VAL A 1 22  ? 14.533  -3.067  5.527   1.00 38.43 ? 612  VAL A CB  1 
ATOM   174  C CG1 . VAL A 1 22  ? 14.168  -2.466  6.895   1.00 36.19 ? 612  VAL A CG1 1 
ATOM   175  C CG2 . VAL A 1 22  ? 14.703  -1.999  4.485   1.00 41.67 ? 612  VAL A CG2 1 
ATOM   176  N N   . ALA A 1 23  ? 17.762  -2.575  5.320   1.00 41.00 ? 613  ALA A N   1 
ATOM   177  C CA  . ALA A 1 23  ? 18.840  -1.691  5.659   1.00 42.82 ? 613  ALA A CA  1 
ATOM   178  C C   . ALA A 1 23  ? 18.596  -0.412  4.906   1.00 42.61 ? 613  ALA A C   1 
ATOM   179  O O   . ALA A 1 23  ? 17.975  -0.421  3.821   1.00 42.48 ? 613  ALA A O   1 
ATOM   180  C CB  . ALA A 1 23  ? 20.126  -2.272  5.253   1.00 40.79 ? 613  ALA A CB  1 
ATOM   181  N N   . GLU A 1 24  ? 19.047  0.684   5.516   1.00 40.57 ? 614  GLU A N   1 
ATOM   182  C CA  . GLU A 1 24  ? 19.120  1.974   4.845   1.00 43.74 ? 614  GLU A CA  1 
ATOM   183  C C   . GLU A 1 24  ? 19.641  1.847   3.396   1.00 42.84 ? 614  GLU A C   1 
ATOM   184  O O   . GLU A 1 24  ? 20.571  1.074   3.079   1.00 40.38 ? 614  GLU A O   1 
ATOM   185  C CB  . GLU A 1 24  ? 19.986  2.947   5.664   1.00 45.46 ? 614  GLU A CB  1 
ATOM   186  C CG  . GLU A 1 24  ? 20.349  4.275   4.938   1.00 46.79 ? 614  GLU A CG  1 
ATOM   187  C CD  . GLU A 1 24  ? 20.003  5.521   5.747   1.00 47.28 ? 614  GLU A CD  1 
ATOM   188  O OE1 . GLU A 1 24  ? 19.745  5.362   6.961   1.00 48.20 ? 614  GLU A OE1 1 
ATOM   189  O OE2 . GLU A 1 24  ? 19.963  6.639   5.160   1.00 44.80 ? 614  GLU A OE2 1 
ATOM   190  N N   . ASN A 1 25  ? 18.994  2.609   2.527   1.00 41.90 ? 615  ASN A N   1 
ATOM   191  C CA  . ASN A 1 25  ? 19.305  2.694   1.106   1.00 40.58 ? 615  ASN A CA  1 
ATOM   192  C C   . ASN A 1 25  ? 18.776  1.588   0.257   1.00 39.93 ? 615  ASN A C   1 
ATOM   193  O O   . ASN A 1 25  ? 18.973  1.632   -0.966  1.00 41.61 ? 615  ASN A O   1 
ATOM   194  C CB  . ASN A 1 25  ? 20.797  2.847   0.848   1.00 47.05 ? 615  ASN A CB  1 
ATOM   195  C CG  . ASN A 1 25  ? 21.208  4.306   0.690   1.00 55.53 ? 615  ASN A CG  1 
ATOM   196  O OD1 . ASN A 1 25  ? 20.873  4.961   -0.304  1.00 57.44 ? 615  ASN A OD1 1 
ATOM   197  N ND2 . ASN A 1 25  ? 21.942  4.816   1.670   1.00 51.86 ? 615  ASN A ND2 1 
ATOM   198  N N   . GLU A 1 26  ? 18.113  0.599   0.862   1.00 38.50 ? 616  GLU A N   1 
ATOM   199  C CA  . GLU A 1 26  ? 17.454  -0.443  0.046   1.00 46.92 ? 616  GLU A CA  1 
ATOM   200  C C   . GLU A 1 26  ? 16.001  -0.127  -0.314  1.00 45.38 ? 616  GLU A C   1 
ATOM   201  O O   . GLU A 1 26  ? 15.308  0.616   0.377   1.00 42.80 ? 616  GLU A O   1 
ATOM   202  C CB  . GLU A 1 26  ? 17.509  -1.822  0.700   1.00 39.96 ? 616  GLU A CB  1 
ATOM   203  C CG  . GLU A 1 26  ? 18.900  -2.308  0.831   1.00 46.47 ? 616  GLU A CG  1 
ATOM   204  C CD  . GLU A 1 26  ? 18.996  -3.500  1.742   1.00 59.56 ? 616  GLU A CD  1 
ATOM   205  O OE1 . GLU A 1 26  ? 18.032  -3.725  2.526   1.00 58.77 ? 616  GLU A OE1 1 
ATOM   206  O OE2 . GLU A 1 26  ? 20.032  -4.209  1.655   1.00 53.29 ? 616  GLU A OE2 1 
ATOM   207  N N   . HIS A 1 27  ? 15.573  -0.704  -1.429  1.00 41.46 ? 617  HIS A N   1 
ATOM   208  C CA  . HIS A 1 27  ? 14.197  -0.676  -1.820  1.00 36.82 ? 617  HIS A CA  1 
ATOM   209  C C   . HIS A 1 27  ? 13.359  -1.667  -1.054  1.00 40.45 ? 617  HIS A C   1 
ATOM   210  O O   . HIS A 1 27  ? 13.856  -2.628  -0.484  1.00 43.27 ? 617  HIS A O   1 
ATOM   211  C CB  . HIS A 1 27  ? 14.070  -0.949  -3.283  1.00 34.23 ? 617  HIS A CB  1 
ATOM   212  C CG  . HIS A 1 27  ? 14.566  0.164   -4.127  1.00 39.33 ? 617  HIS A CG  1 
ATOM   213  N ND1 . HIS A 1 27  ? 15.907  0.473   -4.218  1.00 39.84 ? 617  HIS A ND1 1 
ATOM   214  C CD2 . HIS A 1 27  ? 13.907  1.073   -4.878  1.00 42.38 ? 617  HIS A CD2 1 
ATOM   215  C CE1 . HIS A 1 27  ? 16.055  1.516   -5.021  1.00 45.51 ? 617  HIS A CE1 1 
ATOM   216  N NE2 . HIS A 1 27  ? 14.859  1.898   -5.432  1.00 49.69 ? 617  HIS A NE2 1 
ATOM   217  N N   . VAL A 1 28  ? 12.063  -1.387  -1.054  1.00 42.01 ? 618  VAL A N   1 
ATOM   218  C CA  . VAL A 1 28  ? 11.044  -2.182  -0.382  1.00 36.15 ? 618  VAL A CA  1 
ATOM   219  C C   . VAL A 1 28  ? 9.976   -2.142  -1.380  1.00 32.86 ? 618  VAL A C   1 
ATOM   220  O O   . VAL A 1 28  ? 9.669   -1.071  -1.874  1.00 39.24 ? 618  VAL A O   1 
ATOM   221  C CB  . VAL A 1 28  ? 10.525  -1.495  0.881   1.00 33.10 ? 618  VAL A CB  1 
ATOM   222  C CG1 . VAL A 1 28  ? 9.603   -2.399  1.604   1.00 27.10 ? 618  VAL A CG1 1 
ATOM   223  C CG2 . VAL A 1 28  ? 11.711  -1.038  1.759   1.00 27.22 ? 618  VAL A CG2 1 
ATOM   224  N N   . TYR A 1 29  ? 9.449   -3.299  -1.727  1.00 40.29 ? 619  TYR A N   1 
ATOM   225  C CA  . TYR A 1 29  ? 8.409   -3.407  -2.751  1.00 34.43 ? 619  TYR A CA  1 
ATOM   226  C C   . TYR A 1 29  ? 7.146   -3.880  -2.091  1.00 34.05 ? 619  TYR A C   1 
ATOM   227  O O   . TYR A 1 29  ? 7.065   -4.953  -1.528  1.00 34.46 ? 619  TYR A O   1 
ATOM   228  C CB  . TYR A 1 29  ? 8.837   -4.332  -3.865  1.00 31.51 ? 619  TYR A CB  1 
ATOM   229  C CG  . TYR A 1 29  ? 10.142  -3.898  -4.455  1.00 33.75 ? 619  TYR A CG  1 
ATOM   230  C CD1 . TYR A 1 29  ? 11.341  -4.336  -3.924  1.00 37.85 ? 619  TYR A CD1 1 
ATOM   231  C CD2 . TYR A 1 29  ? 10.175  -3.046  -5.536  1.00 35.31 ? 619  TYR A CD2 1 
ATOM   232  C CE1 . TYR A 1 29  ? 12.555  -3.947  -4.473  1.00 37.24 ? 619  TYR A CE1 1 
ATOM   233  C CE2 . TYR A 1 29  ? 11.361  -2.642  -6.081  1.00 37.19 ? 619  TYR A CE2 1 
ATOM   234  C CZ  . TYR A 1 29  ? 12.553  -3.097  -5.547  1.00 37.38 ? 619  TYR A CZ  1 
ATOM   235  O OH  . TYR A 1 29  ? 13.732  -2.700  -6.114  1.00 36.47 ? 619  TYR A OH  1 
ATOM   236  N N   . VAL A 1 30  ? 6.182   -2.990  -2.113  1.00 34.01 ? 620  VAL A N   1 
ATOM   237  C CA  . VAL A 1 30  ? 4.944   -3.192  -1.433  1.00 35.74 ? 620  VAL A CA  1 
ATOM   238  C C   . VAL A 1 30  ? 3.905   -3.543  -2.470  1.00 33.92 ? 620  VAL A C   1 
ATOM   239  O O   . VAL A 1 30  ? 3.884   -3.013  -3.583  1.00 31.55 ? 620  VAL A O   1 
ATOM   240  C CB  . VAL A 1 30  ? 4.536   -1.917  -0.697  1.00 35.33 ? 620  VAL A CB  1 
ATOM   241  C CG1 . VAL A 1 30  ? 3.368   -2.188  0.288   1.00 35.86 ? 620  VAL A CG1 1 
ATOM   242  C CG2 . VAL A 1 30  ? 5.724   -1.361  0.017   1.00 25.97 ? 620  VAL A CG2 1 
ATOM   243  N N   . GLU A 1 31  ? 3.066   -4.485  -2.083  1.00 36.34 ? 621  GLU A N   1 
ATOM   244  C CA  . GLU A 1 31  ? 1.917   -4.826  -2.860  1.00 34.06 ? 621  GLU A CA  1 
ATOM   245  C C   . GLU A 1 31  ? 0.702   -4.894  -1.978  1.00 35.14 ? 621  GLU A C   1 
ATOM   246  O O   . GLU A 1 31  ? 0.650   -5.601  -0.965  1.00 31.03 ? 621  GLU A O   1 
ATOM   247  C CB  . GLU A 1 31  ? 2.115   -6.129  -3.596  1.00 33.30 ? 621  GLU A CB  1 
ATOM   248  C CG  . GLU A 1 31  ? 1.095   -6.397  -4.672  1.00 39.08 ? 621  GLU A CG  1 
ATOM   249  C CD  . GLU A 1 31  ? 1.244   -7.772  -5.191  1.00 45.54 ? 621  GLU A CD  1 
ATOM   250  O OE1 . GLU A 1 31  ? 0.975   -8.711  -4.396  1.00 48.09 ? 621  GLU A OE1 1 
ATOM   251  O OE2 . GLU A 1 31  ? 1.690   -7.905  -6.361  1.00 45.03 ? 621  GLU A OE2 1 
ATOM   252  N N   . VAL A 1 32  ? -0.303  -4.146  -2.413  1.00 34.12 ? 622  VAL A N   1 
ATOM   253  C CA  . VAL A 1 32  ? -1.554  -4.158  -1.743  1.00 31.56 ? 622  VAL A CA  1 
ATOM   254  C C   . VAL A 1 32  ? -2.596  -4.664  -2.670  1.00 34.05 ? 622  VAL A C   1 
ATOM   255  O O   . VAL A 1 32  ? -2.520  -4.471  -3.865  1.00 35.38 ? 622  VAL A O   1 
ATOM   256  C CB  . VAL A 1 32  ? -1.982  -2.813  -1.319  1.00 38.49 ? 622  VAL A CB  1 
ATOM   257  C CG1 . VAL A 1 32  ? -3.296  -2.971  -0.579  1.00 44.80 ? 622  VAL A CG1 1 
ATOM   258  C CG2 . VAL A 1 32  ? -0.894  -2.145  -0.439  1.00 31.63 ? 622  VAL A CG2 1 
ATOM   259  N N   . SER A 1 33  ? -3.574  -5.315  -2.068  1.00 34.28 ? 623  SER A N   1 
ATOM   260  C CA  . SER A 1 33  ? -4.546  -6.045  -2.786  1.00 40.30 ? 623  SER A CA  1 
ATOM   261  C C   . SER A 1 33  ? -5.912  -6.117  -2.067  1.00 42.17 ? 623  SER A C   1 
ATOM   262  O O   . SER A 1 33  ? -6.028  -6.309  -0.830  1.00 37.27 ? 623  SER A O   1 
ATOM   263  C CB  . SER A 1 33  ? -3.982  -7.432  -3.081  1.00 38.19 ? 623  SER A CB  1 
ATOM   264  O OG  . SER A 1 33  ? -4.201  -8.276  -1.991  1.00 43.57 ? 623  SER A OG  1 
ATOM   265  N N   . VAL A 1 34  ? -6.943  -5.934  -2.895  1.00 43.32 ? 624  VAL A N   1 
ATOM   266  C CA  . VAL A 1 34  ? -8.327  -6.136  -2.500  1.00 39.61 ? 624  VAL A CA  1 
ATOM   267  C C   . VAL A 1 34  ? -8.978  -7.210  -3.328  1.00 36.18 ? 624  VAL A C   1 
ATOM   268  O O   . VAL A 1 34  ? -8.848  -7.264  -4.544  1.00 32.40 ? 624  VAL A O   1 
ATOM   269  C CB  . VAL A 1 34  ? -9.167  -4.827  -2.615  1.00 47.13 ? 624  VAL A CB  1 
ATOM   270  C CG1 . VAL A 1 34  ? -10.632 -5.059  -2.201  1.00 37.23 ? 624  VAL A CG1 1 
ATOM   271  C CG2 . VAL A 1 34  ? -8.540  -3.736  -1.755  1.00 46.93 ? 624  VAL A CG2 1 
ATOM   272  N N   . THR A 1 35  ? -9.733  -8.025  -2.613  1.00 35.80 ? 625  THR A N   1 
ATOM   273  C CA  . THR A 1 35  ? -10.330 -9.229  -3.135  1.00 41.15 ? 625  THR A CA  1 
ATOM   274  C C   . THR A 1 35  ? -11.805 -9.109  -2.997  1.00 38.18 ? 625  THR A C   1 
ATOM   275  O O   . THR A 1 35  ? -12.319 -9.161  -1.868  1.00 35.98 ? 625  THR A O   1 
ATOM   276  C CB  . THR A 1 35  ? -9.911  -10.456 -2.271  1.00 46.89 ? 625  THR A CB  1 
ATOM   277  O OG1 . THR A 1 35  ? -8.504  -10.665 -2.393  1.00 45.56 ? 625  THR A OG1 1 
ATOM   278  C CG2 . THR A 1 35  ? -10.643 -11.730 -2.691  1.00 47.82 ? 625  THR A CG2 1 
ATOM   279  N N   . LYS A 1 36  ? -12.495 -9.000  -4.133  1.00 41.30 ? 626  LYS A N   1 
ATOM   280  C CA  . LYS A 1 36  ? -13.927 -8.647  -4.115  1.00 45.54 ? 626  LYS A CA  1 
ATOM   281  C C   . LYS A 1 36  ? -14.806 -9.108  -5.326  1.00 44.36 ? 626  LYS A C   1 
ATOM   282  O O   . LYS A 1 36  ? -14.300 -9.370  -6.412  1.00 43.53 ? 626  LYS A O   1 
ATOM   283  C CB  . LYS A 1 36  ? -14.048 -7.119  -3.908  1.00 38.84 ? 626  LYS A CB  1 
ATOM   284  C CG  . LYS A 1 36  ? -13.747 -6.273  -5.133  1.00 36.56 ? 626  LYS A CG  1 
ATOM   285  C CD  . LYS A 1 36  ? -12.298 -6.172  -5.474  1.00 41.00 ? 626  LYS A CD  1 
ATOM   286  C CE  . LYS A 1 36  ? -12.082 -5.289  -6.692  1.00 50.67 ? 626  LYS A CE  1 
ATOM   287  N NZ  . LYS A 1 36  ? -12.968 -5.602  -7.857  1.00 53.88 ? 626  LYS A NZ  1 
ATOM   288  N N   . ALA A 1 37  ? -16.131 -9.149  -5.113  1.00 47.73 ? 627  ALA A N   1 
ATOM   289  C CA  . ALA A 1 37  ? -17.143 -9.461  -6.153  1.00 38.04 ? 627  ALA A CA  1 
ATOM   290  C C   . ALA A 1 37  ? -17.534 -8.273  -7.023  1.00 38.81 ? 627  ALA A C   1 
ATOM   291  O O   . ALA A 1 37  ? -17.554 -8.336  -8.234  1.00 45.26 ? 627  ALA A O   1 
ATOM   292  C CB  . ALA A 1 37  ? -18.371 -10.026 -5.508  1.00 35.84 ? 627  ALA A CB  1 
ATOM   293  N N   . ASP A 1 38  ? -17.854 -7.165  -6.405  1.00 42.96 ? 628  ASP A N   1 
ATOM   294  C CA  . ASP A 1 38  ? -18.187 -5.994  -7.170  1.00 41.96 ? 628  ASP A CA  1 
ATOM   295  C C   . ASP A 1 38  ? -17.064 -5.707  -8.176  1.00 46.04 ? 628  ASP A C   1 
ATOM   296  O O   . ASP A 1 38  ? -15.897 -5.693  -7.828  1.00 47.84 ? 628  ASP A O   1 
ATOM   297  C CB  . ASP A 1 38  ? -18.392 -4.839  -6.193  1.00 41.54 ? 628  ASP A CB  1 
ATOM   298  C CG  . ASP A 1 38  ? -18.990 -3.624  -6.833  1.00 48.30 ? 628  ASP A CG  1 
ATOM   299  O OD1 . ASP A 1 38  ? -19.024 -3.514  -8.077  1.00 49.91 ? 628  ASP A OD1 1 
ATOM   300  O OD2 . ASP A 1 38  ? -19.415 -2.748  -6.063  1.00 50.09 ? 628  ASP A OD2 1 
ATOM   301  N N   . GLN A 1 39  ? -17.423 -5.459  -9.428  1.00 49.37 ? 629  GLN A N   1 
ATOM   302  C CA  . GLN A 1 39  ? -16.439 -5.117  -10.445 1.00 53.17 ? 629  GLN A CA  1 
ATOM   303  C C   . GLN A 1 39  ? -16.377 -3.616  -10.736 1.00 52.14 ? 629  GLN A C   1 
ATOM   304  O O   . GLN A 1 39  ? -15.547 -3.176  -11.504 1.00 58.68 ? 629  GLN A O   1 
ATOM   305  C CB  . GLN A 1 39  ? -16.739 -5.877  -11.726 1.00 56.77 ? 629  GLN A CB  1 
ATOM   306  C CG  . GLN A 1 39  ? -17.584 -7.134  -11.507 1.00 67.59 ? 629  GLN A CG  1 
ATOM   307  C CD  . GLN A 1 39  ? -17.365 -8.206  -12.591 1.00 82.81 ? 629  GLN A CD  1 
ATOM   308  O OE1 . GLN A 1 39  ? -16.272 -8.307  -13.161 1.00 85.65 ? 629  GLN A OE1 1 
ATOM   309  N NE2 . GLN A 1 39  ? -18.411 -9.004  -12.878 1.00 77.19 ? 629  GLN A NE2 1 
ATOM   310  N N   . ASP A 1 40  ? -17.256 -2.829  -10.129 1.00 54.12 ? 630  ASP A N   1 
ATOM   311  C CA  . ASP A 1 40  ? -17.171 -1.367  -10.238 1.00 54.68 ? 630  ASP A CA  1 
ATOM   312  C C   . ASP A 1 40  ? -16.290 -0.817  -9.138  1.00 57.70 ? 630  ASP A C   1 
ATOM   313  O O   . ASP A 1 40  ? -16.033 0.388   -9.104  1.00 62.45 ? 630  ASP A O   1 
ATOM   314  C CB  . ASP A 1 40  ? -18.521 -0.679  -10.026 1.00 56.72 ? 630  ASP A CB  1 
ATOM   315  C CG  . ASP A 1 40  ? -19.590 -1.128  -10.987 1.00 61.18 ? 630  ASP A CG  1 
ATOM   316  O OD1 . ASP A 1 40  ? -19.335 -1.199  -12.216 1.00 60.66 ? 630  ASP A OD1 1 
ATOM   317  O OD2 . ASP A 1 40  ? -20.709 -1.380  -10.486 1.00 61.78 ? 630  ASP A OD2 1 
ATOM   318  N N   . LEU A 1 41  ? -15.895 -1.684  -8.205  1.00 52.25 ? 631  LEU A N   1 
ATOM   319  C CA  . LEU A 1 41  ? -15.198 -1.273  -6.998  1.00 49.86 ? 631  LEU A CA  1 
ATOM   320  C C   . LEU A 1 41  ? -13.697 -1.296  -7.205  1.00 54.49 ? 631  LEU A C   1 
ATOM   321  O O   . LEU A 1 41  ? -13.123 -2.355  -7.474  1.00 57.32 ? 631  LEU A O   1 
ATOM   322  C CB  . LEU A 1 41  ? -15.546 -2.201  -5.827  1.00 44.09 ? 631  LEU A CB  1 
ATOM   323  C CG  . LEU A 1 41  ? -15.009 -1.770  -4.447  1.00 40.25 ? 631  LEU A CG  1 
ATOM   324  C CD1 . LEU A 1 41  ? -15.851 -0.684  -3.839  1.00 43.16 ? 631  LEU A CD1 1 
ATOM   325  C CD2 . LEU A 1 41  ? -14.941 -2.895  -3.489  1.00 36.85 ? 631  LEU A CD2 1 
ATOM   326  N N   . GLY A 1 42  ? -13.061 -0.128  -7.079  1.00 50.44 ? 632  GLY A N   1 
ATOM   327  C CA  . GLY A 1 42  ? -11.613 -0.057  -6.984  1.00 44.92 ? 632  GLY A CA  1 
ATOM   328  C C   . GLY A 1 42  ? -11.127 0.374   -5.604  1.00 42.23 ? 632  GLY A C   1 
ATOM   329  O O   . GLY A 1 42  ? -11.833 0.348   -4.585  1.00 39.65 ? 632  GLY A O   1 
ATOM   330  N N   . PHE A 1 43  ? -9.868  0.776   -5.577  1.00 46.92 ? 633  PHE A N   1 
ATOM   331  C CA  . PHE A 1 43  ? -9.267  1.299   -4.372  1.00 41.75 ? 633  PHE A CA  1 
ATOM   332  C C   . PHE A 1 43  ? -8.094  2.169   -4.769  1.00 43.46 ? 633  PHE A C   1 
ATOM   333  O O   . PHE A 1 43  ? -7.608  2.139   -5.911  1.00 39.87 ? 633  PHE A O   1 
ATOM   334  C CB  . PHE A 1 43  ? -8.859  0.167   -3.405  1.00 41.81 ? 633  PHE A CB  1 
ATOM   335  C CG  . PHE A 1 43  ? -7.567  -0.560  -3.769  1.00 42.26 ? 633  PHE A CG  1 
ATOM   336  C CD1 . PHE A 1 43  ? -7.566  -1.608  -4.667  1.00 43.13 ? 633  PHE A CD1 1 
ATOM   337  C CD2 . PHE A 1 43  ? -6.365  -0.220  -3.171  1.00 38.12 ? 633  PHE A CD2 1 
ATOM   338  C CE1 . PHE A 1 43  ? -6.399  -2.277  -4.981  1.00 42.01 ? 633  PHE A CE1 1 
ATOM   339  C CE2 . PHE A 1 43  ? -5.196  -0.897  -3.497  1.00 41.98 ? 633  PHE A CE2 1 
ATOM   340  C CZ  . PHE A 1 43  ? -5.219  -1.927  -4.389  1.00 40.13 ? 633  PHE A CZ  1 
ATOM   341  N N   . ALA A 1 44  ? -7.675  3.002   -3.828  1.00 42.98 ? 634  ALA A N   1 
ATOM   342  C CA  . ALA A 1 44  ? -6.394  3.675   -3.962  1.00 37.94 ? 634  ALA A CA  1 
ATOM   343  C C   . ALA A 1 44  ? -5.630  3.608   -2.655  1.00 40.10 ? 634  ALA A C   1 
ATOM   344  O O   . ALA A 1 44  ? -6.190  3.289   -1.589  1.00 40.83 ? 634  ALA A O   1 
ATOM   345  C CB  . ALA A 1 44  ? -6.574  5.094   -4.433  1.00 45.27 ? 634  ALA A CB  1 
ATOM   346  N N   . ILE A 1 45  ? -4.339  3.902   -2.759  1.00 37.67 ? 635  ILE A N   1 
ATOM   347  C CA  . ILE A 1 45  ? -3.467  3.934   -1.600  1.00 39.75 ? 635  ILE A CA  1 
ATOM   348  C C   . ILE A 1 45  ? -3.387  5.361   -1.072  1.00 35.91 ? 635  ILE A C   1 
ATOM   349  O O   . ILE A 1 45  ? -2.731  6.227   -1.661  1.00 36.72 ? 635  ILE A O   1 
ATOM   350  C CB  . ILE A 1 45  ? -2.072  3.265   -1.925  1.00 42.56 ? 635  ILE A CB  1 
ATOM   351  C CG1 . ILE A 1 45  ? -2.293  1.822   -2.436  1.00 37.46 ? 635  ILE A CG1 1 
ATOM   352  C CG2 . ILE A 1 45  ? -1.165  3.270   -0.705  1.00 40.25 ? 635  ILE A CG2 1 
ATOM   353  C CD1 . ILE A 1 45  ? -1.044  1.002   -2.624  1.00 40.84 ? 635  ILE A CD1 1 
ATOM   354  N N   . GLN A 1 46  ? -4.094  5.558   0.046   1.00 34.35 ? 636  GLN A N   1 
ATOM   355  C CA  . GLN A 1 46  ? -4.338  6.857   0.689   1.00 37.97 ? 636  GLN A CA  1 
ATOM   356  C C   . GLN A 1 46  ? -3.131  7.384   1.459   1.00 40.57 ? 636  GLN A C   1 
ATOM   357  O O   . GLN A 1 46  ? -2.617  8.437   1.172   1.00 39.44 ? 636  GLN A O   1 
ATOM   358  C CB  . GLN A 1 46  ? -5.485  6.699   1.674   1.00 36.32 ? 636  GLN A CB  1 
ATOM   359  C CG  . GLN A 1 46  ? -5.981  7.967   2.311   1.00 37.92 ? 636  GLN A CG  1 
ATOM   360  C CD  . GLN A 1 46  ? -6.837  8.784   1.365   1.00 50.91 ? 636  GLN A CD  1 
ATOM   361  O OE1 . GLN A 1 46  ? -6.323  9.590   0.594   1.00 55.98 ? 636  GLN A OE1 1 
ATOM   362  N NE2 . GLN A 1 46  ? -8.149  8.557   1.395   1.00 48.67 ? 636  GLN A NE2 1 
ATOM   363  N N   . THR A 1 47  ? -2.685  6.619   2.436   1.00 36.75 ? 637  THR A N   1 
ATOM   364  C CA  . THR A 1 47  ? -1.571  7.008   3.243   1.00 41.64 ? 637  THR A CA  1 
ATOM   365  C C   . THR A 1 47  ? -0.705  5.796   3.498   1.00 40.63 ? 637  THR A C   1 
ATOM   366  O O   . THR A 1 47  ? -1.205  4.684   3.497   1.00 41.21 ? 637  THR A O   1 
ATOM   367  C CB  . THR A 1 47  ? -2.086  7.577   4.562   1.00 48.07 ? 637  THR A CB  1 
ATOM   368  O OG1 . THR A 1 47  ? -3.315  8.254   4.293   1.00 46.41 ? 637  THR A OG1 1 
ATOM   369  C CG2 . THR A 1 47  ? -1.046  8.543   5.245   1.00 39.60 ? 637  THR A CG2 1 
ATOM   370  N N   . CYS A 1 48  ? 0.607   6.046   3.609   1.00 43.06 ? 638  CYS A N   1 
ATOM   371  C CA  . CYS A 1 48  ? 1.628   5.091   4.062   1.00 38.70 ? 638  CYS A CA  1 
ATOM   372  C C   . CYS A 1 48  ? 2.657   5.803   4.919   1.00 39.57 ? 638  CYS A C   1 
ATOM   373  O O   . CYS A 1 48  ? 3.205   6.830   4.524   1.00 40.30 ? 638  CYS A O   1 
ATOM   374  C CB  . CYS A 1 48  ? 2.382   4.486   2.905   1.00 35.45 ? 638  CYS A CB  1 
ATOM   375  S SG  . CYS A 1 48  ? 1.484   3.213   2.112   1.00 52.60 ? 638  CYS A SG  1 
ATOM   376  N N   . PHE A 1 49  ? 2.933   5.255   6.089   1.00 34.92 ? 639  PHE A N   1 
ATOM   377  C CA  . PHE A 1 49  ? 4.004   5.793   6.908   1.00 36.53 ? 639  PHE A CA  1 
ATOM   378  C C   . PHE A 1 49  ? 4.730   4.693   7.714   1.00 36.27 ? 639  PHE A C   1 
ATOM   379  O O   . PHE A 1 49  ? 4.127   3.683   8.100   1.00 35.14 ? 639  PHE A O   1 
ATOM   380  C CB  . PHE A 1 49  ? 3.462   6.891   7.828   1.00 34.71 ? 639  PHE A CB  1 
ATOM   381  C CG  . PHE A 1 49  ? 2.406   6.421   8.784   1.00 35.28 ? 639  PHE A CG  1 
ATOM   382  C CD1 . PHE A 1 49  ? 1.109   6.238   8.366   1.00 40.19 ? 639  PHE A CD1 1 
ATOM   383  C CD2 . PHE A 1 49  ? 2.709   6.171   10.109  1.00 33.75 ? 639  PHE A CD2 1 
ATOM   384  C CE1 . PHE A 1 49  ? 0.126   5.802   9.271   1.00 38.32 ? 639  PHE A CE1 1 
ATOM   385  C CE2 . PHE A 1 49  ? 1.754   5.741   11.000  1.00 37.65 ? 639  PHE A CE2 1 
ATOM   386  C CZ  . PHE A 1 49  ? 0.460   5.558   10.590  1.00 36.22 ? 639  PHE A CZ  1 
ATOM   387  N N   . ILE A 1 50  ? 6.025   4.892   7.961   1.00 29.57 ? 640  ILE A N   1 
ATOM   388  C CA  . ILE A 1 50  ? 6.737   4.022   8.867   1.00 31.35 ? 640  ILE A CA  1 
ATOM   389  C C   . ILE A 1 50  ? 6.660   4.598   10.299  1.00 33.54 ? 640  ILE A C   1 
ATOM   390  O O   . ILE A 1 50  ? 6.644   5.795   10.499  1.00 36.81 ? 640  ILE A O   1 
ATOM   391  C CB  . ILE A 1 50  ? 8.177   3.821   8.428   1.00 31.84 ? 640  ILE A CB  1 
ATOM   392  C CG1 . ILE A 1 50  ? 8.235   3.031   7.145   1.00 26.24 ? 640  ILE A CG1 1 
ATOM   393  C CG2 . ILE A 1 50  ? 8.994   3.120   9.509   1.00 26.53 ? 640  ILE A CG2 1 
ATOM   394  C CD1 . ILE A 1 50  ? 9.234   3.562   6.193   1.00 31.40 ? 640  ILE A CD1 1 
ATOM   395  N N   . SER A 1 51  ? 6.616   3.709   11.274  1.00 29.77 ? 641  SER A N   1 
ATOM   396  C CA  . SER A 1 51  ? 6.434   4.055   12.640  1.00 30.50 ? 641  SER A CA  1 
ATOM   397  C C   . SER A 1 51  ? 6.866   2.861   13.497  1.00 35.18 ? 641  SER A C   1 
ATOM   398  O O   . SER A 1 51  ? 6.707   1.741   13.100  1.00 40.89 ? 641  SER A O   1 
ATOM   399  C CB  . SER A 1 51  ? 4.987   4.362   12.905  1.00 32.34 ? 641  SER A CB  1 
ATOM   400  O OG  . SER A 1 51  ? 4.720   4.349   14.301  1.00 42.97 ? 641  SER A OG  1 
ATOM   401  N N   . PRO A 1 52  ? 7.433   3.115   14.677  1.00 40.37 ? 642  PRO A N   1 
ATOM   402  C CA  . PRO A 1 52  ? 7.783   2.047   15.602  1.00 36.67 ? 642  PRO A CA  1 
ATOM   403  C C   . PRO A 1 52  ? 6.645   1.522   16.446  1.00 38.84 ? 642  PRO A C   1 
ATOM   404  O O   . PRO A 1 52  ? 6.922   0.753   17.359  1.00 41.23 ? 642  PRO A O   1 
ATOM   405  C CB  . PRO A 1 52  ? 8.800   2.720   16.525  1.00 44.03 ? 642  PRO A CB  1 
ATOM   406  C CG  . PRO A 1 52  ? 8.451   4.167   16.472  1.00 41.89 ? 642  PRO A CG  1 
ATOM   407  C CD  . PRO A 1 52  ? 8.016   4.411   15.082  1.00 39.65 ? 642  PRO A CD  1 
ATOM   408  N N   . TYR A 1 53  ? 5.406   1.925   16.186  1.00 39.02 ? 643  TYR A N   1 
ATOM   409  C CA  . TYR A 1 53  ? 4.291   1.431   16.995  1.00 44.54 ? 643  TYR A CA  1 
ATOM   410  C C   . TYR A 1 53  ? 3.376   0.630   16.088  1.00 41.81 ? 643  TYR A C   1 
ATOM   411  O O   . TYR A 1 53  ? 3.302   0.920   14.909  1.00 39.62 ? 643  TYR A O   1 
ATOM   412  C CB  . TYR A 1 53  ? 3.595   2.601   17.737  1.00 42.41 ? 643  TYR A CB  1 
ATOM   413  C CG  . TYR A 1 53  ? 4.609   3.342   18.591  1.00 44.51 ? 643  TYR A CG  1 
ATOM   414  C CD1 . TYR A 1 53  ? 5.034   2.806   19.802  1.00 48.08 ? 643  TYR A CD1 1 
ATOM   415  C CD2 . TYR A 1 53  ? 5.212   4.526   18.157  1.00 42.77 ? 643  TYR A CD2 1 
ATOM   416  C CE1 . TYR A 1 53  ? 5.990   3.415   20.558  1.00 48.29 ? 643  TYR A CE1 1 
ATOM   417  C CE2 . TYR A 1 53  ? 6.179   5.144   18.921  1.00 41.09 ? 643  TYR A CE2 1 
ATOM   418  C CZ  . TYR A 1 53  ? 6.560   4.583   20.122  1.00 54.06 ? 643  TYR A CZ  1 
ATOM   419  O OH  . TYR A 1 53  ? 7.526   5.171   20.917  1.00 68.74 ? 643  TYR A OH  1 
ATOM   420  N N   . SER A 1 54  ? 2.740   -0.410  16.626  1.00 42.86 ? 644  SER A N   1 
ATOM   421  C CA  . SER A 1 54  ? 1.720   -1.154  15.890  1.00 46.34 ? 644  SER A CA  1 
ATOM   422  C C   . SER A 1 54  ? 0.476   -0.272  15.796  1.00 51.03 ? 644  SER A C   1 
ATOM   423  O O   . SER A 1 54  ? -0.436  -0.530  14.997  1.00 48.22 ? 644  SER A O   1 
ATOM   424  C CB  . SER A 1 54  ? 1.407   -2.522  16.530  1.00 43.16 ? 644  SER A CB  1 
ATOM   425  O OG  . SER A 1 54  ? 1.101   -2.457  17.919  1.00 46.54 ? 644  SER A OG  1 
ATOM   426  N N   . ASN A 1 55  ? 0.506   0.800   16.594  1.00 54.94 ? 645  ASN A N   1 
ATOM   427  C CA  . ASN A 1 55  ? -0.511  1.855   16.630  1.00 57.42 ? 645  ASN A CA  1 
ATOM   428  C C   . ASN A 1 55  ? -0.338  3.091   15.701  1.00 61.31 ? 645  ASN A C   1 
ATOM   429  O O   . ASN A 1 55  ? 0.685   3.811   15.743  1.00 56.06 ? 645  ASN A O   1 
ATOM   430  C CB  . ASN A 1 55  ? -0.584  2.363   18.054  1.00 64.14 ? 645  ASN A CB  1 
ATOM   431  C CG  . ASN A 1 55  ? -1.788  3.184   18.294  1.00 70.43 ? 645  ASN A CG  1 
ATOM   432  O OD1 . ASN A 1 55  ? -1.744  4.413   18.184  1.00 78.74 ? 645  ASN A OD1 1 
ATOM   433  N ND2 . ASN A 1 55  ? -2.894  2.521   18.606  1.00 61.66 ? 645  ASN A ND2 1 
ATOM   434  N N   . PRO A 1 56  ? -1.377  3.360   14.884  1.00 69.46 ? 646  PRO A N   1 
ATOM   435  C CA  . PRO A 1 56  ? -1.476  4.493   13.949  1.00 73.91 ? 646  PRO A CA  1 
ATOM   436  C C   . PRO A 1 56  ? -2.070  5.797   14.533  1.00 77.90 ? 646  PRO A C   1 
ATOM   437  O O   . PRO A 1 56  ? -2.166  6.808   13.806  1.00 79.89 ? 646  PRO A O   1 
ATOM   438  C CB  . PRO A 1 56  ? -2.407  3.942   12.859  1.00 73.74 ? 646  PRO A CB  1 
ATOM   439  C CG  . PRO A 1 56  ? -3.341  3.027   13.620  1.00 75.92 ? 646  PRO A CG  1 
ATOM   440  C CD  . PRO A 1 56  ? -2.491  2.402   14.700  1.00 71.56 ? 646  PRO A CD  1 
ATOM   441  N N   . ASP A 1 57  ? -2.469  5.785   15.805  1.00 75.44 ? 647  ASP A N   1 
ATOM   442  C CA  . ASP A 1 57  ? -3.044  6.985   16.420  1.00 81.79 ? 647  ASP A CA  1 
ATOM   443  C C   . ASP A 1 57  ? -1.898  7.956   16.662  1.00 81.01 ? 647  ASP A C   1 
ATOM   444  O O   . ASP A 1 57  ? -1.984  9.153   16.335  1.00 77.96 ? 647  ASP A O   1 
ATOM   445  C CB  . ASP A 1 57  ? -3.803  6.657   17.720  1.00 88.82 ? 647  ASP A CB  1 
ATOM   446  C CG  . ASP A 1 57  ? -5.198  6.048   17.462  1.00 92.96 ? 647  ASP A CG  1 
ATOM   447  O OD1 . ASP A 1 57  ? -5.887  6.507   16.509  1.00 93.87 ? 647  ASP A OD1 1 
ATOM   448  O OD2 . ASP A 1 57  ? -5.603  5.118   18.217  1.00 88.02 ? 647  ASP A OD2 1 
ATOM   449  N N   . ARG A 1 58  ? -0.821  7.424   17.240  1.00 78.19 ? 648  ARG A N   1 
ATOM   450  C CA  . ARG A 1 58  ? 0.482   8.035   17.060  1.00 77.70 ? 648  ARG A CA  1 
ATOM   451  C C   . ARG A 1 58  ? 0.883   7.698   15.635  1.00 76.61 ? 648  ARG A C   1 
ATOM   452  O O   . ARG A 1 58  ? 1.486   6.651   15.360  1.00 70.33 ? 648  ARG A O   1 
ATOM   453  C CB  . ARG A 1 58  ? 1.518   7.546   18.074  1.00 76.13 ? 648  ARG A CB  1 
ATOM   454  C CG  . ARG A 1 58  ? 1.676   8.522   19.270  1.00 82.68 ? 648  ARG A CG  1 
ATOM   455  C CD  . ARG A 1 58  ? 0.320   8.987   19.843  1.00 78.34 ? 648  ARG A CD  1 
ATOM   456  N NE  . ARG A 1 58  ? -0.578  7.986   20.461  1.00 83.86 ? 648  ARG A NE  1 
ATOM   457  C CZ  . ARG A 1 58  ? -0.332  6.696   20.769  1.00 80.79 ? 648  ARG A CZ  1 
ATOM   458  N NH1 . ARG A 1 58  ? 0.826   6.056   20.554  1.00 71.99 ? 648  ARG A NH1 1 
ATOM   459  N NH2 . ARG A 1 58  ? -1.311  6.003   21.332  1.00 68.73 ? 648  ARG A NH2 1 
ATOM   460  N N   . MET A 1 59  ? 0.432   8.568   14.733  1.00 76.73 ? 649  MET A N   1 
ATOM   461  C CA  . MET A 1 59  ? 0.954   8.650   13.387  1.00 63.93 ? 649  MET A CA  1 
ATOM   462  C C   . MET A 1 59  ? 2.448   9.024   13.495  1.00 64.88 ? 649  MET A C   1 
ATOM   463  O O   . MET A 1 59  ? 3.042   8.945   14.583  1.00 61.52 ? 649  MET A O   1 
ATOM   464  C CB  . MET A 1 59  ? 0.178   9.705   12.610  1.00 54.23 ? 649  MET A CB  1 
ATOM   465  C CG  . MET A 1 59  ? -0.031  9.355   11.171  1.00 53.25 ? 649  MET A CG  1 
ATOM   466  S SD  . MET A 1 59  ? 1.018   10.232  9.982   1.00 76.98 ? 649  MET A SD  1 
ATOM   467  C CE  . MET A 1 59  ? -0.221  10.467  8.654   1.00 51.93 ? 649  MET A CE  1 
ATOM   468  N N   . SER A 1 60  ? 3.056   9.441   12.388  1.00 59.08 ? 650  SER A N   1 
ATOM   469  C CA  . SER A 1 60  ? 4.498   9.648   12.386  1.00 49.12 ? 650  SER A CA  1 
ATOM   470  C C   . SER A 1 60  ? 4.921   10.650  11.338  1.00 45.46 ? 650  SER A C   1 
ATOM   471  O O   . SER A 1 60  ? 4.186   10.971  10.403  1.00 44.09 ? 650  SER A O   1 
ATOM   472  C CB  . SER A 1 60  ? 5.243   8.306   12.181  1.00 42.74 ? 650  SER A CB  1 
ATOM   473  O OG  . SER A 1 60  ? 5.797   8.174   10.864  1.00 39.41 ? 650  SER A OG  1 
ATOM   474  N N   . ASP A 1 61  ? 6.136   11.135  11.505  1.00 42.75 ? 651  ASP A N   1 
ATOM   475  C CA  . ASP A 1 61  ? 6.641   12.163  10.627  1.00 49.98 ? 651  ASP A CA  1 
ATOM   476  C C   . ASP A 1 61  ? 7.280   11.529  9.400   1.00 47.70 ? 651  ASP A C   1 
ATOM   477  O O   . ASP A 1 61  ? 7.644   12.212  8.436   1.00 51.56 ? 651  ASP A O   1 
ATOM   478  C CB  . ASP A 1 61  ? 7.605   13.078  11.403  1.00 54.58 ? 651  ASP A CB  1 
ATOM   479  C CG  . ASP A 1 61  ? 6.901   13.843  12.558  1.00 58.07 ? 651  ASP A CG  1 
ATOM   480  O OD1 . ASP A 1 61  ? 5.776   14.371  12.353  1.00 47.71 ? 651  ASP A OD1 1 
ATOM   481  O OD2 . ASP A 1 61  ? 7.465   13.900  13.675  1.00 62.40 ? 651  ASP A OD2 1 
ATOM   482  N N   . TYR A 1 62  ? 7.371   10.203  9.430   1.00 45.38 ? 652  TYR A N   1 
ATOM   483  C CA  . TYR A 1 62  ? 7.934   9.424   8.323   1.00 42.29 ? 652  TYR A CA  1 
ATOM   484  C C   . TYR A 1 62  ? 6.840   8.919   7.420   1.00 42.91 ? 652  TYR A C   1 
ATOM   485  O O   . TYR A 1 62  ? 6.400   7.780   7.499   1.00 37.31 ? 652  TYR A O   1 
ATOM   486  C CB  . TYR A 1 62  ? 8.734   8.247   8.845   1.00 39.31 ? 652  TYR A CB  1 
ATOM   487  C CG  . TYR A 1 62  ? 9.600   7.617   7.819   1.00 36.36 ? 652  TYR A CG  1 
ATOM   488  C CD1 . TYR A 1 62  ? 9.514   7.978   6.458   1.00 36.58 ? 652  TYR A CD1 1 
ATOM   489  C CD2 . TYR A 1 62  ? 10.491  6.635   8.191   1.00 32.96 ? 652  TYR A CD2 1 
ATOM   490  C CE1 . TYR A 1 62  ? 10.320  7.350   5.507   1.00 37.64 ? 652  TYR A CE1 1 
ATOM   491  C CE2 . TYR A 1 62  ? 11.292  6.023   7.270   1.00 36.85 ? 652  TYR A CE2 1 
ATOM   492  C CZ  . TYR A 1 62  ? 11.226  6.372   5.942   1.00 37.43 ? 652  TYR A CZ  1 
ATOM   493  O OH  . TYR A 1 62  ? 12.073  5.698   5.091   1.00 38.40 ? 652  TYR A OH  1 
ATOM   494  N N   . THR A 1 63  ? 6.441   9.820   6.542   1.00 48.56 ? 653  THR A N   1 
ATOM   495  C CA  . THR A 1 63  ? 5.310   9.645   5.685   1.00 43.99 ? 653  THR A CA  1 
ATOM   496  C C   . THR A 1 63  ? 5.819   9.491   4.266   1.00 44.15 ? 653  THR A C   1 
ATOM   497  O O   . THR A 1 63  ? 6.678   10.239  3.826   1.00 46.23 ? 653  THR A O   1 
ATOM   498  C CB  . THR A 1 63  ? 4.355   10.852  5.846   1.00 41.05 ? 653  THR A CB  1 
ATOM   499  O OG1 . THR A 1 63  ? 3.638   10.729  7.088   1.00 45.78 ? 653  THR A OG1 1 
ATOM   500  C CG2 . THR A 1 63  ? 3.351   10.921  4.715   1.00 49.09 ? 653  THR A CG2 1 
ATOM   501  N N   . ILE A 1 64  ? 5.267   8.497   3.565   1.00 42.86 ? 654  ILE A N   1 
ATOM   502  C CA  . ILE A 1 64  ? 5.691   8.130   2.227   1.00 41.69 ? 654  ILE A CA  1 
ATOM   503  C C   . ILE A 1 64  ? 4.632   8.524   1.208   1.00 41.79 ? 654  ILE A C   1 
ATOM   504  O O   . ILE A 1 64  ? 4.953   8.960   0.095   1.00 40.32 ? 654  ILE A O   1 
ATOM   505  C CB  . ILE A 1 64  ? 5.977   6.594   2.209   1.00 40.25 ? 654  ILE A CB  1 
ATOM   506  C CG1 . ILE A 1 64  ? 7.218   6.281   3.053   1.00 42.40 ? 654  ILE A CG1 1 
ATOM   507  C CG2 . ILE A 1 64  ? 6.186   6.041   0.797   1.00 36.78 ? 654  ILE A CG2 1 
ATOM   508  C CD1 . ILE A 1 64  ? 6.973   5.233   4.091   1.00 39.41 ? 654  ILE A CD1 1 
ATOM   509  N N   . ILE A 1 65  ? 3.367   8.328   1.606   1.00 45.22 ? 655  ILE A N   1 
ATOM   510  C CA  . ILE A 1 65  ? 2.158   8.663   0.826   1.00 45.12 ? 655  ILE A CA  1 
ATOM   511  C C   . ILE A 1 65  ? 1.150   9.273   1.778   1.00 43.01 ? 655  ILE A C   1 
ATOM   512  O O   . ILE A 1 65  ? 0.982   8.760   2.889   1.00 40.89 ? 655  ILE A O   1 
ATOM   513  C CB  . ILE A 1 65  ? 1.457   7.412   0.197   1.00 40.49 ? 655  ILE A CB  1 
ATOM   514  C CG1 . ILE A 1 65  ? 2.281   6.800   -0.925  1.00 42.92 ? 655  ILE A CG1 1 
ATOM   515  C CG2 . ILE A 1 65  ? 0.132   7.773   -0.403  1.00 41.36 ? 655  ILE A CG2 1 
ATOM   516  C CD1 . ILE A 1 65  ? 1.897   5.351   -1.210  1.00 40.26 ? 655  ILE A CD1 1 
ATOM   517  N N   . GLU A 1 66  ? 0.485   10.349  1.333   1.00 43.05 ? 656  GLU A N   1 
ATOM   518  C CA  . GLU A 1 66  ? -0.512  11.068  2.134   1.00 42.38 ? 656  GLU A CA  1 
ATOM   519  C C   . GLU A 1 66  ? -1.587  11.559  1.202   1.00 49.32 ? 656  GLU A C   1 
ATOM   520  O O   . GLU A 1 66  ? -1.263  12.165  0.158   1.00 48.56 ? 656  GLU A O   1 
ATOM   521  C CB  . GLU A 1 66  ? 0.134   12.277  2.804   1.00 45.35 ? 656  GLU A CB  1 
ATOM   522  C CG  . GLU A 1 66  ? -0.384  12.605  4.190   1.00 53.62 ? 656  GLU A CG  1 
ATOM   523  C CD  . GLU A 1 66  ? 0.324   13.809  4.795   1.00 62.72 ? 656  GLU A CD  1 
ATOM   524  O OE1 . GLU A 1 66  ? 0.823   14.669  4.023   1.00 54.14 ? 656  GLU A OE1 1 
ATOM   525  O OE2 . GLU A 1 66  ? 0.390   13.879  6.046   1.00 67.87 ? 656  GLU A OE2 1 
ATOM   526  N N   . ASN A 1 67  ? -2.856  11.302  1.555   1.00 46.22 ? 657  ASN A N   1 
ATOM   527  C CA  . ASN A 1 67  ? -3.981  11.629  0.673   1.00 38.38 ? 657  ASN A CA  1 
ATOM   528  C C   . ASN A 1 67  ? -3.622  11.288  -0.759  1.00 47.13 ? 657  ASN A C   1 
ATOM   529  O O   . ASN A 1 67  ? -3.692  12.138  -1.655  1.00 51.34 ? 657  ASN A O   1 
ATOM   530  C CB  . ASN A 1 67  ? -4.331  13.110  0.772   1.00 44.33 ? 657  ASN A CB  1 
ATOM   531  C CG  . ASN A 1 67  ? -4.619  13.550  2.209   1.00 55.74 ? 657  ASN A CG  1 
ATOM   532  O OD1 . ASN A 1 67  ? -5.323  12.854  2.954   1.00 59.45 ? 657  ASN A OD1 1 
ATOM   533  N ND2 . ASN A 1 67  ? -4.043  14.689  2.612   1.00 39.03 ? 657  ASN A ND2 1 
ATOM   534  N N   . ILE A 1 68  ? -3.186  10.043  -0.938  1.00 46.01 ? 658  ILE A N   1 
ATOM   535  C CA  . ILE A 1 68  ? -2.908  9.428   -2.240  1.00 45.00 ? 658  ILE A CA  1 
ATOM   536  C C   . ILE A 1 68  ? -1.740  10.077  -2.911  1.00 43.82 ? 658  ILE A C   1 
ATOM   537  O O   . ILE A 1 68  ? -1.327  9.655   -3.975  1.00 45.76 ? 658  ILE A O   1 
ATOM   538  C CB  . ILE A 1 68  ? -4.164  9.369   -3.193  1.00 46.98 ? 658  ILE A CB  1 
ATOM   539  C CG1 . ILE A 1 68  ? -5.238  8.440   -2.636  1.00 41.60 ? 658  ILE A CG1 1 
ATOM   540  C CG2 . ILE A 1 68  ? -3.827  8.788   -4.573  1.00 46.42 ? 658  ILE A CG2 1 
ATOM   541  C CD1 . ILE A 1 68  ? -6.575  8.628   -3.266  1.00 46.08 ? 658  ILE A CD1 1 
ATOM   542  N N   . CYS A 1 69  ? -1.155  11.084  -2.287  1.00 48.69 ? 659  CYS A N   1 
ATOM   543  C CA  . CYS A 1 69  ? 0.026   11.657  -2.899  1.00 50.35 ? 659  CYS A CA  1 
ATOM   544  C C   . CYS A 1 69  ? 1.286   11.126  -2.249  1.00 46.38 ? 659  CYS A C   1 
ATOM   545  O O   . CYS A 1 69  ? 1.384   11.127  -1.010  1.00 39.76 ? 659  CYS A O   1 
ATOM   546  C CB  . CYS A 1 69  ? 0.006   13.181  -2.866  1.00 53.58 ? 659  CYS A CB  1 
ATOM   547  S SG  . CYS A 1 69  ? 1.018   13.921  -4.213  1.00 57.42 ? 659  CYS A SG  1 
ATOM   548  N N   . PRO A 1 70  ? 2.244   10.667  -3.097  1.00 47.02 ? 660  PRO A N   1 
ATOM   549  C CA  . PRO A 1 70  ? 3.664   10.394  -2.797  1.00 45.97 ? 660  PRO A CA  1 
ATOM   550  C C   . PRO A 1 70  ? 4.443   11.576  -2.205  1.00 50.75 ? 660  PRO A C   1 
ATOM   551  O O   . PRO A 1 70  ? 4.729   12.551  -2.909  1.00 50.16 ? 660  PRO A O   1 
ATOM   552  C CB  . PRO A 1 70  ? 4.257   10.012  -4.165  1.00 41.15 ? 660  PRO A CB  1 
ATOM   553  C CG  . PRO A 1 70  ? 3.168   10.324  -5.201  1.00 45.07 ? 660  PRO A CG  1 
ATOM   554  C CD  . PRO A 1 70  ? 1.896   10.200  -4.454  1.00 47.49 ? 660  PRO A CD  1 
ATOM   555  N N   . LYS A 1 71  ? 4.797   11.453  -0.924  1.00 48.19 ? 661  LYS A N   1 
ATOM   556  C CA  . LYS A 1 71  ? 5.448   12.515  -0.167  1.00 46.52 ? 661  LYS A CA  1 
ATOM   557  C C   . LYS A 1 71  ? 6.986   12.315  -0.150  1.00 44.99 ? 661  LYS A C   1 
ATOM   558  O O   . LYS A 1 71  ? 7.756   13.254  -0.359  1.00 43.84 ? 661  LYS A O   1 
ATOM   559  C CB  . LYS A 1 71  ? 4.850   12.583  1.261   1.00 45.72 ? 661  LYS A CB  1 
ATOM   560  C CG  . LYS A 1 71  ? 5.160   13.893  2.004   1.00 54.09 ? 661  LYS A CG  1 
ATOM   561  C CD  . LYS A 1 71  ? 5.338   13.715  3.520   1.00 54.03 ? 661  LYS A CD  1 
ATOM   562  C CE  . LYS A 1 71  ? 4.733   14.874  4.352   1.00 55.99 ? 661  LYS A CE  1 
ATOM   563  N NZ  . LYS A 1 71  ? 4.825   14.632  5.850   1.00 60.00 ? 661  LYS A NZ  1 
ATOM   564  N N   . ASP A 1 72  ? 7.412   11.081  0.085   1.00 44.20 ? 662  ASP A N   1 
ATOM   565  C CA  . ASP A 1 72  ? 8.781   10.663  -0.133  1.00 44.14 ? 662  ASP A CA  1 
ATOM   566  C C   . ASP A 1 72  ? 9.049   10.670  -1.639  1.00 47.07 ? 662  ASP A C   1 
ATOM   567  O O   . ASP A 1 72  ? 8.200   10.302  -2.436  1.00 49.63 ? 662  ASP A O   1 
ATOM   568  C CB  . ASP A 1 72  ? 8.957   9.262   0.467   1.00 44.70 ? 662  ASP A CB  1 
ATOM   569  C CG  . ASP A 1 72  ? 10.423  8.803   0.556   1.00 51.15 ? 662  ASP A CG  1 
ATOM   570  O OD1 . ASP A 1 72  ? 11.281  9.172   -0.286  1.00 53.90 ? 662  ASP A OD1 1 
ATOM   571  O OD2 . ASP A 1 72  ? 10.704  8.015   1.482   1.00 49.25 ? 662  ASP A OD2 1 
ATOM   572  N N   . ASP A 1 73  ? 10.240  11.094  -2.026  1.00 50.63 ? 663  ASP A N   1 
ATOM   573  C CA  . ASP A 1 73  ? 10.605  11.261  -3.439  1.00 52.59 ? 663  ASP A CA  1 
ATOM   574  C C   . ASP A 1 73  ? 11.272  9.999   -4.021  1.00 55.17 ? 663  ASP A C   1 
ATOM   575  O O   . ASP A 1 73  ? 11.527  9.902   -5.231  1.00 53.15 ? 663  ASP A O   1 
ATOM   576  C CB  . ASP A 1 73  ? 11.527  12.477  -3.583  1.00 56.06 ? 663  ASP A CB  1 
ATOM   577  C CG  . ASP A 1 73  ? 12.212  12.866  -2.254  1.00 72.54 ? 663  ASP A CG  1 
ATOM   578  O OD1 . ASP A 1 73  ? 11.576  13.561  -1.411  1.00 67.75 ? 663  ASP A OD1 1 
ATOM   579  O OD2 . ASP A 1 73  ? 13.387  12.460  -2.042  1.00 74.64 ? 663  ASP A OD2 1 
ATOM   580  N N   . SER A 1 74  ? 11.529  9.020   -3.155  1.00 51.67 ? 664  SER A N   1 
ATOM   581  C CA  . SER A 1 74  ? 12.118  7.756   -3.574  1.00 43.24 ? 664  SER A CA  1 
ATOM   582  C C   . SER A 1 74  ? 11.060  6.852   -4.157  1.00 46.25 ? 664  SER A C   1 
ATOM   583  O O   . SER A 1 74  ? 11.363  5.771   -4.689  1.00 44.20 ? 664  SER A O   1 
ATOM   584  C CB  . SER A 1 74  ? 12.755  7.060   -2.391  1.00 38.52 ? 664  SER A CB  1 
ATOM   585  O OG  . SER A 1 74  ? 11.768  6.726   -1.437  1.00 40.13 ? 664  SER A OG  1 
ATOM   586  N N   . VAL A 1 75  ? 9.813   7.308   -4.088  1.00 46.22 ? 665  VAL A N   1 
ATOM   587  C CA  . VAL A 1 75  ? 8.653   6.461   -4.398  1.00 47.03 ? 665  VAL A CA  1 
ATOM   588  C C   . VAL A 1 75  ? 8.403   6.260   -5.888  1.00 43.92 ? 665  VAL A C   1 
ATOM   589  O O   . VAL A 1 75  ? 8.433   7.212   -6.640  1.00 45.60 ? 665  VAL A O   1 
ATOM   590  C CB  . VAL A 1 75  ? 7.392   7.041   -3.732  1.00 45.73 ? 665  VAL A CB  1 
ATOM   591  C CG1 . VAL A 1 75  ? 6.166   6.191   -4.028  1.00 39.11 ? 665  VAL A CG1 1 
ATOM   592  C CG2 . VAL A 1 75  ? 7.622   7.139   -2.246  1.00 44.44 ? 665  VAL A CG2 1 
ATOM   593  N N   . LYS A 1 76  ? 8.185   5.010   -6.298  1.00 43.62 ? 666  LYS A N   1 
ATOM   594  C CA  . LYS A 1 76  ? 7.846   4.661   -7.685  1.00 44.83 ? 666  LYS A CA  1 
ATOM   595  C C   . LYS A 1 76  ? 6.584   3.802   -7.721  1.00 44.21 ? 666  LYS A C   1 
ATOM   596  O O   . LYS A 1 76  ? 6.388   2.919   -6.881  1.00 40.83 ? 666  LYS A O   1 
ATOM   597  C CB  . LYS A 1 76  ? 8.970   3.874   -8.363  1.00 49.18 ? 666  LYS A CB  1 
ATOM   598  C CG  . LYS A 1 76  ? 10.324  4.595   -8.493  1.00 53.34 ? 666  LYS A CG  1 
ATOM   599  C CD  . LYS A 1 76  ? 11.492  3.585   -8.732  1.00 56.34 ? 666  LYS A CD  1 
ATOM   600  C CE  . LYS A 1 76  ? 12.836  4.263   -9.081  1.00 50.06 ? 666  LYS A CE  1 
ATOM   601  N NZ  . LYS A 1 76  ? 14.005  3.341   -8.935  1.00 42.39 ? 666  LYS A NZ  1 
ATOM   602  N N   . PHE A 1 77  ? 5.727   4.055   -8.705  1.00 44.62 ? 667  PHE A N   1 
ATOM   603  C CA  . PHE A 1 77  ? 4.558   3.196   -8.889  1.00 45.56 ? 667  PHE A CA  1 
ATOM   604  C C   . PHE A 1 77  ? 4.737   2.244   -10.035 1.00 47.10 ? 667  PHE A C   1 
ATOM   605  O O   . PHE A 1 77  ? 5.436   2.548   -11.013 1.00 49.88 ? 667  PHE A O   1 
ATOM   606  C CB  . PHE A 1 77  ? 3.271   4.005   -9.038  1.00 37.07 ? 667  PHE A CB  1 
ATOM   607  C CG  . PHE A 1 77  ? 2.704   4.401   -7.741  1.00 42.18 ? 667  PHE A CG  1 
ATOM   608  C CD1 . PHE A 1 77  ? 1.843   3.553   -7.067  1.00 45.16 ? 667  PHE A CD1 1 
ATOM   609  C CD2 . PHE A 1 77  ? 3.085   5.575   -7.137  1.00 44.75 ? 667  PHE A CD2 1 
ATOM   610  C CE1 . PHE A 1 77  ? 1.331   3.898   -5.821  1.00 47.00 ? 667  PHE A CE1 1 
ATOM   611  C CE2 . PHE A 1 77  ? 2.578   5.934   -5.896  1.00 43.61 ? 667  PHE A CE2 1 
ATOM   612  C CZ  . PHE A 1 77  ? 1.698   5.085   -5.236  1.00 46.14 ? 667  PHE A CZ  1 
ATOM   613  N N   . TYR A 1 78  ? 4.116   1.081   -9.875  1.00 44.46 ? 668  TYR A N   1 
ATOM   614  C CA  . TYR A 1 78  ? 4.173   0.009   -10.872 1.00 52.09 ? 668  TYR A CA  1 
ATOM   615  C C   . TYR A 1 78  ? 2.759   -0.314  -11.332 1.00 55.25 ? 668  TYR A C   1 
ATOM   616  O O   . TYR A 1 78  ? 1.783   0.071   -10.671 1.00 56.27 ? 668  TYR A O   1 
ATOM   617  C CB  . TYR A 1 78  ? 4.824   -1.256  -10.292 1.00 43.05 ? 668  TYR A CB  1 
ATOM   618  C CG  . TYR A 1 78  ? 6.216   -1.016  -9.784  1.00 46.06 ? 668  TYR A CG  1 
ATOM   619  C CD1 . TYR A 1 78  ? 7.303   -1.001  -10.656 1.00 47.93 ? 668  TYR A CD1 1 
ATOM   620  C CD2 . TYR A 1 78  ? 6.456   -0.807  -8.428  1.00 45.03 ? 668  TYR A CD2 1 
ATOM   621  C CE1 . TYR A 1 78  ? 8.594   -0.780  -10.192 1.00 52.73 ? 668  TYR A CE1 1 
ATOM   622  C CE2 . TYR A 1 78  ? 7.735   -0.571  -7.962  1.00 43.15 ? 668  TYR A CE2 1 
ATOM   623  C CZ  . TYR A 1 78  ? 8.804   -0.557  -8.844  1.00 47.93 ? 668  TYR A CZ  1 
ATOM   624  O OH  . TYR A 1 78  ? 10.088  -0.318  -8.382  1.00 53.90 ? 668  TYR A OH  1 
ATOM   625  N N   . SER A 1 79  ? 2.656   -1.030  -12.450 1.00 55.96 ? 669  SER A N   1 
ATOM   626  C CA  . SER A 1 79  ? 1.362   -1.426  -13.004 1.00 51.49 ? 669  SER A CA  1 
ATOM   627  C C   . SER A 1 79  ? 0.536   -2.178  -11.998 1.00 48.31 ? 669  SER A C   1 
ATOM   628  O O   . SER A 1 79  ? 1.044   -2.939  -11.190 1.00 51.63 ? 669  SER A O   1 
ATOM   629  C CB  . SER A 1 79  ? 1.542   -2.291  -14.247 1.00 57.12 ? 669  SER A CB  1 
ATOM   630  O OG  . SER A 1 79  ? 1.870   -1.494  -15.383 1.00 63.64 ? 669  SER A OG  1 
ATOM   631  N N   . SER A 1 80  ? -0.759  -1.928  -12.050 1.00 53.08 ? 670  SER A N   1 
ATOM   632  C CA  . SER A 1 80  ? -1.711  -2.559  -11.159 1.00 54.45 ? 670  SER A CA  1 
ATOM   633  C C   . SER A 1 80  ? -2.111  -3.848  -11.833 1.00 52.53 ? 670  SER A C   1 
ATOM   634  O O   . SER A 1 80  ? -1.829  -4.039  -13.002 1.00 54.17 ? 670  SER A O   1 
ATOM   635  C CB  . SER A 1 80  ? -2.912  -1.632  -10.934 1.00 49.15 ? 670  SER A CB  1 
ATOM   636  O OG  . SER A 1 80  ? -2.476  -0.275  -10.818 1.00 48.25 ? 670  SER A OG  1 
ATOM   637  N N   . LYS A 1 81  ? -2.734  -4.746  -11.095 1.00 51.31 ? 671  LYS A N   1 
ATOM   638  C CA  . LYS A 1 81  ? -2.994  -6.066  -11.629 1.00 55.92 ? 671  LYS A CA  1 
ATOM   639  C C   . LYS A 1 81  ? -4.309  -6.601  -11.093 1.00 58.56 ? 671  LYS A C   1 
ATOM   640  O O   . LYS A 1 81  ? -4.435  -6.921  -9.917  1.00 55.73 ? 671  LYS A O   1 
ATOM   641  C CB  . LYS A 1 81  ? -1.812  -7.017  -11.345 1.00 59.17 ? 671  LYS A CB  1 
ATOM   642  C CG  . LYS A 1 81  ? -0.448  -6.536  -11.958 1.00 65.04 ? 671  LYS A CG  1 
ATOM   643  C CD  . LYS A 1 81  ? 0.442   -7.688  -12.501 1.00 65.83 ? 671  LYS A CD  1 
ATOM   644  C CE  . LYS A 1 81  ? 1.299   -7.218  -13.718 1.00 66.04 ? 671  LYS A CE  1 
ATOM   645  N NZ  . LYS A 1 81  ? 2.066   -8.308  -14.427 1.00 53.76 ? 671  LYS A NZ  1 
ATOM   646  N N   . ARG A 1 82  ? -5.302  -6.646  -11.983 1.00 68.27 ? 672  ARG A N   1 
ATOM   647  C CA  . ARG A 1 82  ? -6.573  -7.324  -11.716 1.00 65.21 ? 672  ARG A CA  1 
ATOM   648  C C   . ARG A 1 82  ? -6.479  -8.774  -12.205 1.00 65.91 ? 672  ARG A C   1 
ATOM   649  O O   . ARG A 1 82  ? -6.233  -9.022  -13.388 1.00 66.03 ? 672  ARG A O   1 
ATOM   650  C CB  . ARG A 1 82  ? -7.755  -6.629  -12.413 1.00 66.62 ? 672  ARG A CB  1 
ATOM   651  C CG  . ARG A 1 82  ? -7.901  -5.107  -12.192 1.00 69.79 ? 672  ARG A CG  1 
ATOM   652  C CD  . ARG A 1 82  ? -9.164  -4.562  -12.942 1.00 74.54 ? 672  ARG A CD  1 
ATOM   653  N NE  . ARG A 1 82  ? -9.187  -3.094  -13.092 1.00 80.24 ? 672  ARG A NE  1 
ATOM   654  C CZ  . ARG A 1 82  ? -10.116 -2.403  -13.763 1.00 75.67 ? 672  ARG A CZ  1 
ATOM   655  N NH1 . ARG A 1 82  ? -11.125 -3.024  -14.364 1.00 71.96 ? 672  ARG A NH1 1 
ATOM   656  N NH2 . ARG A 1 82  ? -10.037 -1.079  -13.837 1.00 72.54 ? 672  ARG A NH2 1 
ATOM   657  N N   . VAL A 1 83  ? -6.695  -9.716  -11.284 1.00 68.61 ? 673  VAL A N   1 
ATOM   658  C CA  . VAL A 1 83  ? -6.546  -11.146 -11.558 1.00 66.91 ? 673  VAL A CA  1 
ATOM   659  C C   . VAL A 1 83  ? -7.778  -11.979 -11.140 1.00 67.05 ? 673  VAL A C   1 
ATOM   660  O O   . VAL A 1 83  ? -8.106  -12.143 -9.958  1.00 57.98 ? 673  VAL A O   1 
ATOM   661  C CB  . VAL A 1 83  ? -5.226  -11.718 -10.944 1.00 63.10 ? 673  VAL A CB  1 
ATOM   662  C CG1 . VAL A 1 83  ? -4.024  -11.166 -11.696 1.00 60.40 ? 673  VAL A CG1 1 
ATOM   663  C CG2 . VAL A 1 83  ? -5.101  -11.411 -9.446  1.00 56.02 ? 673  VAL A CG2 1 
ATOM   664  N N   . HIS A 1 84  ? -8.435  -12.520 -12.159 1.00 78.08 ? 674  HIS A N   1 
ATOM   665  C CA  . HIS A 1 84  ? -9.730  -13.150 -12.007 1.00 78.67 ? 674  HIS A CA  1 
ATOM   666  C C   . HIS A 1 84  ? -9.686  -14.552 -11.379 1.00 82.14 ? 674  HIS A C   1 
ATOM   667  O O   . HIS A 1 84  ? -8.932  -15.419 -11.795 1.00 84.72 ? 674  HIS A O   1 
ATOM   668  C CB  . HIS A 1 84  ? -10.392 -13.231 -13.375 1.00 79.28 ? 674  HIS A CB  1 
ATOM   669  C CG  . HIS A 1 84  ? -11.785 -12.676 -13.402 1.00 94.02 ? 674  HIS A CG  1 
ATOM   670  N ND1 . HIS A 1 84  ? -12.052 -11.346 -13.163 1.00 85.12 ? 674  HIS A ND1 1 
ATOM   671  C CD2 . HIS A 1 84  ? -12.979 -13.274 -13.636 1.00 93.86 ? 674  HIS A CD2 1 
ATOM   672  C CE1 . HIS A 1 84  ? -13.360 -11.146 -13.253 1.00 83.59 ? 674  HIS A CE1 1 
ATOM   673  N NE2 . HIS A 1 84  ? -13.943 -12.296 -13.535 1.00 91.41 ? 674  HIS A NE2 1 
ATOM   674  N N   . PHE A 1 85  ? -10.496 -14.758 -10.351 1.00 82.36 ? 675  PHE A N   1 
ATOM   675  C CA  . PHE A 1 85  ? -10.898 -16.099 -9.989  1.00 84.59 ? 675  PHE A CA  1 
ATOM   676  C C   . PHE A 1 85  ? -12.089 -16.423 -10.895 1.00 88.19 ? 675  PHE A C   1 
ATOM   677  O O   . PHE A 1 85  ? -13.132 -15.762 -10.815 1.00 82.13 ? 675  PHE A O   1 
ATOM   678  C CB  . PHE A 1 85  ? -11.305 -16.190 -8.520  1.00 81.63 ? 675  PHE A CB  1 
ATOM   679  C CG  . PHE A 1 85  ? -10.141 -16.262 -7.557  1.00 83.37 ? 675  PHE A CG  1 
ATOM   680  C CD1 . PHE A 1 85  ? -8.882  -15.802 -7.919  1.00 83.58 ? 675  PHE A CD1 1 
ATOM   681  C CD2 . PHE A 1 85  ? -10.314 -16.803 -6.283  1.00 80.88 ? 675  PHE A CD2 1 
ATOM   682  C CE1 . PHE A 1 85  ? -7.808  -15.872 -7.009  1.00 78.62 ? 675  PHE A CE1 1 
ATOM   683  C CE2 . PHE A 1 85  ? -9.262  -16.877 -5.382  1.00 78.61 ? 675  PHE A CE2 1 
ATOM   684  C CZ  . PHE A 1 85  ? -8.008  -16.408 -5.738  1.00 74.90 ? 675  PHE A CZ  1 
ATOM   685  N N   . PRO A 1 86  ? -11.921 -17.424 -11.787 1.00 93.79 ? 676  PRO A N   1 
ATOM   686  C CA  . PRO A 1 86  ? -12.997 -17.867 -12.687 1.00 89.95 ? 676  PRO A CA  1 
ATOM   687  C C   . PRO A 1 86  ? -14.206 -18.472 -11.969 1.00 87.38 ? 676  PRO A C   1 
ATOM   688  O O   . PRO A 1 86  ? -15.326 -17.965 -12.101 1.00 87.37 ? 676  PRO A O   1 
ATOM   689  C CB  . PRO A 1 86  ? -12.312 -18.943 -13.559 1.00 90.84 ? 676  PRO A CB  1 
ATOM   690  C CG  . PRO A 1 86  ? -11.094 -19.359 -12.800 1.00 89.26 ? 676  PRO A CG  1 
ATOM   691  C CD  . PRO A 1 86  ? -10.652 -18.130 -12.067 1.00 85.69 ? 676  PRO A CD  1 
ATOM   692  N N   . ILE A 1 87  ? -13.967 -19.542 -11.213 1.00 88.04 ? 677  ILE A N   1 
ATOM   693  C CA  . ILE A 1 87  ? -15.051 -20.392 -10.695 1.00 91.42 ? 677  ILE A CA  1 
ATOM   694  C C   . ILE A 1 87  ? -15.719 -19.829 -9.411  1.00 91.51 ? 677  ILE A C   1 
ATOM   695  O O   . ILE A 1 87  ? -16.879 -20.144 -9.120  1.00 88.96 ? 677  ILE A O   1 
ATOM   696  C CB  . ILE A 1 87  ? -14.554 -21.876 -10.497 1.00 84.62 ? 677  ILE A CB  1 
ATOM   697  C CG1 . ILE A 1 87  ? -13.450 -22.215 -11.525 1.00 80.17 ? 677  ILE A CG1 1 
ATOM   698  C CG2 . ILE A 1 87  ? -15.730 -22.862 -10.592 1.00 75.27 ? 677  ILE A CG2 1 
ATOM   699  C CD1 . ILE A 1 87  ? -13.087 -23.668 -11.606 1.00 61.76 ? 677  ILE A CD1 1 
ATOM   700  N N   . PRO A 1 88  ? -14.982 -19.001 -8.634  1.00 90.80 ? 678  PRO A N   1 
ATOM   701  C CA  . PRO A 1 88  ? -15.547 -18.317 -7.455  1.00 87.08 ? 678  PRO A CA  1 
ATOM   702  C C   . PRO A 1 88  ? -16.174 -16.946 -7.731  1.00 82.84 ? 678  PRO A C   1 
ATOM   703  O O   . PRO A 1 88  ? -16.603 -16.305 -6.768  1.00 81.35 ? 678  PRO A O   1 
ATOM   704  C CB  . PRO A 1 88  ? -14.328 -18.134 -6.525  1.00 84.94 ? 678  PRO A CB  1 
ATOM   705  C CG  . PRO A 1 88  ? -13.205 -18.952 -7.136  1.00 88.30 ? 678  PRO A CG  1 
ATOM   706  C CD  . PRO A 1 88  ? -13.509 -19.018 -8.602  1.00 90.88 ? 678  PRO A CD  1 
ATOM   707  N N   . HIS A 1 89  ? -16.224 -16.516 -8.993  1.00 82.02 ? 679  HIS A N   1 
ATOM   708  C CA  . HIS A 1 89  ? -16.679 -15.163 -9.375  1.00 81.00 ? 679  HIS A CA  1 
ATOM   709  C C   . HIS A 1 89  ? -15.991 -14.044 -8.565  1.00 81.14 ? 679  HIS A C   1 
ATOM   710  O O   . HIS A 1 89  ? -16.633 -13.288 -7.825  1.00 77.89 ? 679  HIS A O   1 
ATOM   711  C CB  . HIS A 1 89  ? -18.217 -15.045 -9.332  1.00 86.83 ? 679  HIS A CB  1 
ATOM   712  C CG  . HIS A 1 89  ? -18.835 -15.295 -7.978  1.00 93.35 ? 679  HIS A CG  1 
ATOM   713  N ND1 . HIS A 1 89  ? -18.625 -14.464 -6.892  1.00 88.84 ? 679  HIS A ND1 1 
ATOM   714  C CD2 . HIS A 1 89  ? -19.686 -16.261 -7.556  1.00 86.58 ? 679  HIS A CD2 1 
ATOM   715  C CE1 . HIS A 1 89  ? -19.309 -14.921 -5.854  1.00 82.18 ? 679  HIS A CE1 1 
ATOM   716  N NE2 . HIS A 1 89  ? -19.957 -16.009 -6.226  1.00 88.07 ? 679  HIS A NE2 1 
ATOM   717  N N   . ALA A 1 90  ? -14.673 -13.932 -8.723  1.00 80.70 ? 680  ALA A N   1 
ATOM   718  C CA  . ALA A 1 90  ? -13.895 -12.998 -7.908  1.00 71.58 ? 680  ALA A CA  1 
ATOM   719  C C   . ALA A 1 90  ? -12.748 -12.323 -8.644  1.00 70.16 ? 680  ALA A C   1 
ATOM   720  O O   . ALA A 1 90  ? -12.300 -12.741 -9.709  1.00 73.79 ? 680  ALA A O   1 
ATOM   721  C CB  . ALA A 1 90  ? -13.369 -13.679 -6.654  1.00 71.65 ? 680  ALA A CB  1 
ATOM   722  N N   . GLU A 1 91  ? -12.294 -11.239 -8.043  1.00 61.21 ? 681  GLU A N   1 
ATOM   723  C CA  . GLU A 1 91  ? -11.281 -10.409 -8.633  1.00 55.93 ? 681  GLU A CA  1 
ATOM   724  C C   . GLU A 1 91  ? -10.403 -9.895  -7.516  1.00 52.07 ? 681  GLU A C   1 
ATOM   725  O O   . GLU A 1 91  ? -10.878 -9.437  -6.488  1.00 48.93 ? 681  GLU A O   1 
ATOM   726  C CB  . GLU A 1 91  ? -11.907 -9.268  -9.400  1.00 56.84 ? 681  GLU A CB  1 
ATOM   727  C CG  . GLU A 1 91  ? -10.904 -8.372  -10.062 1.00 60.88 ? 681  GLU A CG  1 
ATOM   728  C CD  . GLU A 1 91  ? -11.540 -7.082  -10.533 1.00 68.01 ? 681  GLU A CD  1 
ATOM   729  O OE1 . GLU A 1 91  ? -12.563 -7.155  -11.241 1.00 67.25 ? 681  GLU A OE1 1 
ATOM   730  O OE2 . GLU A 1 91  ? -11.031 -5.999  -10.181 1.00 62.14 ? 681  GLU A OE2 1 
ATOM   731  N N   . VAL A 1 92  ? -9.102  -10.054 -7.719  1.00 61.08 ? 682  VAL A N   1 
ATOM   732  C CA  . VAL A 1 92  ? -8.104  -9.460  -6.862  1.00 50.68 ? 682  VAL A CA  1 
ATOM   733  C C   . VAL A 1 92  ? -7.531  -8.308  -7.633  1.00 47.04 ? 682  VAL A C   1 
ATOM   734  O O   . VAL A 1 92  ? -7.023  -8.461  -8.734  1.00 44.76 ? 682  VAL A O   1 
ATOM   735  C CB  . VAL A 1 92  ? -6.988  -10.442 -6.465  1.00 47.08 ? 682  VAL A CB  1 
ATOM   736  C CG1 . VAL A 1 92  ? -5.807  -9.686  -5.910  1.00 45.63 ? 682  VAL A CG1 1 
ATOM   737  C CG2 . VAL A 1 92  ? -7.496  -11.449 -5.414  1.00 45.62 ? 682  VAL A CG2 1 
ATOM   738  N N   . ASP A 1 93  ? -7.658  -7.148  -7.017  1.00 47.57 ? 683  ASP A N   1 
ATOM   739  C CA  . ASP A 1 93  ? -7.094  -5.925  -7.510  1.00 48.40 ? 683  ASP A CA  1 
ATOM   740  C C   . ASP A 1 93  ? -5.829  -5.655  -6.680  1.00 43.80 ? 683  ASP A C   1 
ATOM   741  O O   . ASP A 1 93  ? -5.867  -5.668  -5.460  1.00 42.59 ? 683  ASP A O   1 
ATOM   742  C CB  . ASP A 1 93  ? -8.141  -4.814  -7.349  1.00 51.19 ? 683  ASP A CB  1 
ATOM   743  C CG  . ASP A 1 93  ? -8.099  -3.788  -8.476  1.00 59.96 ? 683  ASP A CG  1 
ATOM   744  O OD1 . ASP A 1 93  ? -7.059  -3.093  -8.641  1.00 63.75 ? 683  ASP A OD1 1 
ATOM   745  O OD2 . ASP A 1 93  ? -9.117  -3.664  -9.191  1.00 63.70 ? 683  ASP A OD2 1 
ATOM   746  N N   . LYS A 1 94  ? -4.709  -5.440  -7.351  1.00 41.74 ? 684  LYS A N   1 
ATOM   747  C CA  . LYS A 1 94  ? -3.438  -5.298  -6.681  1.00 38.72 ? 684  LYS A CA  1 
ATOM   748  C C   . LYS A 1 94  ? -2.847  -4.002  -7.121  1.00 39.16 ? 684  LYS A C   1 
ATOM   749  O O   . LYS A 1 94  ? -2.921  -3.692  -8.293  1.00 45.34 ? 684  LYS A O   1 
ATOM   750  C CB  . LYS A 1 94  ? -2.473  -6.409  -7.115  1.00 44.60 ? 684  LYS A CB  1 
ATOM   751  C CG  . LYS A 1 94  ? -2.905  -7.855  -6.853  1.00 42.85 ? 684  LYS A CG  1 
ATOM   752  C CD  . LYS A 1 94  ? -1.777  -8.778  -7.327  1.00 49.29 ? 684  LYS A CD  1 
ATOM   753  C CE  . LYS A 1 94  ? -1.555  -10.030 -6.445  1.00 51.49 ? 684  LYS A CE  1 
ATOM   754  N NZ  . LYS A 1 94  ? -0.261  -10.793 -6.775  1.00 50.80 ? 684  LYS A NZ  1 
ATOM   755  N N   . LYS A 1 95  ? -2.266  -3.235  -6.202  1.00 39.47 ? 685  LYS A N   1 
ATOM   756  C CA  . LYS A 1 95  ? -1.389  -2.119  -6.586  1.00 41.17 ? 685  LYS A CA  1 
ATOM   757  C C   . LYS A 1 95  ? 0.018   -2.238  -5.976  1.00 38.47 ? 685  LYS A C   1 
ATOM   758  O O   . LYS A 1 95  ? 0.199   -2.792  -4.876  1.00 32.99 ? 685  LYS A O   1 
ATOM   759  C CB  . LYS A 1 95  ? -2.012  -0.773  -6.248  1.00 35.40 ? 685  LYS A CB  1 
ATOM   760  C CG  . LYS A 1 95  ? -3.263  -0.517  -7.065  1.00 47.55 ? 685  LYS A CG  1 
ATOM   761  C CD  . LYS A 1 95  ? -3.929  0.853   -6.744  1.00 45.75 ? 685  LYS A CD  1 
ATOM   762  C CE  . LYS A 1 95  ? -5.086  1.155   -7.694  1.00 42.34 ? 685  LYS A CE  1 
ATOM   763  N NZ  . LYS A 1 95  ? -5.756  -0.117  -8.211  1.00 51.53 ? 685  LYS A NZ  1 
ATOM   764  N N   . ARG A 1 96  ? 0.990   -1.704  -6.721  1.00 38.23 ? 686  ARG A N   1 
ATOM   765  C CA  . ARG A 1 96  ? 2.412   -1.826  -6.385  1.00 40.04 ? 686  ARG A CA  1 
ATOM   766  C C   . ARG A 1 96  ? 3.291   -0.530  -6.459  1.00 44.02 ? 686  ARG A C   1 
ATOM   767  O O   . ARG A 1 96  ? 3.193   0.273   -7.403  1.00 44.11 ? 686  ARG A O   1 
ATOM   768  C CB  . ARG A 1 96  ? 3.008   -2.904  -7.278  1.00 39.89 ? 686  ARG A CB  1 
ATOM   769  C CG  . ARG A 1 96  ? 2.273   -4.167  -7.136  1.00 35.55 ? 686  ARG A CG  1 
ATOM   770  C CD  . ARG A 1 96  ? 1.814   -4.654  -8.490  1.00 44.62 ? 686  ARG A CD  1 
ATOM   771  N NE  . ARG A 1 96  ? 2.245   -6.030  -8.696  1.00 53.23 ? 686  ARG A NE  1 
ATOM   772  C CZ  . ARG A 1 96  ? 2.623   -6.530  -9.864  1.00 55.56 ? 686  ARG A CZ  1 
ATOM   773  N NH1 . ARG A 1 96  ? 2.609   -5.766  -10.959 1.00 51.21 ? 686  ARG A NH1 1 
ATOM   774  N NH2 . ARG A 1 96  ? 3.017   -7.804  -9.932  1.00 46.21 ? 686  ARG A NH2 1 
ATOM   775  N N   . PHE A 1 97  ? 4.141   -0.348  -5.438  1.00 39.36 ? 687  PHE A N   1 
ATOM   776  C CA  . PHE A 1 97  ? 5.098   0.748   -5.379  1.00 32.34 ? 687  PHE A CA  1 
ATOM   777  C C   . PHE A 1 97  ? 6.332   0.320   -4.591  1.00 37.58 ? 687  PHE A C   1 
ATOM   778  O O   . PHE A 1 97  ? 6.255   -0.561  -3.734  1.00 36.99 ? 687  PHE A O   1 
ATOM   779  C CB  . PHE A 1 97  ? 4.481   1.982   -4.735  1.00 34.40 ? 687  PHE A CB  1 
ATOM   780  C CG  . PHE A 1 97  ? 4.078   1.800   -3.287  1.00 32.07 ? 687  PHE A CG  1 
ATOM   781  C CD1 . PHE A 1 97  ? 2.918   1.139   -2.949  1.00 31.66 ? 687  PHE A CD1 1 
ATOM   782  C CD2 . PHE A 1 97  ? 4.848   2.332   -2.253  1.00 36.91 ? 687  PHE A CD2 1 
ATOM   783  C CE1 . PHE A 1 97  ? 2.547   0.982   -1.610  1.00 33.28 ? 687  PHE A CE1 1 
ATOM   784  C CE2 . PHE A 1 97  ? 4.476   2.174   -0.901  1.00 30.71 ? 687  PHE A CE2 1 
ATOM   785  C CZ  . PHE A 1 97  ? 3.334   1.508   -0.589  1.00 33.11 ? 687  PHE A CZ  1 
ATOM   786  N N   . SER A 1 98  ? 7.467   0.962   -4.882  1.00 40.97 ? 688  SER A N   1 
ATOM   787  C CA  . SER A 1 98  ? 8.645   0.875   -4.032  1.00 37.96 ? 688  SER A CA  1 
ATOM   788  C C   . SER A 1 98  ? 9.025   2.217   -3.343  1.00 36.95 ? 688  SER A C   1 
ATOM   789  O O   . SER A 1 98  ? 8.479   3.268   -3.653  1.00 39.99 ? 688  SER A O   1 
ATOM   790  C CB  . SER A 1 98  ? 9.832   0.331   -4.845  1.00 42.30 ? 688  SER A CB  1 
ATOM   791  O OG  . SER A 1 98  ? 10.226  1.234   -5.877  1.00 45.37 ? 688  SER A OG  1 
ATOM   792  N N   . PHE A 1 99  ? 9.919   2.132   -2.355  1.00 34.25 ? 689  PHE A N   1 
ATOM   793  C CA  . PHE A 1 99  ? 10.685  3.267   -1.871  1.00 32.55 ? 689  PHE A CA  1 
ATOM   794  C C   . PHE A 1 99  ? 11.987  2.787   -1.336  1.00 36.45 ? 689  PHE A C   1 
ATOM   795  O O   . PHE A 1 99  ? 12.178  1.603   -1.079  1.00 41.24 ? 689  PHE A O   1 
ATOM   796  C CB  . PHE A 1 99  ? 9.967   4.040   -0.764  1.00 30.80 ? 689  PHE A CB  1 
ATOM   797  C CG  . PHE A 1 99  ? 9.660   3.231   0.464   1.00 28.93 ? 689  PHE A CG  1 
ATOM   798  C CD1 . PHE A 1 99  ? 8.680   2.260   0.448   1.00 34.65 ? 689  PHE A CD1 1 
ATOM   799  C CD2 . PHE A 1 99  ? 10.323  3.469   1.638   1.00 31.94 ? 689  PHE A CD2 1 
ATOM   800  C CE1 . PHE A 1 99  ? 8.373   1.552   1.578   1.00 31.79 ? 689  PHE A CE1 1 
ATOM   801  C CE2 . PHE A 1 99  ? 10.046  2.769   2.768   1.00 29.78 ? 689  PHE A CE2 1 
ATOM   802  C CZ  . PHE A 1 99  ? 9.074   1.816   2.751   1.00 36.89 ? 689  PHE A CZ  1 
ATOM   803  N N   . VAL A 1 100 ? 12.880  3.738   -1.127  1.00 35.96 ? 690  VAL A N   1 
ATOM   804  C CA  . VAL A 1 100 ? 14.181  3.487   -0.512  1.00 35.14 ? 690  VAL A CA  1 
ATOM   805  C C   . VAL A 1 100 ? 14.180  3.758   1.012   1.00 37.27 ? 690  VAL A C   1 
ATOM   806  O O   . VAL A 1 100 ? 13.831  4.850   1.427   1.00 37.61 ? 690  VAL A O   1 
ATOM   807  C CB  . VAL A 1 100 ? 15.150  4.386   -1.186  1.00 35.70 ? 690  VAL A CB  1 
ATOM   808  C CG1 . VAL A 1 100 ? 16.547  4.264   -0.550  1.00 33.25 ? 690  VAL A CG1 1 
ATOM   809  C CG2 . VAL A 1 100 ? 15.125  4.086   -2.705  1.00 32.89 ? 690  VAL A CG2 1 
ATOM   810  N N   . PHE A 1 101 ? 14.511  2.761   1.839   1.00 34.14 ? 691  PHE A N   1 
ATOM   811  C CA  . PHE A 1 101 ? 14.374  2.872   3.301   1.00 31.79 ? 691  PHE A CA  1 
ATOM   812  C C   . PHE A 1 101 ? 15.437  3.789   3.906   1.00 39.62 ? 691  PHE A C   1 
ATOM   813  O O   . PHE A 1 101 ? 16.551  3.914   3.413   1.00 41.21 ? 691  PHE A O   1 
ATOM   814  C CB  . PHE A 1 101 ? 14.483  1.489   3.940   1.00 35.30 ? 691  PHE A CB  1 
ATOM   815  C CG  . PHE A 1 101 ? 14.421  1.471   5.468   1.00 36.16 ? 691  PHE A CG  1 
ATOM   816  C CD1 . PHE A 1 101 ? 13.208  1.554   6.139   1.00 35.32 ? 691  PHE A CD1 1 
ATOM   817  C CD2 . PHE A 1 101 ? 15.557  1.277   6.215   1.00 36.58 ? 691  PHE A CD2 1 
ATOM   818  C CE1 . PHE A 1 101 ? 13.142  1.503   7.535   1.00 36.37 ? 691  PHE A CE1 1 
ATOM   819  C CE2 . PHE A 1 101 ? 15.503  1.215   7.619   1.00 37.13 ? 691  PHE A CE2 1 
ATOM   820  C CZ  . PHE A 1 101 ? 14.289  1.333   8.272   1.00 36.99 ? 691  PHE A CZ  1 
ATOM   821  N N   . LYS A 1 102 ? 15.085  4.436   4.995   1.00 37.31 ? 692  LYS A N   1 
ATOM   822  C CA  . LYS A 1 102 ? 16.021  5.265   5.679   1.00 36.26 ? 692  LYS A CA  1 
ATOM   823  C C   . LYS A 1 102 ? 15.757  4.916   7.129   1.00 38.82 ? 692  LYS A C   1 
ATOM   824  O O   . LYS A 1 102 ? 14.608  4.868   7.582   1.00 36.55 ? 692  LYS A O   1 
ATOM   825  C CB  . LYS A 1 102 ? 15.762  6.742   5.340   1.00 37.96 ? 692  LYS A CB  1 
ATOM   826  C CG  . LYS A 1 102 ? 17.004  7.722   5.282   1.00 48.46 ? 692  LYS A CG  1 
ATOM   827  C CD  . LYS A 1 102 ? 17.429  8.325   6.680   1.00 53.06 ? 692  LYS A CD  1 
ATOM   828  C CE  . LYS A 1 102 ? 18.018  9.799   6.637   1.00 49.81 ? 692  LYS A CE  1 
ATOM   829  N NZ  . LYS A 1 102 ? 18.837  10.174  7.864   1.00 38.31 ? 692  LYS A NZ  1 
ATOM   830  N N   . SER A 1 103 ? 16.805  4.590   7.863   1.00 40.00 ? 693  SER A N   1 
ATOM   831  C CA  . SER A 1 103 ? 16.586  4.350   9.271   1.00 41.10 ? 693  SER A CA  1 
ATOM   832  C C   . SER A 1 103 ? 16.671  5.659   10.014  1.00 41.69 ? 693  SER A C   1 
ATOM   833  O O   . SER A 1 103 ? 17.604  6.442   9.859   1.00 38.65 ? 693  SER A O   1 
ATOM   834  C CB  . SER A 1 103 ? 17.554  3.370   9.884   1.00 38.37 ? 693  SER A CB  1 
ATOM   835  O OG  . SER A 1 103 ? 17.072  3.061   11.192  1.00 40.34 ? 693  SER A OG  1 
ATOM   836  N N   . VAL A 1 104 ? 15.660  5.890   10.820  1.00 40.97 ? 694  VAL A N   1 
ATOM   837  C CA  . VAL A 1 104 ? 15.635  7.089   11.581  1.00 34.70 ? 694  VAL A CA  1 
ATOM   838  C C   . VAL A 1 104 ? 14.969  6.881   12.899  1.00 33.66 ? 694  VAL A C   1 
ATOM   839  O O   . VAL A 1 104 ? 14.816  7.805   13.633  1.00 38.09 ? 694  VAL A O   1 
ATOM   840  C CB  . VAL A 1 104 ? 14.934  8.204   10.837  1.00 35.80 ? 694  VAL A CB  1 
ATOM   841  C CG1 . VAL A 1 104 ? 15.569  8.423   9.493   1.00 36.63 ? 694  VAL A CG1 1 
ATOM   842  C CG2 . VAL A 1 104 ? 13.460  7.911   10.697  1.00 35.89 ? 694  VAL A CG2 1 
ATOM   843  N N   . PHE A 1 105 ? 14.629  5.670   13.259  1.00 35.60 ? 695  PHE A N   1 
ATOM   844  C CA  . PHE A 1 105 ? 14.111  5.505   14.600  1.00 37.85 ? 695  PHE A CA  1 
ATOM   845  C C   . PHE A 1 105 ? 15.128  4.972   15.588  1.00 42.06 ? 695  PHE A C   1 
ATOM   846  O O   . PHE A 1 105 ? 16.312  4.669   15.268  1.00 37.85 ? 695  PHE A O   1 
ATOM   847  C CB  . PHE A 1 105 ? 12.849  4.662   14.586  1.00 41.26 ? 695  PHE A CB  1 
ATOM   848  C CG  . PHE A 1 105 ? 11.679  5.373   13.941  1.00 47.33 ? 695  PHE A CG  1 
ATOM   849  C CD1 . PHE A 1 105 ? 11.074  6.459   14.574  1.00 46.69 ? 695  PHE A CD1 1 
ATOM   850  C CD2 . PHE A 1 105 ? 11.204  4.997   12.697  1.00 40.75 ? 695  PHE A CD2 1 
ATOM   851  C CE1 . PHE A 1 105 ? 9.999   7.137   13.982  1.00 43.97 ? 695  PHE A CE1 1 
ATOM   852  C CE2 . PHE A 1 105 ? 10.146  5.685   12.114  1.00 40.19 ? 695  PHE A CE2 1 
ATOM   853  C CZ  . PHE A 1 105 ? 9.540   6.743   12.756  1.00 36.86 ? 695  PHE A CZ  1 
ATOM   854  N N   . ASN A 1 106 ? 14.663  4.886   16.822  1.00 42.45 ? 696  ASN A N   1 
ATOM   855  C CA  . ASN A 1 106 ? 15.584  4.614   17.902  1.00 51.44 ? 696  ASN A CA  1 
ATOM   856  C C   . ASN A 1 106 ? 15.531  3.151   18.208  1.00 51.55 ? 696  ASN A C   1 
ATOM   857  O O   . ASN A 1 106 ? 15.899  2.706   19.313  1.00 57.38 ? 696  ASN A O   1 
ATOM   858  C CB  . ASN A 1 106 ? 15.237  5.446   19.141  1.00 59.18 ? 696  ASN A CB  1 
ATOM   859  C CG  . ASN A 1 106 ? 16.393  6.312   19.591  1.00 62.93 ? 696  ASN A CG  1 
ATOM   860  O OD1 . ASN A 1 106 ? 17.568  5.903   19.493  1.00 58.22 ? 696  ASN A OD1 1 
ATOM   861  N ND2 . ASN A 1 106 ? 16.082  7.525   20.063  1.00 70.48 ? 696  ASN A ND2 1 
ATOM   862  N N   . THR A 1 107 ? 15.053  2.411   17.217  1.00 42.57 ? 697  THR A N   1 
ATOM   863  C CA  . THR A 1 107 ? 14.738  1.013   17.397  1.00 38.46 ? 697  THR A CA  1 
ATOM   864  C C   . THR A 1 107 ? 14.749  0.360   16.049  1.00 33.56 ? 697  THR A C   1 
ATOM   865  O O   . THR A 1 107 ? 14.772  1.027   15.025  1.00 33.53 ? 697  THR A O   1 
ATOM   866  C CB  . THR A 1 107 ? 13.414  0.761   18.148  1.00 41.80 ? 697  THR A CB  1 
ATOM   867  O OG1 . THR A 1 107 ? 13.263  -0.649  18.367  1.00 35.57 ? 697  THR A OG1 1 
ATOM   868  C CG2 . THR A 1 107 ? 12.185  1.320   17.374  1.00 38.28 ? 697  THR A CG2 1 
ATOM   869  N N   . SER A 1 108 ? 14.820  -0.959  16.080  1.00 31.19 ? 698  SER A N   1 
ATOM   870  C CA  . SER A 1 108 ? 15.090  -1.747  14.899  1.00 34.14 ? 698  SER A CA  1 
ATOM   871  C C   . SER A 1 108 ? 13.873  -2.507  14.379  1.00 31.90 ? 698  SER A C   1 
ATOM   872  O O   . SER A 1 108 ? 13.931  -3.068  13.292  1.00 33.65 ? 698  SER A O   1 
ATOM   873  C CB  . SER A 1 108 ? 16.201  -2.730  15.233  1.00 35.48 ? 698  SER A CB  1 
ATOM   874  O OG  . SER A 1 108 ? 17.441  -2.074  15.187  1.00 37.10 ? 698  SER A OG  1 
ATOM   875  N N   . LEU A 1 109 ? 12.824  -2.548  15.198  1.00 29.99 ? 699  LEU A N   1 
ATOM   876  C CA  . LEU A 1 109 ? 11.518  -3.136  14.881  1.00 38.27 ? 699  LEU A CA  1 
ATOM   877  C C   . LEU A 1 109 ? 10.444  -2.080  14.469  1.00 37.59 ? 699  LEU A C   1 
ATOM   878  O O   . LEU A 1 109 ? 9.954   -1.324  15.311  1.00 37.74 ? 699  LEU A O   1 
ATOM   879  C CB  . LEU A 1 109 ? 11.034  -3.936  16.103  1.00 33.56 ? 699  LEU A CB  1 
ATOM   880  C CG  . LEU A 1 109 ? 9.874   -4.915  15.873  1.00 37.27 ? 699  LEU A CG  1 
ATOM   881  C CD1 . LEU A 1 109 ? 10.178  -6.207  16.537  1.00 35.05 ? 699  LEU A CD1 1 
ATOM   882  C CD2 . LEU A 1 109 ? 8.590   -4.397  16.435  1.00 36.60 ? 699  LEU A CD2 1 
ATOM   883  N N   . LEU A 1 110 ? 10.081  -2.048  13.180  1.00 36.27 ? 700  LEU A N   1 
ATOM   884  C CA  . LEU A 1 110 ? 9.188   -1.008  12.643  1.00 34.11 ? 700  LEU A CA  1 
ATOM   885  C C   . LEU A 1 110 ? 7.987   -1.557  11.874  1.00 35.84 ? 700  LEU A C   1 
ATOM   886  O O   . LEU A 1 110 ? 7.899   -2.752  11.522  1.00 36.61 ? 700  LEU A O   1 
ATOM   887  C CB  . LEU A 1 110 ? 9.966   -0.025  11.744  1.00 29.83 ? 700  LEU A CB  1 
ATOM   888  C CG  . LEU A 1 110 ? 11.303  0.427   12.338  1.00 30.80 ? 700  LEU A CG  1 
ATOM   889  C CD1 . LEU A 1 110 ? 12.237  0.992   11.247  1.00 28.72 ? 700  LEU A CD1 1 
ATOM   890  C CD2 . LEU A 1 110 ? 11.053  1.413   13.455  1.00 34.72 ? 700  LEU A CD2 1 
ATOM   891  N N   . PHE A 1 111 ? 7.054   -0.650  11.622  1.00 33.70 ? 701  PHE A N   1 
ATOM   892  C CA  . PHE A 1 111 ? 5.820   -0.969  10.952  1.00 31.34 ? 701  PHE A CA  1 
ATOM   893  C C   . PHE A 1 111 ? 5.660   -0.139  9.728   1.00 30.90 ? 701  PHE A C   1 
ATOM   894  O O   . PHE A 1 111 ? 5.904   1.038   9.770   1.00 30.90 ? 701  PHE A O   1 
ATOM   895  C CB  . PHE A 1 111 ? 4.688   -0.752  11.912  1.00 31.17 ? 701  PHE A CB  1 
ATOM   896  C CG  . PHE A 1 111 ? 4.710   -1.731  13.033  1.00 32.80 ? 701  PHE A CG  1 
ATOM   897  C CD1 . PHE A 1 111 ? 4.082   -2.928  12.909  1.00 35.11 ? 701  PHE A CD1 1 
ATOM   898  C CD2 . PHE A 1 111 ? 5.425   -1.468  14.175  1.00 34.77 ? 701  PHE A CD2 1 
ATOM   899  C CE1 . PHE A 1 111 ? 4.126   -3.829  13.908  1.00 39.26 ? 701  PHE A CE1 1 
ATOM   900  C CE2 . PHE A 1 111 ? 5.468   -2.359  15.193  1.00 37.60 ? 701  PHE A CE2 1 
ATOM   901  C CZ  . PHE A 1 111 ? 4.819   -3.546  15.063  1.00 41.07 ? 701  PHE A CZ  1 
ATOM   902  N N   . LEU A 1 112 ? 5.312   -0.776  8.615   1.00 30.03 ? 702  LEU A N   1 
ATOM   903  C CA  . LEU A 1 112 ? 4.787   -0.056  7.468   1.00 32.05 ? 702  LEU A CA  1 
ATOM   904  C C   . LEU A 1 112 ? 3.273   -0.053  7.604   1.00 28.58 ? 702  LEU A C   1 
ATOM   905  O O   . LEU A 1 112 ? 2.668   -1.068  7.733   1.00 33.13 ? 702  LEU A O   1 
ATOM   906  C CB  . LEU A 1 112 ? 5.250   -0.691  6.162   1.00 35.80 ? 702  LEU A CB  1 
ATOM   907  C CG  . LEU A 1 112 ? 4.840   0.002   4.860   1.00 38.59 ? 702  LEU A CG  1 
ATOM   908  C CD1 . LEU A 1 112 ? 5.251   1.518   4.763   1.00 33.33 ? 702  LEU A CD1 1 
ATOM   909  C CD2 . LEU A 1 112 ? 5.421   -0.779  3.726   1.00 28.48 ? 702  LEU A CD2 1 
ATOM   910  N N   . HIS A 1 113 ? 2.683   1.118   7.704   1.00 31.50 ? 703  HIS A N   1 
ATOM   911  C CA  . HIS A 1 113 ? 1.249   1.240   7.894   1.00 34.10 ? 703  HIS A CA  1 
ATOM   912  C C   . HIS A 1 113 ? 0.807   1.786   6.601   1.00 35.17 ? 703  HIS A C   1 
ATOM   913  O O   . HIS A 1 113 ? 1.348   2.780   6.149   1.00 38.11 ? 703  HIS A O   1 
ATOM   914  C CB  . HIS A 1 113 ? 0.862   2.224   8.978   1.00 29.89 ? 703  HIS A CB  1 
ATOM   915  C CG  . HIS A 1 113 ? 1.262   1.811   10.362  1.00 30.85 ? 703  HIS A CG  1 
ATOM   916  N ND1 . HIS A 1 113 ? 0.472   1.029   11.162  1.00 35.18 ? 703  HIS A ND1 1 
ATOM   917  C CD2 . HIS A 1 113 ? 2.347   2.123   11.094  1.00 32.08 ? 703  HIS A CD2 1 
ATOM   918  C CE1 . HIS A 1 113 ? 1.068   0.830   12.318  1.00 34.32 ? 703  HIS A CE1 1 
ATOM   919  N NE2 . HIS A 1 113 ? 2.204   1.490   12.312  1.00 32.42 ? 703  HIS A NE2 1 
ATOM   920  N N   . CYS A 1 114 ? -0.118  1.094   5.956   1.00 34.50 ? 704  CYS A N   1 
ATOM   921  C CA  . CYS A 1 114 ? -0.736  1.629   4.773   1.00 41.40 ? 704  CYS A CA  1 
ATOM   922  C C   . CYS A 1 114 ? -2.203  1.624   5.027   1.00 42.51 ? 704  CYS A C   1 
ATOM   923  O O   . CYS A 1 114 ? -2.696  0.694   5.649   1.00 43.88 ? 704  CYS A O   1 
ATOM   924  C CB  . CYS A 1 114 ? -0.395  0.810   3.538   1.00 35.99 ? 704  CYS A CB  1 
ATOM   925  S SG  . CYS A 1 114 ? 1.134   1.345   2.819   1.00 51.66 ? 704  CYS A SG  1 
ATOM   926  N N   . GLU A 1 115 ? -2.902  2.663   4.584   1.00 37.62 ? 705  GLU A N   1 
ATOM   927  C CA  . GLU A 1 115 ? -4.346  2.569   4.567   1.00 42.81 ? 705  GLU A CA  1 
ATOM   928  C C   . GLU A 1 115 ? -4.918  2.704   3.150   1.00 39.06 ? 705  GLU A C   1 
ATOM   929  O O   . GLU A 1 115 ? -4.498  3.564   2.362   1.00 35.60 ? 705  GLU A O   1 
ATOM   930  C CB  . GLU A 1 115 ? -4.976  3.534   5.557   1.00 42.41 ? 705  GLU A CB  1 
ATOM   931  C CG  . GLU A 1 115 ? -5.081  4.916   5.055   1.00 43.60 ? 705  GLU A CG  1 
ATOM   932  C CD  . GLU A 1 115 ? -5.080  5.906   6.189   1.00 53.15 ? 705  GLU A CD  1 
ATOM   933  O OE1 . GLU A 1 115 ? -5.218  5.475   7.368   1.00 56.17 ? 705  GLU A OE1 1 
ATOM   934  O OE2 . GLU A 1 115 ? -4.937  7.107   5.890   1.00 54.14 ? 705  GLU A OE2 1 
ATOM   935  N N   . LEU A 1 116 ? -5.840  1.770   2.863   1.00 38.46 ? 706  LEU A N   1 
ATOM   936  C CA  . LEU A 1 116 ? -6.579  1.660   1.587   1.00 41.42 ? 706  LEU A CA  1 
ATOM   937  C C   . LEU A 1 116 ? -7.849  2.422   1.698   1.00 38.67 ? 706  LEU A C   1 
ATOM   938  O O   . LEU A 1 116 ? -8.586  2.276   2.680   1.00 35.56 ? 706  LEU A O   1 
ATOM   939  C CB  . LEU A 1 116 ? -6.987  0.195   1.227   1.00 41.50 ? 706  LEU A CB  1 
ATOM   940  C CG  . LEU A 1 116 ? -5.871  -0.838  1.066   1.00 48.53 ? 706  LEU A CG  1 
ATOM   941  C CD1 . LEU A 1 116 ? -6.291  -2.177  0.344   1.00 39.10 ? 706  LEU A CD1 1 
ATOM   942  C CD2 . LEU A 1 116 ? -4.701  -0.078  0.372   1.00 47.01 ? 706  LEU A CD2 1 
ATOM   943  N N   . THR A 1 117 ? -8.102  3.211   0.665   1.00 38.40 ? 707  THR A N   1 
ATOM   944  C CA  . THR A 1 117 ? -9.424  3.775   0.468   1.00 43.29 ? 707  THR A CA  1 
ATOM   945  C C   . THR A 1 117 ? -10.167 3.145   -0.767  1.00 42.21 ? 707  THR A C   1 
ATOM   946  O O   . THR A 1 117 ? -9.697  3.165   -1.926  1.00 37.24 ? 707  THR A O   1 
ATOM   947  C CB  . THR A 1 117 ? -9.330  5.295   0.434   1.00 44.92 ? 707  THR A CB  1 
ATOM   948  O OG1 . THR A 1 117 ? -10.343 5.849   1.279   1.00 49.12 ? 707  THR A OG1 1 
ATOM   949  C CG2 . THR A 1 117 ? -9.457  5.824   -0.973  1.00 43.74 ? 707  THR A CG2 1 
ATOM   950  N N   . LEU A 1 118 ? -11.300 2.518   -0.470  1.00 38.67 ? 708  LEU A N   1 
ATOM   951  C CA  . LEU A 1 118 ? -12.234 2.047   -1.499  1.00 40.95 ? 708  LEU A CA  1 
ATOM   952  C C   . LEU A 1 118 ? -12.898 3.167   -2.284  1.00 43.61 ? 708  LEU A C   1 
ATOM   953  O O   . LEU A 1 118 ? -13.190 4.255   -1.770  1.00 46.27 ? 708  LEU A O   1 
ATOM   954  C CB  . LEU A 1 118 ? -13.331 1.223   -0.865  1.00 36.24 ? 708  LEU A CB  1 
ATOM   955  C CG  . LEU A 1 118 ? -12.805 -0.039  -0.202  1.00 37.56 ? 708  LEU A CG  1 
ATOM   956  C CD1 . LEU A 1 118 ? -13.934 -0.779  0.464   1.00 31.56 ? 708  LEU A CD1 1 
ATOM   957  C CD2 . LEU A 1 118 ? -12.134 -0.905  -1.268  1.00 38.97 ? 708  LEU A CD2 1 
ATOM   958  N N   . CYS A 1 119 ? -13.162 2.908   -3.547  1.00 42.84 ? 709  CYS A N   1 
ATOM   959  C CA  . CYS A 1 119 ? -13.742 3.964   -4.329  1.00 50.17 ? 709  CYS A CA  1 
ATOM   960  C C   . CYS A 1 119 ? -14.385 3.395   -5.568  1.00 46.95 ? 709  CYS A C   1 
ATOM   961  O O   . CYS A 1 119 ? -14.210 2.220   -5.870  1.00 48.83 ? 709  CYS A O   1 
ATOM   962  C CB  . CYS A 1 119 ? -12.667 5.002   -4.648  1.00 50.89 ? 709  CYS A CB  1 
ATOM   963  S SG  . CYS A 1 119 ? -11.370 4.349   -5.630  1.00 49.41 ? 709  CYS A SG  1 
ATOM   964  N N   . SER A 1 120 ? -15.139 4.235   -6.259  1.00 46.97 ? 710  SER A N   1 
ATOM   965  C CA  . SER A 1 120 ? -15.950 3.784   -7.379  1.00 58.87 ? 710  SER A CA  1 
ATOM   966  C C   . SER A 1 120 ? -15.324 4.014   -8.754  1.00 58.08 ? 710  SER A C   1 
ATOM   967  O O   . SER A 1 120 ? -15.052 5.117   -9.177  1.00 60.46 ? 710  SER A O   1 
ATOM   968  C CB  . SER A 1 120 ? -17.332 4.427   -7.344  1.00 65.59 ? 710  SER A CB  1 
ATOM   969  O OG  . SER A 1 120 ? -18.216 3.703   -8.182  1.00 72.38 ? 710  SER A OG  1 
ATOM   970  N N   . ARG A 1 121 ? -15.177 2.920   -9.459  1.00 54.52 ? 711  ARG A N   1 
ATOM   971  C CA  . ARG A 1 121 ? -14.370 2.844   -10.641 1.00 59.21 ? 711  ARG A CA  1 
ATOM   972  C C   . ARG A 1 121 ? -15.208 3.234   -11.874 1.00 72.55 ? 711  ARG A C   1 
ATOM   973  O O   . ARG A 1 121 ? -14.751 3.101   -13.020 1.00 73.89 ? 711  ARG A O   1 
ATOM   974  C CB  . ARG A 1 121 ? -13.864 1.400   -10.711 1.00 59.09 ? 711  ARG A CB  1 
ATOM   975  C CG  . ARG A 1 121 ? -12.673 1.121   -11.567 1.00 59.61 ? 711  ARG A CG  1 
ATOM   976  C CD  . ARG A 1 121 ? -12.579 -0.386  -11.774 1.00 65.17 ? 711  ARG A CD  1 
ATOM   977  N NE  . ARG A 1 121 ? -11.733 -1.032  -10.771 1.00 72.87 ? 711  ARG A NE  1 
ATOM   978  C CZ  . ARG A 1 121 ? -11.804 -2.316  -10.407 1.00 70.68 ? 711  ARG A CZ  1 
ATOM   979  N NH1 . ARG A 1 121 ? -12.710 -3.149  -10.943 1.00 66.87 ? 711  ARG A NH1 1 
ATOM   980  N NH2 . ARG A 1 121 ? -10.959 -2.766  -9.483  1.00 64.23 ? 711  ARG A NH2 1 
ATOM   981  N N   . ASN A 1 122 ? -16.433 3.731   -11.639 1.00 74.30 ? 712  ASN A N   1 
ATOM   982  C CA  . ASN A 1 122 ? -17.309 4.201   -12.732 1.00 69.25 ? 712  ASN A CA  1 
ATOM   983  C C   . ASN A 1 122 ? -18.078 5.509   -12.456 1.00 75.84 ? 712  ASN A C   1 
ATOM   984  O O   . ASN A 1 122 ? -18.721 5.676   -11.414 1.00 73.98 ? 712  ASN A O   1 
ATOM   985  C CB  . ASN A 1 122 ? -18.283 3.103   -13.147 1.00 71.17 ? 712  ASN A CB  1 
ATOM   986  C CG  . ASN A 1 122 ? -19.489 3.029   -12.244 1.00 80.27 ? 712  ASN A CG  1 
ATOM   987  O OD1 . ASN A 1 122 ? -19.373 3.226   -11.021 1.00 76.30 ? 712  ASN A OD1 1 
ATOM   988  N ND2 . ASN A 1 122 ? -20.670 2.745   -12.839 1.00 74.43 ? 712  ASN A ND2 1 
ATOM   989  N N   . LYS A 1 123 ? -18.021 6.412   -13.436 1.00 82.27 ? 713  LYS A N   1 
ATOM   990  C CA  . LYS A 1 123 ? -18.419 7.828   -13.300 1.00 80.83 ? 713  LYS A CA  1 
ATOM   991  C C   . LYS A 1 123 ? -19.941 8.069   -13.012 1.00 78.41 ? 713  LYS A C   1 
ATOM   992  O O   . LYS A 1 123 ? -20.800 7.437   -13.641 1.00 78.15 ? 713  LYS A O   1 
ATOM   993  C CB  . LYS A 1 123 ? -17.889 8.573   -14.557 1.00 70.95 ? 713  LYS A CB  1 
ATOM   994  C CG  . LYS A 1 123 ? -18.596 9.843   -14.979 1.00 79.55 ? 713  LYS A CG  1 
ATOM   995  C CD  . LYS A 1 123 ? -18.230 11.066  -14.140 1.00 73.76 ? 713  LYS A CD  1 
ATOM   996  C CE  . LYS A 1 123 ? -19.008 12.313  -14.614 1.00 69.91 ? 713  LYS A CE  1 
ATOM   997  N NZ  . LYS A 1 123 ? -20.506 12.109  -14.826 1.00 53.58 ? 713  LYS A NZ  1 
ATOM   998  N N   . GLY A 1 124 ? -20.246 8.943   -12.035 1.00 75.85 ? 714  GLY A N   1 
ATOM   999  C CA  . GLY A 1 124 ? -21.611 9.332   -11.667 1.00 76.08 ? 714  GLY A CA  1 
ATOM   1000 C C   . GLY A 1 124 ? -22.178 8.737   -10.371 1.00 78.78 ? 714  GLY A C   1 
ATOM   1001 O O   . GLY A 1 124 ? -23.302 8.231   -10.334 1.00 75.43 ? 714  GLY A O   1 
ATOM   1002 N N   . SER A 1 125 ? -21.434 8.862   -9.281  1.00 77.32 ? 715  SER A N   1 
ATOM   1003 C CA  . SER A 1 125 ? -21.616 7.971   -8.129  1.00 80.24 ? 715  SER A CA  1 
ATOM   1004 C C   . SER A 1 125 ? -21.499 8.641   -6.766  1.00 80.96 ? 715  SER A C   1 
ATOM   1005 O O   . SER A 1 125 ? -20.396 8.742   -6.198  1.00 72.78 ? 715  SER A O   1 
ATOM   1006 C CB  . SER A 1 125 ? -20.563 6.869   -8.186  1.00 76.44 ? 715  SER A CB  1 
ATOM   1007 O OG  . SER A 1 125 ? -19.299 7.427   -8.522  1.00 78.11 ? 715  SER A OG  1 
ATOM   1008 N N   . GLN A 1 126 ? -22.636 9.066   -6.224  1.00 83.31 ? 716  GLN A N   1 
ATOM   1009 C CA  . GLN A 1 126 ? -22.666 9.616   -4.867  1.00 85.26 ? 716  GLN A CA  1 
ATOM   1010 C C   . GLN A 1 126 ? -22.105 8.615   -3.842  1.00 81.20 ? 716  GLN A C   1 
ATOM   1011 O O   . GLN A 1 126 ? -21.422 9.029   -2.877  1.00 76.21 ? 716  GLN A O   1 
ATOM   1012 C CB  . GLN A 1 126 ? -24.099 10.039  -4.470  1.00 82.18 ? 716  GLN A CB  1 
ATOM   1013 C CG  . GLN A 1 126 ? -24.396 10.058  -2.943  1.00 75.37 ? 716  GLN A CG  1 
ATOM   1014 C CD  . GLN A 1 126 ? -23.945 11.357  -2.236  1.00 83.16 ? 716  GLN A CD  1 
ATOM   1015 O OE1 . GLN A 1 126 ? -23.467 12.299  -2.882  1.00 79.87 ? 716  GLN A OE1 1 
ATOM   1016 N NE2 . GLN A 1 126 ? -24.103 11.404  -0.896  1.00 72.61 ? 716  GLN A NE2 1 
ATOM   1017 N N   . LYS A 1 127 ? -22.366 7.316   -4.072  1.00 77.25 ? 717  LYS A N   1 
ATOM   1018 C CA  . LYS A 1 127 ? -22.264 6.300   -3.009  1.00 69.16 ? 717  LYS A CA  1 
ATOM   1019 C C   . LYS A 1 127 ? -20.879 6.126   -2.413  1.00 59.48 ? 717  LYS A C   1 
ATOM   1020 O O   . LYS A 1 127 ? -20.766 5.903   -1.211  1.00 55.79 ? 717  LYS A O   1 
ATOM   1021 C CB  . LYS A 1 127 ? -22.848 4.959   -3.433  1.00 62.68 ? 717  LYS A CB  1 
ATOM   1022 C CG  . LYS A 1 127 ? -24.219 4.708   -2.787  1.00 54.70 ? 717  LYS A CG  1 
ATOM   1023 C CD  . LYS A 1 127 ? -24.809 3.373   -3.211  1.00 59.54 ? 717  LYS A CD  1 
ATOM   1024 C CE  . LYS A 1 127 ? -26.347 3.316   -3.155  1.00 58.29 ? 717  LYS A CE  1 
ATOM   1025 N NZ  . LYS A 1 127 ? -26.914 3.322   -1.753  1.00 52.72 ? 717  LYS A NZ  1 
ATOM   1026 N N   . LEU A 1 128 ? -19.843 6.238   -3.238  1.00 60.90 ? 718  LEU A N   1 
ATOM   1027 C CA  . LEU A 1 128 ? -18.474 6.403   -2.726  1.00 56.35 ? 718  LEU A CA  1 
ATOM   1028 C C   . LEU A 1 128 ? -17.642 7.260   -3.647  1.00 52.09 ? 718  LEU A C   1 
ATOM   1029 O O   . LEU A 1 128 ? -17.995 7.500   -4.802  1.00 61.54 ? 718  LEU A O   1 
ATOM   1030 C CB  . LEU A 1 128 ? -17.742 5.075   -2.465  1.00 54.47 ? 718  LEU A CB  1 
ATOM   1031 C CG  . LEU A 1 128 ? -18.203 3.762   -3.106  1.00 57.22 ? 718  LEU A CG  1 
ATOM   1032 C CD1 . LEU A 1 128 ? -17.080 3.163   -3.940  1.00 50.95 ? 718  LEU A CD1 1 
ATOM   1033 C CD2 . LEU A 1 128 ? -18.706 2.756   -2.032  1.00 49.82 ? 718  LEU A CD2 1 
ATOM   1034 N N   . PRO A 1 129 ? -16.537 7.754   -3.120  1.00 48.95 ? 719  PRO A N   1 
ATOM   1035 C CA  . PRO A 1 129 ? -15.722 8.626   -3.960  1.00 54.81 ? 719  PRO A CA  1 
ATOM   1036 C C   . PRO A 1 129 ? -15.485 7.961   -5.281  1.00 52.86 ? 719  PRO A C   1 
ATOM   1037 O O   . PRO A 1 129 ? -15.311 6.747   -5.315  1.00 57.36 ? 719  PRO A O   1 
ATOM   1038 C CB  . PRO A 1 129 ? -14.407 8.772   -3.165  1.00 49.89 ? 719  PRO A CB  1 
ATOM   1039 C CG  . PRO A 1 129 ? -14.549 7.844   -1.944  1.00 52.38 ? 719  PRO A CG  1 
ATOM   1040 C CD  . PRO A 1 129 ? -16.012 7.632   -1.751  1.00 55.62 ? 719  PRO A CD  1 
ATOM   1041 N N   . LYS A 1 130 ? -15.488 8.711   -6.366  1.00 55.27 ? 720  LYS A N   1 
ATOM   1042 C CA  . LYS A 1 130 ? -14.958 8.135   -7.600  1.00 63.36 ? 720  LYS A CA  1 
ATOM   1043 C C   . LYS A 1 130 ? -13.479 7.819   -7.329  1.00 61.89 ? 720  LYS A C   1 
ATOM   1044 O O   . LYS A 1 130 ? -12.951 8.145   -6.263  1.00 64.24 ? 720  LYS A O   1 
ATOM   1045 C CB  . LYS A 1 130 ? -15.175 9.058   -8.823  1.00 64.95 ? 720  LYS A CB  1 
ATOM   1046 C CG  . LYS A 1 130 ? -16.501 8.742   -9.622  1.00 74.19 ? 720  LYS A CG  1 
ATOM   1047 C CD  . LYS A 1 130 ? -17.122 9.954   -10.390 1.00 73.72 ? 720  LYS A CD  1 
ATOM   1048 C CE  . LYS A 1 130 ? -18.130 10.784  -9.543  1.00 79.88 ? 720  LYS A CE  1 
ATOM   1049 N NZ  . LYS A 1 130 ? -18.845 11.922  -10.264 1.00 70.02 ? 720  LYS A NZ  1 
ATOM   1050 N N   . CYS A 1 131 ? -12.809 7.177   -8.272  1.00 59.37 ? 721  CYS A N   1 
ATOM   1051 C CA  . CYS A 1 131 ? -11.464 6.706   -8.022  1.00 58.84 ? 721  CYS A CA  1 
ATOM   1052 C C   . CYS A 1 131 ? -10.517 7.718   -8.584  1.00 58.76 ? 721  CYS A C   1 
ATOM   1053 O O   . CYS A 1 131 ? -10.879 8.407   -9.520  1.00 60.54 ? 721  CYS A O   1 
ATOM   1054 C CB  . CYS A 1 131 ? -11.242 5.347   -8.704  1.00 61.89 ? 721  CYS A CB  1 
ATOM   1055 S SG  . CYS A 1 131 ? -11.315 3.892   -7.600  1.00 57.12 ? 721  CYS A SG  1 
ATOM   1056 N N   . VAL A 1 132 ? -9.298  7.794   -8.043  1.00 67.05 ? 722  VAL A N   1 
ATOM   1057 C CA  . VAL A 1 132 ? -8.242  8.661   -8.616  1.00 70.29 ? 722  VAL A CA  1 
ATOM   1058 C C   . VAL A 1 132 ? -6.803  8.066   -8.563  1.00 67.10 ? 722  VAL A C   1 
ATOM   1059 O O   . VAL A 1 132 ? -6.477  7.254   -7.671  1.00 70.98 ? 722  VAL A O   1 
ATOM   1060 C CB  . VAL A 1 132 ? -8.239  10.045  -7.936  1.00 60.56 ? 722  VAL A CB  1 
ATOM   1061 C CG1 . VAL A 1 132 ? -7.539  9.981   -6.595  1.00 60.32 ? 722  VAL A CG1 1 
ATOM   1062 C CG2 . VAL A 1 132 ? -7.590  11.049  -8.834  1.00 64.49 ? 722  VAL A CG2 1 
ATOM   1063 N N   . THR A 1 133 ? -5.951  8.480   -9.507  1.00 57.68 ? 723  THR A N   1 
ATOM   1064 C CA  . THR A 1 133 ? -4.586  7.966   -9.590  1.00 62.09 ? 723  THR A CA  1 
ATOM   1065 C C   . THR A 1 133 ? -3.594  8.862   -8.790  1.00 71.09 ? 723  THR A C   1 
ATOM   1066 O O   . THR A 1 133 ? -3.887  10.027  -8.524  1.00 73.96 ? 723  THR A O   1 
ATOM   1067 C CB  . THR A 1 133 ? -4.132  7.832   -11.055 1.00 63.18 ? 723  THR A CB  1 
ATOM   1068 O OG1 . THR A 1 133 ? -3.359  8.975   -11.434 1.00 75.59 ? 723  THR A OG1 1 
ATOM   1069 C CG2 . THR A 1 133 ? -5.319  7.698   -11.989 1.00 66.63 ? 723  THR A CG2 1 
ATOM   1070 N N   . PRO A 1 134 ? -2.427  8.316   -8.380  1.00 67.74 ? 724  PRO A N   1 
ATOM   1071 C CA  . PRO A 1 134 ? -1.453  8.994   -7.493  1.00 69.18 ? 724  PRO A CA  1 
ATOM   1072 C C   . PRO A 1 134 ? -0.914  10.429  -7.821  1.00 73.14 ? 724  PRO A C   1 
ATOM   1073 O O   . PRO A 1 134 ? -0.798  11.213  -6.857  1.00 73.39 ? 724  PRO A O   1 
ATOM   1074 C CB  . PRO A 1 134 ? -0.304  7.974   -7.415  1.00 63.08 ? 724  PRO A CB  1 
ATOM   1075 C CG  . PRO A 1 134 ? -0.992  6.665   -7.509  1.00 57.10 ? 724  PRO A CG  1 
ATOM   1076 C CD  . PRO A 1 134 ? -2.110  6.876   -8.506  1.00 67.75 ? 724  PRO A CD  1 
ATOM   1077 N N   . ASP A 1 135 ? -0.575  10.780  -9.069  1.00 74.76 ? 725  ASP A N   1 
ATOM   1078 C CA  . ASP A 1 135 ? -0.123  12.172  -9.345  1.00 82.62 ? 725  ASP A CA  1 
ATOM   1079 C C   . ASP A 1 135 ? -1.249  13.081  -9.884  1.00 78.61 ? 725  ASP A C   1 
ATOM   1080 O O   . ASP A 1 135 ? -1.207  14.316  -9.784  1.00 74.78 ? 725  ASP A O   1 
ATOM   1081 C CB  . ASP A 1 135 ? 1.117   12.223  -10.250 1.00 83.96 ? 725  ASP A CB  1 
ATOM   1082 C CG  . ASP A 1 135 ? 2.110   13.285  -9.793  1.00 84.54 ? 725  ASP A CG  1 
ATOM   1083 O OD1 . ASP A 1 135 ? 1.798   14.495  -9.968  1.00 81.05 ? 725  ASP A OD1 1 
ATOM   1084 O OD2 . ASP A 1 135 ? 3.174   12.910  -9.234  1.00 84.36 ? 725  ASP A OD2 1 
ATOM   1085 N N   . ASP A 1 136 ? -2.247  12.431  -10.459 1.00 77.57 ? 726  ASP A N   1 
ATOM   1086 C CA  . ASP A 1 136 ? -3.579  12.986  -10.583 1.00 76.22 ? 726  ASP A CA  1 
ATOM   1087 C C   . ASP A 1 136 ? -3.987  13.554  -9.202  1.00 78.08 ? 726  ASP A C   1 
ATOM   1088 O O   . ASP A 1 136 ? -4.642  14.592  -9.118  1.00 82.11 ? 726  ASP A O   1 
ATOM   1089 C CB  . ASP A 1 136 ? -4.490  11.838  -11.067 1.00 78.79 ? 726  ASP A CB  1 
ATOM   1090 C CG  . ASP A 1 136 ? -5.940  12.241  -11.251 1.00 79.25 ? 726  ASP A CG  1 
ATOM   1091 O OD1 . ASP A 1 136 ? -6.217  13.454  -11.324 1.00 80.70 ? 726  ASP A OD1 1 
ATOM   1092 O OD2 . ASP A 1 136 ? -6.794  11.318  -11.337 1.00 70.47 ? 726  ASP A OD2 1 
ATOM   1093 N N   . ALA A 1 137 ? -3.549  12.891  -8.126  1.00 75.45 ? 727  ALA A N   1 
ATOM   1094 C CA  . ALA A 1 137 ? -3.892  13.262  -6.747  1.00 73.62 ? 727  ALA A CA  1 
ATOM   1095 C C   . ALA A 1 137 ? -3.011  14.389  -6.221  1.00 78.02 ? 727  ALA A C   1 
ATOM   1096 O O   . ALA A 1 137 ? -3.376  15.124  -5.307  1.00 77.58 ? 727  ALA A O   1 
ATOM   1097 C CB  . ALA A 1 137 ? -3.766  12.046  -5.835  1.00 67.34 ? 727  ALA A CB  1 
ATOM   1098 N N   . CYS A 1 138 ? -1.825  14.497  -6.790  1.00 80.30 ? 728  CYS A N   1 
ATOM   1099 C CA  . CYS A 1 138 ? -0.999  15.670  -6.592  1.00 79.53 ? 728  CYS A CA  1 
ATOM   1100 C C   . CYS A 1 138 ? -1.603  16.824  -7.441  1.00 80.86 ? 728  CYS A C   1 
ATOM   1101 O O   . CYS A 1 138 ? -1.433  18.003  -7.116  1.00 80.24 ? 728  CYS A O   1 
ATOM   1102 C CB  . CYS A 1 138 ? 0.461   15.343  -6.989  1.00 82.51 ? 728  CYS A CB  1 
ATOM   1103 S SG  . CYS A 1 138 ? 1.243   13.817  -6.218  1.00 67.18 ? 728  CYS A SG  1 
ATOM   1104 N N   . THR A 1 139 ? -2.329  16.443  -8.507  1.00 85.86 ? 729  THR A N   1 
ATOM   1105 C CA  . THR A 1 139 ? -3.016  17.342  -9.485  1.00 82.06 ? 729  THR A CA  1 
ATOM   1106 C C   . THR A 1 139 ? -2.024  18.082  -10.392 1.00 76.27 ? 729  THR A C   1 
ATOM   1107 O O   . THR A 1 139 ? -1.709  17.620  -11.503 1.00 76.78 ? 729  THR A O   1 
ATOM   1108 C CB  . THR A 1 139 ? -4.038  18.367  -8.839  1.00 82.99 ? 729  THR A CB  1 
ATOM   1109 O OG1 . THR A 1 139 ? -5.053  17.678  -8.090  1.00 84.95 ? 729  THR A OG1 1 
ATOM   1110 C CG2 . THR A 1 139 ? -4.754  19.219  -9.931  1.00 79.73 ? 729  THR A CG2 1 
ATOM   1111 N N   . THR A 1 155 ? -14.261 5.722   6.388   1.00 52.58 ? 745  THR A N   1 
ATOM   1112 C CA  . THR A 1 155 ? -15.431 4.823   6.320   1.00 53.92 ? 745  THR A CA  1 
ATOM   1113 C C   . THR A 1 155 ? -15.302 3.789   5.181   1.00 42.71 ? 745  THR A C   1 
ATOM   1114 O O   . THR A 1 155 ? -15.609 2.594   5.312   1.00 41.89 ? 745  THR A O   1 
ATOM   1115 C CB  . THR A 1 155 ? -16.697 5.643   6.140   1.00 47.82 ? 745  THR A CB  1 
ATOM   1116 N N   . PHE A 1 156 ? -14.890 4.299   4.044   1.00 36.99 ? 746  PHE A N   1 
ATOM   1117 C CA  . PHE A 1 156 ? -14.456 3.479   2.953   1.00 40.25 ? 746  PHE A CA  1 
ATOM   1118 C C   . PHE A 1 156 ? -12.939 3.286   3.002   1.00 40.77 ? 746  PHE A C   1 
ATOM   1119 O O   . PHE A 1 156 ? -12.252 3.278   1.974   1.00 40.39 ? 746  PHE A O   1 
ATOM   1120 C CB  . PHE A 1 156 ? -14.888 4.162   1.672   1.00 42.66 ? 746  PHE A CB  1 
ATOM   1121 C CG  . PHE A 1 156 ? -16.361 4.475   1.636   1.00 51.22 ? 746  PHE A CG  1 
ATOM   1122 C CD1 . PHE A 1 156 ? -17.299 3.450   1.686   1.00 44.12 ? 746  PHE A CD1 1 
ATOM   1123 C CD2 . PHE A 1 156 ? -16.806 5.781   1.535   1.00 51.08 ? 746  PHE A CD2 1 
ATOM   1124 C CE1 . PHE A 1 156 ? -18.649 3.731   1.652   1.00 44.61 ? 746  PHE A CE1 1 
ATOM   1125 C CE2 . PHE A 1 156 ? -18.156 6.065   1.493   1.00 52.19 ? 746  PHE A CE2 1 
ATOM   1126 C CZ  . PHE A 1 156 ? -19.076 5.044   1.550   1.00 48.04 ? 746  PHE A CZ  1 
ATOM   1127 N N   . THR A 1 157 ? -12.422 3.112   4.213   1.00 39.90 ? 747  THR A N   1 
ATOM   1128 C CA  . THR A 1 157 ? -10.987 3.158   4.431   1.00 43.16 ? 747  THR A CA  1 
ATOM   1129 C C   . THR A 1 157 ? -10.550 2.000   5.293   1.00 39.53 ? 747  THR A C   1 
ATOM   1130 O O   . THR A 1 157 ? -11.235 1.653   6.260   1.00 39.66 ? 747  THR A O   1 
ATOM   1131 C CB  . THR A 1 157 ? -10.631 4.441   5.118   1.00 50.83 ? 747  THR A CB  1 
ATOM   1132 O OG1 . THR A 1 157 ? -11.096 4.363   6.470   1.00 60.36 ? 747  THR A OG1 1 
ATOM   1133 C CG2 . THR A 1 157 ? -11.310 5.672   4.387   1.00 50.38 ? 747  THR A CG2 1 
ATOM   1134 N N   . LYS A 1 158 ? -9.409  1.410   4.929   1.00 36.01 ? 748  LYS A N   1 
ATOM   1135 C CA  . LYS A 1 158 ? -8.909  0.166   5.551   1.00 42.32 ? 748  LYS A CA  1 
ATOM   1136 C C   . LYS A 1 158 ? -7.433  0.232   5.948   1.00 40.11 ? 748  LYS A C   1 
ATOM   1137 O O   . LYS A 1 158 ? -6.568  0.352   5.082   1.00 37.60 ? 748  LYS A O   1 
ATOM   1138 C CB  . LYS A 1 158 ? -9.044  -1.006  4.565   1.00 42.82 ? 748  LYS A CB  1 
ATOM   1139 C CG  . LYS A 1 158 ? -8.463  -2.317  5.070   1.00 43.16 ? 748  LYS A CG  1 
ATOM   1140 C CD  . LYS A 1 158 ? -9.283  -2.838  6.251   1.00 43.85 ? 748  LYS A CD  1 
ATOM   1141 C CE  . LYS A 1 158 ? -8.659  -4.009  6.962   1.00 42.57 ? 748  LYS A CE  1 
ATOM   1142 N NZ  . LYS A 1 158 ? -9.424  -4.168  8.221   1.00 48.02 ? 748  LYS A NZ  1 
ATOM   1143 N N   . PRO A 1 159 ? -7.139  0.128   7.256   1.00 46.40 ? 749  PRO A N   1 
ATOM   1144 C CA  . PRO A 1 159 ? -5.747  0.127   7.730   1.00 44.11 ? 749  PRO A CA  1 
ATOM   1145 C C   . PRO A 1 159 ? -5.111  -1.256  7.762   1.00 40.93 ? 749  PRO A C   1 
ATOM   1146 O O   . PRO A 1 159 ? -5.714  -2.203  8.267   1.00 46.60 ? 749  PRO A O   1 
ATOM   1147 C CB  . PRO A 1 159 ? -5.863  0.699   9.140   1.00 37.75 ? 749  PRO A CB  1 
ATOM   1148 C CG  . PRO A 1 159 ? -7.224  0.281   9.579   1.00 47.34 ? 749  PRO A CG  1 
ATOM   1149 C CD  . PRO A 1 159 ? -8.098  0.309   8.366   1.00 41.87 ? 749  PRO A CD  1 
ATOM   1150 N N   . LEU A 1 160 ? -3.901  -1.334  7.211   1.00 39.88 ? 750  LEU A N   1 
ATOM   1151 C CA  . LEU A 1 160 ? -3.085  -2.547  7.123   1.00 40.29 ? 750  LEU A CA  1 
ATOM   1152 C C   . LEU A 1 160 ? -1.658  -2.233  7.622   1.00 42.21 ? 750  LEU A C   1 
ATOM   1153 O O   . LEU A 1 160 ? -1.174  -1.134  7.394   1.00 41.58 ? 750  LEU A O   1 
ATOM   1154 C CB  . LEU A 1 160 ? -3.001  -3.013  5.659   1.00 40.71 ? 750  LEU A CB  1 
ATOM   1155 C CG  . LEU A 1 160 ? -4.261  -3.278  4.820   1.00 38.78 ? 750  LEU A CG  1 
ATOM   1156 C CD1 . LEU A 1 160 ? -3.899  -3.763  3.424   1.00 42.59 ? 750  LEU A CD1 1 
ATOM   1157 C CD2 . LEU A 1 160 ? -5.179  -4.306  5.463   1.00 41.11 ? 750  LEU A CD2 1 
ATOM   1158 N N   . ALA A 1 161 ? -0.992  -3.177  8.288   1.00 44.54 ? 751  ALA A N   1 
ATOM   1159 C CA  . ALA A 1 161 ? 0.396   -2.977  8.775   1.00 38.05 ? 751  ALA A CA  1 
ATOM   1160 C C   . ALA A 1 161 ? 1.257   -4.200  8.493   1.00 41.99 ? 751  ALA A C   1 
ATOM   1161 O O   . ALA A 1 161 ? 0.830   -5.325  8.710   1.00 35.81 ? 751  ALA A O   1 
ATOM   1162 C CB  . ALA A 1 161 ? 0.426   -2.658  10.295  1.00 30.89 ? 751  ALA A CB  1 
ATOM   1163 N N   . VAL A 1 162 ? 2.469   -3.973  7.999   1.00 37.81 ? 752  VAL A N   1 
ATOM   1164 C CA  . VAL A 1 162 ? 3.457   -5.030  7.889   1.00 36.43 ? 752  VAL A CA  1 
ATOM   1165 C C   . VAL A 1 162 ? 4.697   -4.697  8.729   1.00 36.71 ? 752  VAL A C   1 
ATOM   1166 O O   . VAL A 1 162 ? 5.006   -3.541  8.956   1.00 40.18 ? 752  VAL A O   1 
ATOM   1167 C CB  . VAL A 1 162 ? 3.837   -5.282  6.415   1.00 39.51 ? 752  VAL A CB  1 
ATOM   1168 C CG1 . VAL A 1 162 ? 2.607   -5.708  5.632   1.00 30.90 ? 752  VAL A CG1 1 
ATOM   1169 C CG2 . VAL A 1 162 ? 4.480   -4.048  5.801   1.00 40.90 ? 752  VAL A CG2 1 
ATOM   1170 N N   . VAL A 1 163 ? 5.423   -5.709  9.174   1.00 35.93 ? 753  VAL A N   1 
ATOM   1171 C CA  . VAL A 1 163 ? 6.563   -5.482  10.065  1.00 35.27 ? 753  VAL A CA  1 
ATOM   1172 C C   . VAL A 1 163 ? 7.888   -5.442  9.328   1.00 36.30 ? 753  VAL A C   1 
ATOM   1173 O O   . VAL A 1 163 ? 8.069   -6.153  8.353   1.00 38.52 ? 753  VAL A O   1 
ATOM   1174 C CB  . VAL A 1 163 ? 6.664   -6.542  11.135  1.00 35.44 ? 753  VAL A CB  1 
ATOM   1175 C CG1 . VAL A 1 163 ? 7.255   -5.949  12.370  1.00 36.52 ? 753  VAL A CG1 1 
ATOM   1176 C CG2 . VAL A 1 163 ? 5.306   -7.058  11.456  1.00 37.50 ? 753  VAL A CG2 1 
ATOM   1177 N N   . LEU A 1 164 ? 8.787   -4.568  9.795   1.00 35.55 ? 754  LEU A N   1 
ATOM   1178 C CA  . LEU A 1 164 ? 10.106  -4.371  9.196   1.00 35.86 ? 754  LEU A CA  1 
ATOM   1179 C C   . LEU A 1 164 ? 11.205  -4.596  10.229  1.00 40.08 ? 754  LEU A C   1 
ATOM   1180 O O   . LEU A 1 164 ? 10.999  -4.335  11.422  1.00 35.74 ? 754  LEU A O   1 
ATOM   1181 C CB  . LEU A 1 164 ? 10.244  -2.962  8.668   1.00 35.40 ? 754  LEU A CB  1 
ATOM   1182 C CG  . LEU A 1 164 ? 9.162   -2.472  7.748   1.00 29.48 ? 754  LEU A CG  1 
ATOM   1183 C CD1 . LEU A 1 164 ? 9.553   -1.103  7.225   1.00 25.64 ? 754  LEU A CD1 1 
ATOM   1184 C CD2 . LEU A 1 164 ? 9.031   -3.476  6.645   1.00 30.06 ? 754  LEU A CD2 1 
ATOM   1185 N N   . GLN A 1 165 ? 12.363  -5.091  9.773   1.00 39.85 ? 755  GLN A N   1 
ATOM   1186 C CA  . GLN A 1 165 ? 13.527  -5.261  10.667  1.00 41.03 ? 755  GLN A CA  1 
ATOM   1187 C C   . GLN A 1 165 ? 14.772  -4.677  10.072  1.00 41.48 ? 755  GLN A C   1 
ATOM   1188 O O   . GLN A 1 165 ? 15.286  -5.146  9.053   1.00 39.39 ? 755  GLN A O   1 
ATOM   1189 C CB  . GLN A 1 165 ? 13.829  -6.711  11.023  1.00 42.20 ? 755  GLN A CB  1 
ATOM   1190 C CG  . GLN A 1 165 ? 15.034  -6.835  11.990  1.00 48.35 ? 755  GLN A CG  1 
ATOM   1191 C CD  . GLN A 1 165 ? 15.483  -8.272  12.250  1.00 48.48 ? 755  GLN A CD  1 
ATOM   1192 O OE1 . GLN A 1 165 ? 14.801  -9.219  11.875  1.00 48.36 ? 755  GLN A OE1 1 
ATOM   1193 N NE2 . GLN A 1 165 ? 16.633  -8.427  12.890  1.00 50.29 ? 755  GLN A NE2 1 
ATOM   1194 N N   . VAL A 1 166 ? 15.261  -3.667  10.778  1.00 40.97 ? 756  VAL A N   1 
ATOM   1195 C CA  . VAL A 1 166 ? 16.400  -2.883  10.384  1.00 36.73 ? 756  VAL A CA  1 
ATOM   1196 C C   . VAL A 1 166 ? 17.663  -3.648  10.741  1.00 42.84 ? 756  VAL A C   1 
ATOM   1197 O O   . VAL A 1 166 ? 17.794  -4.197  11.844  1.00 42.08 ? 756  VAL A O   1 
ATOM   1198 C CB  . VAL A 1 166 ? 16.368  -1.515  11.105  1.00 31.35 ? 756  VAL A CB  1 
ATOM   1199 C CG1 . VAL A 1 166 ? 17.341  -0.599  10.503  1.00 31.23 ? 756  VAL A CG1 1 
ATOM   1200 C CG2 . VAL A 1 166 ? 15.004  -0.902  10.994  1.00 32.94 ? 756  VAL A CG2 1 
ATOM   1201 N N   . ASP A 1 167 ? 18.544  -3.765  9.759   1.00 42.93 ? 757  ASP A N   1 
ATOM   1202 C CA  . ASP A 1 167 ? 19.945  -4.045  10.009  1.00 51.76 ? 757  ASP A CA  1 
ATOM   1203 C C   . ASP A 1 167 ? 20.729  -3.425  8.871   1.00 56.42 ? 757  ASP A C   1 
ATOM   1204 O O   . ASP A 1 167 ? 20.232  -2.484  8.242   1.00 54.35 ? 757  ASP A O   1 
ATOM   1205 C CB  . ASP A 1 167 ? 20.228  -5.539  10.148  1.00 57.22 ? 757  ASP A CB  1 
ATOM   1206 C CG  . ASP A 1 167 ? 19.337  -6.394  9.276   1.00 55.42 ? 757  ASP A CG  1 
ATOM   1207 O OD1 . ASP A 1 167 ? 19.266  -6.150  8.042   1.00 49.92 ? 757  ASP A OD1 1 
ATOM   1208 O OD2 . ASP A 1 167 ? 18.735  -7.334  9.842   1.00 56.98 ? 757  ASP A OD2 1 
HETATM 1209 O O   . HOH B 2 .   ? 10.368  -10.838 -5.805  1.00 40.17 ? 2001 HOH A O   1 
HETATM 1210 O O   . HOH B 2 .   ? -9.001  0.757   -8.899  1.00 48.18 ? 2002 HOH A O   1 
HETATM 1211 O O   . HOH B 2 .   ? 3.740   14.143  8.701   1.00 57.35 ? 2003 HOH A O   1 
HETATM 1212 O O   . HOH B 2 .   ? 12.443  6.508   2.658   1.00 36.92 ? 2004 HOH A O   1 
HETATM 1213 O O   . HOH B 2 .   ? 11.715  3.770   -5.267  1.00 43.04 ? 2005 HOH A O   1 
HETATM 1214 O O   . HOH B 2 .   ? 0.027   -0.146  -8.993  1.00 42.95 ? 2006 HOH A O   1 
HETATM 1215 O O   . HOH B 2 .   ? 15.207  2.766   12.452  1.00 36.65 ? 2007 HOH A O   1 
HETATM 1216 O O   . HOH B 2 .   ? 12.547  -2.507  18.236  1.00 40.23 ? 2008 HOH A O   1 
HETATM 1217 O O   . HOH B 2 .   ? -1.149  9.683   -11.296 1.00 66.50 ? 2009 HOH A O   1 
# 
